data_4KRM
#
_entry.id   4KRM
#
_cell.length_a   78.702
_cell.length_b   147.245
_cell.length_c   254.799
_cell.angle_alpha   90.00
_cell.angle_beta   90.00
_cell.angle_gamma   90.00
#
_symmetry.space_group_name_H-M   'P 21 21 21'
#
loop_
_entity.id
_entity.type
_entity.pdbx_description
1 polymer 'Epidermal growth factor receptor'
2 polymer 'Nanobody/VHH domain 7D12'
3 branched alpha-D-mannopyranose-(1-3)-beta-D-mannopyranose-(1-4)-2-acetamido-2-deoxy-beta-D-glucopyranose-(1-4)-2-acetamido-2-deoxy-beta-D-glucopyranose
4 branched 2-acetamido-2-deoxy-beta-D-glucopyranose-(1-4)-2-acetamido-2-deoxy-beta-D-glucopyranose
5 non-polymer 2-acetamido-2-deoxy-beta-D-glucopyranose
6 water water
#
loop_
_entity_poly.entity_id
_entity_poly.type
_entity_poly.pdbx_seq_one_letter_code
_entity_poly.pdbx_strand_id
1 'polypeptide(L)'
;LEEKKVCNGIGIGEFKDSLSINATNIKHFKNCTSISGDLHILPVAFRGDSFTHTPPLDPQELDILKTVKEITGFLLIQAW
PENRTDLHAFENLEIIRGRTKQHGQFSLAVVSLNITSLGLRSLKEISDGDVIISGNKNLCYANTINWKKLFGTSGQKTKI
ISNRGENSCKATGQVCHALCSPEGCWGPEPRDCVSCRNVSRGRECVDKHHHHHH
;
A,C,E,G,I,K
2 'polypeptide(L)'
;QVKLEESGGGSVQTGGSLRLTCAASGRTSRSYGMGWFRQAPGKEREFVSGISWRGDSTGYADSVKGRFTISRDNAKNTVD
LQMNSLKPEDTAIYYCAAAAGSAWYGTLYEYDYWGQGTQVTVSSALEHHHHHH
;
B,D,F,H,J,L
#
loop_
_chem_comp.id
_chem_comp.type
_chem_comp.name
_chem_comp.formula
BMA D-saccharide, beta linking beta-D-mannopyranose 'C6 H12 O6'
MAN D-saccharide, alpha linking alpha-D-mannopyranose 'C6 H12 O6'
NAG D-saccharide, beta linking 2-acetamido-2-deoxy-beta-D-glucopyranose 'C8 H15 N O6'
#
# COMPACT_ATOMS: atom_id res chain seq x y z
N LEU A 1 70.54 -9.98 -17.15
CA LEU A 1 69.77 -10.34 -15.98
C LEU A 1 68.38 -10.83 -16.37
N GLU A 2 68.14 -12.13 -16.20
CA GLU A 2 66.83 -12.71 -16.51
C GLU A 2 65.90 -12.65 -15.30
N GLU A 3 64.72 -12.05 -15.47
CA GLU A 3 63.72 -11.98 -14.42
C GLU A 3 62.49 -12.82 -14.78
N LYS A 4 61.90 -13.42 -13.77
CA LYS A 4 60.67 -14.18 -13.94
C LYS A 4 59.63 -13.73 -12.93
N LYS A 5 58.43 -13.45 -13.41
CA LYS A 5 57.33 -13.05 -12.54
C LYS A 5 56.16 -14.00 -12.65
N VAL A 6 55.76 -14.57 -11.51
CA VAL A 6 54.61 -15.47 -11.45
C VAL A 6 53.33 -14.70 -11.10
N CYS A 7 52.26 -15.03 -11.79
CA CYS A 7 50.97 -14.38 -11.60
C CYS A 7 49.89 -15.43 -11.56
N ASN A 8 48.80 -15.12 -10.87
CA ASN A 8 47.66 -16.01 -10.79
C ASN A 8 46.89 -16.08 -12.09
N GLY A 9 46.37 -17.27 -12.39
CA GLY A 9 45.57 -17.47 -13.58
C GLY A 9 44.12 -17.06 -13.32
N ILE A 10 43.34 -17.03 -14.38
CA ILE A 10 41.91 -16.78 -14.28
C ILE A 10 41.26 -17.91 -13.47
N GLY A 11 40.47 -17.54 -12.46
CA GLY A 11 39.80 -18.49 -11.61
C GLY A 11 40.47 -18.66 -10.26
N ILE A 12 41.72 -18.20 -10.15
CA ILE A 12 42.52 -18.36 -8.94
C ILE A 12 42.81 -17.03 -8.24
N GLY A 13 42.75 -17.04 -6.91
CA GLY A 13 43.14 -15.90 -6.10
C GLY A 13 42.55 -14.58 -6.55
N GLU A 14 43.42 -13.68 -7.03
CA GLU A 14 43.03 -12.35 -7.47
C GLU A 14 41.91 -12.35 -8.52
N PHE A 15 41.77 -13.49 -9.21
CA PHE A 15 40.77 -13.65 -10.24
C PHE A 15 39.87 -14.84 -9.90
N LYS A 16 39.47 -14.93 -8.64
CA LYS A 16 38.76 -16.11 -8.13
C LYS A 16 37.48 -16.38 -8.91
N ASP A 17 36.73 -15.30 -9.17
CA ASP A 17 35.39 -15.42 -9.74
C ASP A 17 35.30 -14.74 -11.10
N SER A 18 36.42 -14.71 -11.82
CA SER A 18 36.45 -14.15 -13.16
C SER A 18 36.19 -15.22 -14.20
N LEU A 19 35.49 -14.86 -15.27
CA LEU A 19 35.14 -15.79 -16.33
C LEU A 19 36.20 -15.78 -17.41
N SER A 20 36.79 -14.61 -17.62
CA SER A 20 37.74 -14.42 -18.70
C SER A 20 38.72 -13.32 -18.35
N ILE A 21 39.80 -13.24 -19.11
CA ILE A 21 40.63 -12.06 -19.08
C ILE A 21 39.72 -10.94 -19.57
N ASN A 22 39.70 -9.82 -18.85
CA ASN A 22 38.84 -8.70 -19.22
C ASN A 22 39.50 -7.35 -18.93
N ALA A 23 38.81 -6.28 -19.34
CA ALA A 23 39.32 -4.92 -19.24
C ALA A 23 39.78 -4.60 -17.82
N THR A 24 39.00 -5.04 -16.84
CA THR A 24 39.29 -4.72 -15.45
C THR A 24 40.53 -5.44 -14.92
N ASN A 25 40.69 -6.72 -15.27
CA ASN A 25 41.75 -7.56 -14.69
C ASN A 25 43.05 -7.65 -15.50
N ILE A 26 43.02 -7.24 -16.77
CA ILE A 26 44.15 -7.51 -17.65
C ILE A 26 45.39 -6.70 -17.30
N LYS A 27 45.22 -5.55 -16.67
CA LYS A 27 46.36 -4.71 -16.27
C LYS A 27 47.23 -5.47 -15.27
N HIS A 28 46.58 -6.31 -14.46
CA HIS A 28 47.27 -7.05 -13.41
C HIS A 28 48.16 -8.17 -13.97
N PHE A 29 48.20 -8.32 -15.30
CA PHE A 29 49.06 -9.34 -15.93
C PHE A 29 50.35 -8.73 -16.44
N LYS A 30 50.55 -7.44 -16.18
CA LYS A 30 51.73 -6.75 -16.68
C LYS A 30 53.03 -7.35 -16.13
N ASN A 31 53.99 -7.57 -17.03
CA ASN A 31 55.31 -8.12 -16.69
C ASN A 31 55.27 -9.57 -16.23
N CYS A 32 54.11 -10.21 -16.30
CA CYS A 32 54.00 -11.63 -15.95
C CYS A 32 54.70 -12.49 -16.99
N THR A 33 55.44 -13.50 -16.52
CA THR A 33 56.12 -14.44 -17.42
C THR A 33 55.58 -15.84 -17.26
N SER A 34 55.06 -16.15 -16.08
CA SER A 34 54.53 -17.47 -15.79
C SER A 34 53.16 -17.34 -15.14
N ILE A 35 52.17 -18.01 -15.72
CA ILE A 35 50.82 -18.01 -15.16
C ILE A 35 50.63 -19.27 -14.33
N SER A 36 50.45 -19.09 -13.03
CA SER A 36 50.11 -20.23 -12.17
C SER A 36 48.60 -20.37 -12.17
N GLY A 37 48.09 -21.13 -13.13
CA GLY A 37 46.66 -21.31 -13.30
C GLY A 37 46.35 -21.45 -14.78
N ASP A 38 45.14 -21.03 -15.17
CA ASP A 38 44.71 -21.11 -16.56
C ASP A 38 44.47 -19.72 -17.10
N LEU A 39 44.39 -19.60 -18.43
CA LEU A 39 43.93 -18.38 -19.07
C LEU A 39 42.70 -18.69 -19.92
N HIS A 40 41.57 -18.07 -19.60
CA HIS A 40 40.37 -18.12 -20.43
C HIS A 40 40.24 -16.78 -21.14
N ILE A 41 40.02 -16.81 -22.45
CA ILE A 41 39.67 -15.60 -23.18
C ILE A 41 38.35 -15.86 -23.90
N LEU A 42 37.31 -15.20 -23.43
CA LEU A 42 35.94 -15.48 -23.88
C LEU A 42 35.30 -14.29 -24.58
N PRO A 43 34.21 -14.53 -25.32
CA PRO A 43 33.47 -13.44 -25.97
C PRO A 43 33.06 -12.34 -25.00
N VAL A 44 32.83 -12.67 -23.73
CA VAL A 44 32.38 -11.67 -22.74
C VAL A 44 33.37 -10.52 -22.68
N ALA A 45 34.65 -10.88 -22.74
CA ALA A 45 35.72 -9.92 -22.63
C ALA A 45 35.51 -8.74 -23.57
N PHE A 46 34.99 -9.02 -24.76
CA PHE A 46 35.00 -8.04 -25.84
C PHE A 46 33.74 -7.19 -25.93
N ARG A 47 32.61 -7.72 -25.47
CA ARG A 47 31.36 -6.97 -25.51
C ARG A 47 31.09 -6.27 -24.18
N GLY A 48 31.87 -6.61 -23.16
CA GLY A 48 31.68 -6.05 -21.83
C GLY A 48 30.61 -6.80 -21.07
N ASP A 49 30.50 -6.52 -19.78
CA ASP A 49 29.54 -7.21 -18.93
C ASP A 49 29.09 -6.33 -17.76
N SER A 50 27.94 -5.68 -17.92
CA SER A 50 27.45 -4.72 -16.94
C SER A 50 27.17 -5.38 -15.60
N PHE A 51 26.81 -6.66 -15.65
CA PHE A 51 26.48 -7.40 -14.43
C PHE A 51 27.64 -7.43 -13.43
N THR A 52 28.86 -7.34 -13.96
CA THR A 52 30.07 -7.32 -13.14
C THR A 52 30.77 -5.97 -13.30
N HIS A 53 30.06 -5.00 -13.87
CA HIS A 53 30.60 -3.66 -14.05
C HIS A 53 31.92 -3.74 -14.81
N THR A 54 31.96 -4.64 -15.78
CA THR A 54 33.16 -4.86 -16.55
C THR A 54 32.97 -4.26 -17.93
N PRO A 55 33.76 -3.22 -18.26
CA PRO A 55 33.64 -2.64 -19.61
C PRO A 55 34.31 -3.51 -20.67
N PRO A 56 34.01 -3.26 -21.95
CA PRO A 56 34.62 -4.04 -23.04
C PRO A 56 36.13 -3.91 -23.07
N LEU A 57 36.80 -5.00 -23.42
CA LEU A 57 38.26 -5.06 -23.46
C LEU A 57 38.81 -4.40 -24.73
N ASP A 58 39.72 -3.45 -24.57
CA ASP A 58 40.43 -2.87 -25.70
C ASP A 58 41.40 -3.93 -26.23
N PRO A 59 41.21 -4.39 -27.49
CA PRO A 59 42.08 -5.42 -28.09
C PRO A 59 43.58 -5.15 -28.02
N GLN A 60 43.99 -3.89 -28.06
CA GLN A 60 45.42 -3.56 -28.07
C GLN A 60 46.10 -4.04 -26.79
N GLU A 61 45.32 -4.13 -25.71
CA GLU A 61 45.89 -4.45 -24.40
C GLU A 61 46.17 -5.93 -24.23
N LEU A 62 45.78 -6.74 -25.20
CA LEU A 62 46.12 -8.16 -25.19
C LEU A 62 47.63 -8.32 -25.28
N ASP A 63 48.30 -7.32 -25.85
CA ASP A 63 49.75 -7.37 -26.04
C ASP A 63 50.51 -7.37 -24.71
N ILE A 64 49.78 -7.19 -23.61
CA ILE A 64 50.35 -7.35 -22.28
C ILE A 64 50.86 -8.78 -22.12
N LEU A 65 50.19 -9.72 -22.76
CA LEU A 65 50.49 -11.13 -22.57
C LEU A 65 51.80 -11.54 -23.27
N LYS A 66 52.37 -10.64 -24.08
CA LYS A 66 53.59 -10.94 -24.84
C LYS A 66 54.77 -11.37 -23.96
N THR A 67 54.66 -11.14 -22.66
CA THR A 67 55.75 -11.47 -21.74
C THR A 67 55.56 -12.84 -21.10
N VAL A 68 54.39 -13.45 -21.33
CA VAL A 68 54.09 -14.77 -20.79
C VAL A 68 54.83 -15.85 -21.58
N LYS A 69 55.65 -16.62 -20.87
CA LYS A 69 56.42 -17.71 -21.46
C LYS A 69 55.89 -19.09 -21.04
N GLU A 70 55.17 -19.12 -19.93
CA GLU A 70 54.76 -20.38 -19.32
C GLU A 70 53.34 -20.29 -18.79
N ILE A 71 52.61 -21.39 -18.92
CA ILE A 71 51.27 -21.52 -18.34
C ILE A 71 51.17 -22.91 -17.73
N THR A 72 50.96 -22.96 -16.41
CA THR A 72 50.95 -24.25 -15.71
C THR A 72 49.69 -25.03 -16.03
N GLY A 73 48.62 -24.30 -16.30
CA GLY A 73 47.33 -24.89 -16.58
C GLY A 73 47.07 -24.98 -18.07
N PHE A 74 45.89 -24.53 -18.50
CA PHE A 74 45.53 -24.61 -19.91
C PHE A 74 45.29 -23.22 -20.50
N LEU A 75 45.34 -23.14 -21.82
CA LEU A 75 45.04 -21.90 -22.54
C LEU A 75 43.78 -22.12 -23.38
N LEU A 76 42.74 -21.34 -23.06
CA LEU A 76 41.46 -21.41 -23.76
C LEU A 76 41.19 -20.08 -24.43
N ILE A 77 41.17 -20.09 -25.75
CA ILE A 77 40.86 -18.89 -26.52
C ILE A 77 39.63 -19.16 -27.38
N GLN A 78 38.53 -18.52 -27.01
CA GLN A 78 37.24 -18.77 -27.62
C GLN A 78 36.71 -17.51 -28.30
N ALA A 79 37.50 -16.44 -28.21
CA ALA A 79 37.17 -15.18 -28.85
C ALA A 79 38.46 -14.42 -29.07
N TRP A 80 38.50 -13.64 -30.14
CA TRP A 80 39.70 -12.93 -30.52
C TRP A 80 39.29 -11.85 -31.50
N PRO A 81 39.94 -10.68 -31.45
CA PRO A 81 39.54 -9.59 -32.36
C PRO A 81 39.77 -9.97 -33.81
N GLU A 82 38.82 -9.61 -34.68
CA GLU A 82 38.87 -9.98 -36.09
C GLU A 82 40.12 -9.49 -36.80
N ASN A 83 40.53 -8.25 -36.53
CA ASN A 83 41.60 -7.61 -37.28
C ASN A 83 42.99 -8.17 -36.95
N ARG A 84 43.05 -9.15 -36.04
CA ARG A 84 44.29 -9.87 -35.76
C ARG A 84 44.35 -11.20 -36.48
N THR A 85 45.38 -11.36 -37.31
CA THR A 85 45.52 -12.53 -38.15
C THR A 85 46.05 -13.72 -37.36
N ASP A 86 46.69 -13.44 -36.23
CA ASP A 86 47.30 -14.51 -35.43
C ASP A 86 47.19 -14.25 -33.93
N LEU A 87 47.85 -15.08 -33.14
CA LEU A 87 47.85 -14.94 -31.69
C LEU A 87 49.20 -14.40 -31.22
N HIS A 88 49.70 -13.36 -31.89
CA HIS A 88 51.03 -12.84 -31.58
C HIS A 88 51.15 -12.34 -30.15
N ALA A 89 50.01 -12.12 -29.48
CA ALA A 89 50.03 -11.78 -28.06
C ALA A 89 50.70 -12.91 -27.27
N PHE A 90 50.65 -14.12 -27.83
CA PHE A 90 51.30 -15.28 -27.23
C PHE A 90 52.51 -15.73 -28.05
N GLU A 91 53.16 -14.80 -28.74
CA GLU A 91 54.27 -15.15 -29.62
C GLU A 91 55.51 -15.62 -28.85
N ASN A 92 55.50 -15.49 -27.53
CA ASN A 92 56.64 -15.87 -26.70
C ASN A 92 56.31 -17.00 -25.75
N LEU A 93 55.09 -17.52 -25.84
CA LEU A 93 54.69 -18.63 -24.99
C LEU A 93 55.49 -19.88 -25.36
N GLU A 94 56.21 -20.43 -24.39
CA GLU A 94 57.10 -21.56 -24.64
C GLU A 94 56.47 -22.87 -24.18
N ILE A 95 55.82 -22.83 -23.02
CA ILE A 95 55.34 -24.03 -22.36
C ILE A 95 53.91 -23.90 -21.85
N ILE A 96 53.12 -24.95 -22.10
CA ILE A 96 51.80 -25.13 -21.52
C ILE A 96 51.85 -26.47 -20.80
N ARG A 97 51.80 -26.44 -19.47
CA ARG A 97 52.00 -27.65 -18.70
C ARG A 97 50.74 -28.52 -18.59
N GLY A 98 49.59 -27.87 -18.44
CA GLY A 98 48.33 -28.58 -18.44
C GLY A 98 48.08 -29.38 -17.18
N ARG A 99 48.52 -28.86 -16.04
CA ARG A 99 48.23 -29.50 -14.76
C ARG A 99 46.73 -29.45 -14.54
N THR A 100 46.13 -28.34 -14.97
CA THR A 100 44.68 -28.23 -15.05
C THR A 100 44.30 -28.23 -16.53
N LYS A 101 43.13 -28.80 -16.83
CA LYS A 101 42.70 -28.98 -18.20
C LYS A 101 41.27 -28.54 -18.36
N GLN A 102 40.96 -27.99 -19.52
CA GLN A 102 39.60 -27.53 -19.76
C GLN A 102 38.70 -28.74 -19.99
N HIS A 103 37.56 -28.76 -19.29
CA HIS A 103 36.68 -29.92 -19.29
C HIS A 103 37.43 -31.17 -18.84
N GLY A 104 38.56 -30.95 -18.16
CA GLY A 104 39.41 -32.05 -17.71
C GLY A 104 40.15 -32.74 -18.85
N GLN A 105 40.08 -32.16 -20.04
CA GLN A 105 40.62 -32.80 -21.23
C GLN A 105 41.68 -31.97 -21.95
N PHE A 106 41.41 -30.68 -22.18
CA PHE A 106 42.23 -29.85 -23.07
C PHE A 106 43.16 -28.89 -22.35
N SER A 107 44.40 -28.85 -22.82
CA SER A 107 45.42 -27.93 -22.30
C SER A 107 45.59 -26.73 -23.22
N LEU A 108 45.26 -26.92 -24.49
CA LEU A 108 45.25 -25.84 -25.46
C LEU A 108 43.96 -25.94 -26.25
N ALA A 109 43.16 -24.90 -26.22
CA ALA A 109 41.90 -24.88 -26.95
C ALA A 109 41.73 -23.56 -27.69
N VAL A 110 41.71 -23.64 -29.02
CA VAL A 110 41.54 -22.48 -29.88
C VAL A 110 40.29 -22.73 -30.72
N VAL A 111 39.25 -21.96 -30.45
CA VAL A 111 37.91 -22.27 -30.95
C VAL A 111 37.21 -21.08 -31.59
N SER A 112 36.72 -21.27 -32.81
CA SER A 112 35.80 -20.33 -33.43
C SER A 112 36.39 -18.91 -33.55
N LEU A 113 37.63 -18.82 -34.01
CA LEU A 113 38.29 -17.53 -34.25
C LEU A 113 38.39 -17.30 -35.74
N ASN A 114 38.80 -16.10 -36.12
CA ASN A 114 38.92 -15.74 -37.53
C ASN A 114 40.37 -15.64 -37.98
N ILE A 115 41.28 -16.10 -37.12
CA ILE A 115 42.70 -16.02 -37.43
C ILE A 115 43.05 -16.86 -38.65
N THR A 116 44.19 -16.56 -39.26
CA THR A 116 44.66 -17.31 -40.43
C THR A 116 45.87 -18.17 -40.07
N SER A 117 46.47 -17.90 -38.93
CA SER A 117 47.59 -18.69 -38.43
C SER A 117 47.59 -18.57 -36.91
N LEU A 118 48.11 -19.59 -36.23
CA LEU A 118 48.17 -19.58 -34.76
C LEU A 118 49.25 -18.60 -34.31
N GLY A 119 50.44 -18.74 -34.89
CA GLY A 119 51.52 -17.81 -34.63
C GLY A 119 52.16 -18.06 -33.28
N LEU A 120 52.10 -19.29 -32.81
CA LEU A 120 52.75 -19.63 -31.54
C LEU A 120 54.21 -20.03 -31.79
N ARG A 121 54.95 -19.09 -32.38
CA ARG A 121 56.32 -19.34 -32.87
C ARG A 121 57.28 -19.90 -31.81
N SER A 122 56.98 -19.69 -30.53
CA SER A 122 57.89 -20.03 -29.43
C SER A 122 57.47 -21.29 -28.67
N LEU A 123 56.34 -21.88 -29.04
CA LEU A 123 55.81 -23.01 -28.31
C LEU A 123 56.62 -24.27 -28.59
N LYS A 124 57.21 -24.83 -27.53
CA LYS A 124 58.15 -25.94 -27.66
C LYS A 124 57.71 -27.15 -26.85
N GLU A 125 56.68 -26.99 -26.02
CA GLU A 125 56.24 -28.07 -25.15
C GLU A 125 54.82 -27.92 -24.63
N ILE A 126 53.99 -28.93 -24.89
CA ILE A 126 52.68 -29.04 -24.24
C ILE A 126 52.72 -30.30 -23.36
N SER A 127 53.05 -30.11 -22.09
CA SER A 127 53.44 -31.21 -21.21
C SER A 127 52.36 -32.25 -20.98
N ASP A 128 51.10 -31.80 -20.92
CA ASP A 128 49.99 -32.70 -20.68
C ASP A 128 48.71 -32.14 -21.31
N GLY A 129 47.68 -32.98 -21.41
CA GLY A 129 46.39 -32.54 -21.93
C GLY A 129 46.34 -32.59 -23.45
N ASP A 130 45.13 -32.52 -24.00
CA ASP A 130 44.92 -32.61 -25.44
C ASP A 130 44.84 -31.24 -26.07
N VAL A 131 44.88 -31.21 -27.41
CA VAL A 131 44.82 -29.96 -28.14
C VAL A 131 43.61 -29.99 -29.05
N ILE A 132 42.73 -29.01 -28.90
CA ILE A 132 41.59 -28.87 -29.80
C ILE A 132 41.68 -27.54 -30.53
N ILE A 133 41.59 -27.61 -31.86
CA ILE A 133 41.66 -26.43 -32.70
C ILE A 133 40.62 -26.57 -33.78
N SER A 134 39.42 -26.03 -33.54
CA SER A 134 38.29 -26.22 -34.44
C SER A 134 37.47 -24.96 -34.68
N GLY A 135 36.82 -24.90 -35.84
CA GLY A 135 35.86 -23.85 -36.12
C GLY A 135 36.49 -22.54 -36.55
N ASN A 136 37.79 -22.56 -36.81
CA ASN A 136 38.49 -21.36 -37.25
C ASN A 136 38.49 -21.34 -38.78
N LYS A 137 37.48 -20.69 -39.35
CA LYS A 137 37.15 -20.85 -40.79
C LYS A 137 38.27 -20.39 -41.73
N ASN A 138 39.23 -19.63 -41.22
CA ASN A 138 40.31 -19.09 -42.04
C ASN A 138 41.67 -19.61 -41.66
N LEU A 139 41.71 -20.51 -40.67
CA LEU A 139 42.98 -20.94 -40.09
C LEU A 139 43.70 -22.00 -40.92
N CYS A 140 44.91 -21.66 -41.36
CA CYS A 140 45.78 -22.61 -42.05
C CYS A 140 46.96 -22.98 -41.15
N TYR A 141 47.85 -23.80 -41.69
CA TYR A 141 49.11 -24.17 -41.04
C TYR A 141 48.96 -25.15 -39.87
N ALA A 142 47.79 -25.19 -39.25
CA ALA A 142 47.60 -25.96 -38.03
C ALA A 142 47.85 -27.46 -38.23
N ASN A 143 47.60 -27.94 -39.44
CA ASN A 143 47.75 -29.35 -39.73
C ASN A 143 49.20 -29.80 -39.96
N THR A 144 50.08 -28.85 -40.20
CA THR A 144 51.48 -29.15 -40.48
C THR A 144 52.26 -29.50 -39.22
N ILE A 145 51.76 -29.07 -38.07
CA ILE A 145 52.52 -29.19 -36.84
C ILE A 145 52.73 -30.64 -36.42
N ASN A 146 53.93 -30.93 -35.96
CA ASN A 146 54.30 -32.24 -35.47
C ASN A 146 54.14 -32.26 -33.96
N TRP A 147 52.92 -32.52 -33.49
CA TRP A 147 52.55 -32.37 -32.09
C TRP A 147 53.29 -33.33 -31.16
N LYS A 148 53.78 -34.44 -31.70
CA LYS A 148 54.49 -35.43 -30.90
C LYS A 148 55.78 -34.84 -30.33
N LYS A 149 56.40 -33.91 -31.06
CA LYS A 149 57.62 -33.25 -30.59
C LYS A 149 57.32 -32.32 -29.42
N LEU A 150 56.04 -31.99 -29.22
CA LEU A 150 55.64 -31.01 -28.21
C LEU A 150 55.02 -31.68 -26.99
N PHE A 151 54.56 -32.92 -27.15
CA PHE A 151 53.87 -33.61 -26.06
C PHE A 151 54.86 -34.17 -25.06
N GLY A 152 54.35 -34.60 -23.91
CA GLY A 152 55.18 -35.01 -22.80
C GLY A 152 54.67 -36.25 -22.09
N THR A 153 53.35 -36.42 -22.04
CA THR A 153 52.73 -37.61 -21.44
C THR A 153 52.35 -38.60 -22.54
N SER A 154 51.58 -39.62 -22.19
CA SER A 154 51.39 -40.78 -23.06
C SER A 154 50.27 -40.63 -24.09
N GLY A 155 49.07 -40.33 -23.61
CA GLY A 155 47.89 -40.38 -24.45
C GLY A 155 47.43 -39.05 -24.99
N GLN A 156 48.35 -38.11 -25.15
CA GLN A 156 48.01 -36.80 -25.68
C GLN A 156 47.63 -36.93 -27.16
N LYS A 157 46.45 -36.42 -27.49
CA LYS A 157 45.94 -36.46 -28.86
C LYS A 157 45.43 -35.08 -29.27
N THR A 158 45.20 -34.91 -30.57
CA THR A 158 44.70 -33.65 -31.10
C THR A 158 43.32 -33.83 -31.67
N LYS A 159 42.60 -32.73 -31.77
CA LYS A 159 41.30 -32.69 -32.41
C LYS A 159 41.28 -31.42 -33.24
N ILE A 160 41.72 -31.54 -34.48
CA ILE A 160 41.86 -30.40 -35.37
C ILE A 160 40.98 -30.56 -36.60
N ILE A 161 39.83 -29.87 -36.58
CA ILE A 161 38.81 -30.03 -37.60
C ILE A 161 38.12 -28.71 -37.94
N SER A 162 37.31 -28.73 -39.00
CA SER A 162 36.41 -27.62 -39.32
C SER A 162 37.15 -26.28 -39.37
N ASN A 163 38.44 -26.33 -39.70
CA ASN A 163 39.21 -25.13 -39.99
C ASN A 163 39.25 -24.92 -41.50
N ARG A 164 40.10 -24.02 -41.96
CA ARG A 164 40.22 -23.77 -43.39
C ARG A 164 40.78 -25.01 -44.10
N GLY A 165 40.23 -25.31 -45.27
CA GLY A 165 40.64 -26.48 -46.03
C GLY A 165 42.11 -26.43 -46.42
N GLU A 166 42.78 -27.56 -46.29
CA GLU A 166 44.20 -27.66 -46.64
C GLU A 166 44.41 -27.37 -48.12
N ASN A 167 43.48 -27.82 -48.96
CA ASN A 167 43.53 -27.53 -50.39
C ASN A 167 43.42 -26.04 -50.65
N SER A 168 42.46 -25.39 -49.98
CA SER A 168 42.27 -23.96 -50.11
C SER A 168 43.45 -23.19 -49.54
N CYS A 169 44.11 -23.76 -48.54
CA CYS A 169 45.30 -23.15 -47.97
C CYS A 169 46.47 -23.27 -48.92
N LYS A 170 46.65 -24.47 -49.48
CA LYS A 170 47.75 -24.74 -50.40
C LYS A 170 47.50 -24.05 -51.74
N ALA A 171 46.22 -23.91 -52.11
CA ALA A 171 45.83 -23.22 -53.34
C ALA A 171 46.34 -21.78 -53.29
N THR A 172 45.98 -21.09 -52.22
CA THR A 172 46.58 -19.80 -51.90
C THR A 172 48.03 -20.04 -51.46
N GLY A 173 48.75 -18.98 -51.10
CA GLY A 173 50.16 -19.13 -50.81
C GLY A 173 50.47 -19.56 -49.38
N GLN A 174 49.43 -19.98 -48.66
CA GLN A 174 49.53 -20.18 -47.21
C GLN A 174 50.07 -21.56 -46.84
N VAL A 175 51.39 -21.68 -46.92
CA VAL A 175 52.10 -22.93 -46.71
C VAL A 175 53.38 -22.65 -45.95
N CYS A 176 53.91 -23.65 -45.26
CA CYS A 176 55.15 -23.49 -44.50
C CYS A 176 56.26 -22.98 -45.41
N HIS A 177 57.16 -22.18 -44.82
CA HIS A 177 58.30 -21.62 -45.53
C HIS A 177 59.22 -22.75 -45.99
N ALA A 178 59.90 -22.55 -47.11
CA ALA A 178 60.73 -23.60 -47.69
C ALA A 178 61.93 -23.95 -46.82
N LEU A 179 62.20 -23.14 -45.81
CA LEU A 179 63.29 -23.41 -44.88
C LEU A 179 62.82 -24.25 -43.70
N CYS A 180 61.50 -24.43 -43.58
CA CYS A 180 60.95 -25.20 -42.49
C CYS A 180 61.22 -26.68 -42.72
N SER A 181 61.45 -27.39 -41.63
CA SER A 181 61.58 -28.84 -41.69
C SER A 181 60.19 -29.46 -41.85
N PRO A 182 60.13 -30.79 -41.97
CA PRO A 182 58.84 -31.48 -42.04
C PRO A 182 58.05 -31.45 -40.73
N GLU A 183 58.57 -30.75 -39.72
CA GLU A 183 57.92 -30.67 -38.43
C GLU A 183 56.83 -29.60 -38.36
N GLY A 184 56.63 -28.88 -39.46
CA GLY A 184 55.51 -27.96 -39.57
C GLY A 184 55.86 -26.51 -39.26
N CYS A 185 54.83 -25.67 -39.21
CA CYS A 185 55.01 -24.24 -38.99
C CYS A 185 53.76 -23.64 -38.34
N TRP A 186 53.94 -22.50 -37.66
CA TRP A 186 52.85 -21.75 -37.05
C TRP A 186 52.40 -20.61 -37.95
N GLY A 187 53.05 -20.52 -39.11
CA GLY A 187 52.80 -19.44 -40.04
C GLY A 187 53.78 -19.49 -41.20
N PRO A 188 53.72 -18.50 -42.10
CA PRO A 188 54.45 -18.56 -43.38
C PRO A 188 55.87 -18.02 -43.35
N GLU A 189 56.35 -17.59 -42.19
CA GLU A 189 57.70 -17.02 -42.06
C GLU A 189 58.67 -18.01 -41.41
N PRO A 190 59.98 -17.82 -41.66
CA PRO A 190 60.99 -18.72 -41.09
C PRO A 190 60.99 -18.73 -39.57
N ARG A 191 60.57 -17.61 -38.95
CA ARG A 191 60.49 -17.55 -37.51
C ARG A 191 59.40 -18.51 -37.02
N ASP A 192 58.43 -18.79 -37.90
CA ASP A 192 57.29 -19.66 -37.57
C ASP A 192 57.61 -21.13 -37.78
N CYS A 193 58.79 -21.45 -38.29
CA CYS A 193 59.18 -22.86 -38.43
C CYS A 193 59.34 -23.45 -37.04
N VAL A 194 58.91 -24.69 -36.87
CA VAL A 194 59.16 -25.41 -35.64
C VAL A 194 60.66 -25.65 -35.53
N SER A 195 61.22 -26.11 -36.64
CA SER A 195 62.65 -26.41 -36.77
C SER A 195 63.10 -26.05 -38.18
N CYS A 196 64.32 -25.54 -38.32
CA CYS A 196 64.85 -25.13 -39.61
C CYS A 196 65.59 -26.27 -40.30
N ARG A 197 65.33 -26.46 -41.59
CA ARG A 197 65.96 -27.53 -42.37
C ARG A 197 67.47 -27.30 -42.48
N GLN B 1 32.50 -21.02 -15.70
CA GLN B 1 31.91 -21.35 -14.38
C GLN B 1 30.46 -21.83 -14.52
N VAL B 2 30.09 -22.17 -15.75
CA VAL B 2 28.81 -22.80 -16.01
C VAL B 2 29.04 -24.01 -16.91
N LYS B 3 28.52 -25.14 -16.47
CA LYS B 3 28.57 -26.36 -17.26
C LYS B 3 27.15 -26.65 -17.73
N LEU B 4 27.03 -27.03 -18.99
CA LEU B 4 25.74 -27.28 -19.62
C LEU B 4 25.65 -28.72 -20.11
N GLU B 5 24.47 -29.32 -19.96
CA GLU B 5 24.22 -30.68 -20.40
C GLU B 5 22.87 -30.78 -21.12
N GLU B 6 22.91 -31.20 -22.37
CA GLU B 6 21.70 -31.40 -23.16
C GLU B 6 21.13 -32.78 -22.91
N SER B 7 19.80 -32.87 -22.92
CA SER B 7 19.12 -34.15 -22.81
C SER B 7 17.80 -34.07 -23.54
N GLY B 8 17.20 -35.23 -23.79
CA GLY B 8 15.87 -35.32 -24.35
C GLY B 8 15.87 -35.68 -25.83
N GLY B 9 17.04 -36.01 -26.37
CA GLY B 9 17.16 -36.30 -27.78
C GLY B 9 16.97 -37.76 -28.12
N GLY B 10 17.26 -38.13 -29.36
CA GLY B 10 17.10 -39.49 -29.84
C GLY B 10 16.38 -39.53 -31.16
N SER B 11 15.71 -40.65 -31.45
CA SER B 11 15.01 -40.82 -32.72
C SER B 11 13.53 -40.45 -32.61
N VAL B 12 13.03 -39.87 -33.69
CA VAL B 12 11.66 -39.38 -33.74
C VAL B 12 11.11 -39.60 -35.14
N GLN B 13 9.79 -39.73 -35.27
CA GLN B 13 9.15 -39.87 -36.57
C GLN B 13 8.74 -38.51 -37.10
N THR B 14 8.68 -38.37 -38.43
CA THR B 14 8.24 -37.12 -39.04
C THR B 14 6.84 -36.77 -38.56
N GLY B 15 6.63 -35.49 -38.24
CA GLY B 15 5.36 -35.03 -37.75
C GLY B 15 5.29 -35.05 -36.23
N GLY B 16 6.25 -35.72 -35.62
CA GLY B 16 6.26 -35.84 -34.17
C GLY B 16 6.79 -34.62 -33.43
N SER B 17 6.64 -34.65 -32.12
CA SER B 17 7.13 -33.59 -31.25
C SER B 17 8.24 -34.12 -30.37
N LEU B 18 9.04 -33.22 -29.82
CA LEU B 18 10.13 -33.61 -28.95
C LEU B 18 10.63 -32.41 -28.17
N ARG B 19 10.92 -32.62 -26.89
CA ARG B 19 11.32 -31.54 -26.00
C ARG B 19 12.73 -31.76 -25.49
N LEU B 20 13.64 -30.86 -25.87
CA LEU B 20 15.02 -30.92 -25.39
C LEU B 20 15.13 -30.07 -24.13
N THR B 21 16.04 -30.46 -23.24
CA THR B 21 16.30 -29.69 -22.04
C THR B 21 17.79 -29.47 -21.93
N CYS B 22 18.16 -28.32 -21.40
CA CYS B 22 19.53 -27.99 -21.09
C CYS B 22 19.66 -27.72 -19.60
N ALA B 23 20.44 -28.52 -18.90
CA ALA B 23 20.64 -28.36 -17.47
C ALA B 23 21.97 -27.65 -17.21
N ALA B 24 21.92 -26.56 -16.45
CA ALA B 24 23.12 -25.80 -16.12
C ALA B 24 23.54 -26.11 -14.69
N SER B 25 24.85 -26.09 -14.44
CA SER B 25 25.40 -26.28 -13.10
C SER B 25 26.60 -25.36 -12.92
N GLY B 26 26.97 -25.10 -11.67
CA GLY B 26 28.08 -24.21 -11.36
C GLY B 26 27.58 -22.84 -10.96
N ARG B 27 28.35 -21.80 -11.26
CA ARG B 27 27.97 -20.43 -10.92
C ARG B 27 26.81 -20.01 -11.81
N THR B 28 25.60 -20.36 -11.39
CA THR B 28 24.38 -20.16 -12.18
C THR B 28 23.60 -18.93 -11.75
N SER B 29 23.99 -18.34 -10.63
CA SER B 29 23.25 -17.23 -10.05
C SER B 29 23.73 -15.88 -10.59
N ARG B 30 23.92 -15.80 -11.91
CA ARG B 30 24.18 -14.54 -12.59
C ARG B 30 23.53 -14.57 -13.97
N SER B 31 23.54 -13.45 -14.67
CA SER B 31 22.80 -13.33 -15.92
C SER B 31 23.44 -14.17 -17.02
N TYR B 32 22.64 -14.98 -17.69
CA TYR B 32 23.05 -15.70 -18.89
C TYR B 32 21.89 -15.69 -19.86
N GLY B 33 22.13 -15.18 -21.06
CA GLY B 33 21.21 -15.41 -22.17
C GLY B 33 21.54 -16.77 -22.73
N MET B 34 20.53 -17.59 -22.99
CA MET B 34 20.75 -18.97 -23.42
C MET B 34 20.29 -19.17 -24.85
N GLY B 35 21.03 -19.99 -25.60
CA GLY B 35 20.72 -20.23 -27.00
C GLY B 35 20.72 -21.71 -27.33
N TRP B 36 20.03 -22.06 -28.42
CA TRP B 36 20.04 -23.41 -28.96
C TRP B 36 20.61 -23.36 -30.37
N PHE B 37 21.54 -24.27 -30.65
CA PHE B 37 22.12 -24.37 -31.98
C PHE B 37 21.98 -25.79 -32.47
N ARG B 38 22.26 -26.00 -33.75
CA ARG B 38 22.22 -27.34 -34.30
C ARG B 38 23.19 -27.46 -35.47
N GLN B 39 23.79 -28.65 -35.59
CA GLN B 39 24.74 -28.91 -36.65
C GLN B 39 24.43 -30.22 -37.33
N ALA B 40 23.94 -30.11 -38.57
CA ALA B 40 23.69 -31.27 -39.40
C ALA B 40 25.00 -31.67 -40.09
N PRO B 41 25.14 -32.95 -40.45
CA PRO B 41 26.39 -33.43 -41.07
C PRO B 41 26.71 -32.67 -42.36
N GLY B 42 27.97 -32.25 -42.50
CA GLY B 42 28.38 -31.45 -43.63
C GLY B 42 28.16 -29.97 -43.40
N LYS B 43 26.95 -29.62 -42.96
CA LYS B 43 26.59 -28.21 -42.76
C LYS B 43 27.28 -27.62 -41.53
N GLU B 44 27.30 -26.28 -41.46
CA GLU B 44 27.91 -25.57 -40.33
C GLU B 44 26.87 -25.29 -39.24
N ARG B 45 27.37 -25.08 -38.01
CA ARG B 45 26.51 -24.92 -36.85
C ARG B 45 25.66 -23.65 -36.92
N GLU B 46 24.35 -23.83 -36.94
CA GLU B 46 23.42 -22.72 -37.13
C GLU B 46 22.59 -22.43 -35.87
N PHE B 47 22.10 -21.19 -35.79
CA PHE B 47 21.30 -20.75 -34.66
C PHE B 47 19.85 -21.25 -34.79
N VAL B 48 19.25 -21.68 -33.68
CA VAL B 48 17.87 -22.19 -33.67
C VAL B 48 16.94 -21.26 -32.87
N SER B 49 17.31 -21.02 -31.62
CA SER B 49 16.47 -20.22 -30.74
C SER B 49 17.29 -19.65 -29.60
N GLY B 50 16.85 -18.50 -29.09
CA GLY B 50 17.57 -17.84 -28.00
C GLY B 50 16.59 -17.25 -27.02
N ILE B 51 17.01 -17.13 -25.76
CA ILE B 51 16.15 -16.59 -24.70
C ILE B 51 16.95 -15.75 -23.71
N SER B 52 16.37 -14.66 -23.25
CA SER B 52 17.07 -13.74 -22.35
C SER B 52 17.02 -14.25 -20.91
N TRP B 53 17.91 -13.72 -20.07
CA TRP B 53 18.01 -14.12 -18.67
C TRP B 53 16.64 -14.16 -17.99
N ARG B 54 15.89 -13.08 -18.16
CA ARG B 54 14.58 -12.90 -17.55
C ARG B 54 13.55 -13.84 -18.19
N GLY B 55 13.72 -14.10 -19.48
CA GLY B 55 12.84 -15.00 -20.22
C GLY B 55 11.79 -14.27 -21.03
N ASP B 56 11.91 -12.95 -21.07
CA ASP B 56 10.86 -12.10 -21.66
C ASP B 56 11.16 -11.84 -23.11
N SER B 57 12.43 -11.99 -23.49
CA SER B 57 12.83 -11.82 -24.88
C SER B 57 13.31 -13.15 -25.46
N THR B 58 12.81 -13.46 -26.65
CA THR B 58 13.13 -14.72 -27.30
C THR B 58 13.28 -14.51 -28.79
N GLY B 59 14.08 -15.37 -29.42
CA GLY B 59 14.33 -15.31 -30.84
C GLY B 59 14.25 -16.70 -31.45
N TYR B 60 13.83 -16.75 -32.72
CA TYR B 60 13.73 -18.01 -33.44
C TYR B 60 14.25 -17.80 -34.85
N ALA B 61 14.96 -18.80 -35.36
CA ALA B 61 15.38 -18.80 -36.76
C ALA B 61 14.16 -19.04 -37.62
N ASP B 62 14.22 -18.58 -38.88
CA ASP B 62 13.08 -18.65 -39.77
C ASP B 62 12.68 -20.10 -40.02
N SER B 63 13.67 -20.98 -40.00
CA SER B 63 13.46 -22.40 -40.32
C SER B 63 12.64 -23.14 -39.25
N VAL B 64 12.42 -22.48 -38.11
CA VAL B 64 11.73 -23.11 -36.98
C VAL B 64 10.64 -22.20 -36.40
N LYS B 65 10.44 -21.03 -36.99
CA LYS B 65 9.40 -20.12 -36.56
C LYS B 65 8.06 -20.85 -36.64
N GLY B 66 7.34 -20.88 -35.52
CA GLY B 66 6.01 -21.45 -35.47
C GLY B 66 6.00 -22.85 -34.89
N ARG B 67 7.07 -23.59 -35.11
CA ARG B 67 7.14 -24.99 -34.71
C ARG B 67 7.86 -25.16 -33.38
N PHE B 68 8.85 -24.30 -33.14
CA PHE B 68 9.72 -24.41 -31.96
C PHE B 68 9.38 -23.35 -30.93
N THR B 69 9.49 -23.73 -29.67
CA THR B 69 9.27 -22.81 -28.56
C THR B 69 10.32 -23.01 -27.47
N ILE B 70 10.99 -21.92 -27.10
CA ILE B 70 12.01 -21.96 -26.07
C ILE B 70 11.48 -21.36 -24.77
N SER B 71 11.98 -21.87 -23.65
CA SER B 71 11.56 -21.42 -22.33
C SER B 71 12.66 -21.72 -21.34
N ARG B 72 12.61 -21.12 -20.16
CA ARG B 72 13.62 -21.39 -19.14
C ARG B 72 13.03 -21.33 -17.74
N ASP B 73 13.65 -22.09 -16.83
CA ASP B 73 13.23 -22.13 -15.44
C ASP B 73 14.48 -21.86 -14.61
N ASN B 74 14.73 -20.58 -14.32
CA ASN B 74 15.94 -20.20 -13.60
C ASN B 74 16.03 -20.79 -12.20
N ALA B 75 14.89 -21.22 -11.66
CA ALA B 75 14.89 -21.89 -10.36
C ALA B 75 15.46 -23.29 -10.51
N LYS B 76 14.99 -24.02 -11.52
CA LYS B 76 15.50 -25.34 -11.81
C LYS B 76 16.83 -25.27 -12.56
N ASN B 77 17.18 -24.07 -13.02
CA ASN B 77 18.36 -23.85 -13.87
C ASN B 77 18.30 -24.70 -15.13
N THR B 78 17.25 -24.49 -15.91
CA THR B 78 17.03 -25.28 -17.12
C THR B 78 16.54 -24.41 -18.27
N VAL B 79 16.74 -24.92 -19.49
CA VAL B 79 16.24 -24.27 -20.68
C VAL B 79 15.67 -25.35 -21.60
N ASP B 80 14.38 -25.25 -21.88
CA ASP B 80 13.70 -26.25 -22.69
C ASP B 80 13.50 -25.74 -24.10
N LEU B 81 13.54 -26.65 -25.06
CA LEU B 81 13.25 -26.34 -26.45
C LEU B 81 12.17 -27.31 -26.95
N GLN B 82 10.93 -26.84 -27.01
CA GLN B 82 9.81 -27.63 -27.52
C GLN B 82 9.83 -27.63 -29.04
N MET B 83 10.03 -28.81 -29.63
CA MET B 83 10.07 -28.92 -31.08
C MET B 83 8.87 -29.71 -31.52
N ASN B 84 8.03 -29.11 -32.36
CA ASN B 84 6.85 -29.76 -32.91
C ASN B 84 6.92 -29.82 -34.42
N SER B 85 6.05 -30.63 -35.02
CA SER B 85 5.98 -30.82 -36.47
C SER B 85 7.37 -31.04 -37.06
N LEU B 86 8.11 -31.96 -36.45
CA LEU B 86 9.50 -32.22 -36.85
C LEU B 86 9.62 -32.81 -38.26
N LYS B 87 10.67 -32.41 -38.95
CA LYS B 87 10.93 -32.85 -40.32
C LYS B 87 12.32 -33.48 -40.38
N PRO B 88 12.61 -34.23 -41.45
CA PRO B 88 13.94 -34.80 -41.63
C PRO B 88 15.02 -33.73 -41.67
N GLU B 89 14.63 -32.53 -42.14
CA GLU B 89 15.53 -31.39 -42.27
C GLU B 89 15.92 -30.81 -40.90
N ASP B 90 15.35 -31.37 -39.84
CA ASP B 90 15.70 -30.97 -38.48
C ASP B 90 16.72 -31.90 -37.86
N THR B 91 17.07 -32.96 -38.59
CA THR B 91 18.03 -33.93 -38.09
C THR B 91 19.37 -33.23 -37.91
N ALA B 92 19.92 -33.31 -36.70
CA ALA B 92 21.21 -32.70 -36.39
C ALA B 92 21.57 -32.94 -34.93
N ILE B 93 22.81 -32.59 -34.57
CA ILE B 93 23.19 -32.54 -33.16
C ILE B 93 22.77 -31.18 -32.62
N TYR B 94 21.97 -31.17 -31.55
CA TYR B 94 21.51 -29.92 -30.95
C TYR B 94 22.38 -29.54 -29.77
N TYR B 95 22.95 -28.33 -29.84
CA TYR B 95 23.83 -27.84 -28.80
C TYR B 95 23.16 -26.72 -28.02
N CYS B 96 23.35 -26.75 -26.71
CA CYS B 96 22.86 -25.70 -25.84
C CYS B 96 24.04 -24.78 -25.49
N ALA B 97 23.78 -23.49 -25.31
CA ALA B 97 24.84 -22.52 -25.08
C ALA B 97 24.41 -21.38 -24.15
N ALA B 98 25.40 -20.78 -23.50
CA ALA B 98 25.17 -19.68 -22.57
C ALA B 98 26.10 -18.51 -22.88
N ALA B 99 25.55 -17.29 -22.81
CA ALA B 99 26.32 -16.07 -23.04
C ALA B 99 26.16 -15.12 -21.86
N ALA B 100 27.26 -14.86 -21.16
CA ALA B 100 27.23 -14.02 -19.95
C ALA B 100 26.63 -12.65 -20.27
N GLY B 101 25.58 -12.29 -19.54
CA GLY B 101 24.83 -11.09 -19.82
C GLY B 101 23.35 -11.41 -19.83
N SER B 102 22.52 -10.45 -20.26
CA SER B 102 21.08 -10.59 -20.18
C SER B 102 20.50 -11.06 -21.49
N ALA B 103 21.09 -10.59 -22.58
CA ALA B 103 20.54 -10.83 -23.91
C ALA B 103 20.94 -12.19 -24.49
N TRP B 104 20.15 -12.66 -25.45
CA TRP B 104 20.51 -13.81 -26.27
C TRP B 104 21.14 -13.26 -27.55
N TYR B 105 21.84 -14.13 -28.28
CA TYR B 105 22.45 -13.72 -29.55
C TYR B 105 22.18 -14.77 -30.62
N GLY B 106 22.10 -14.33 -31.87
CA GLY B 106 21.81 -15.21 -32.99
C GLY B 106 23.06 -15.77 -33.68
N THR B 107 24.23 -15.51 -33.10
CA THR B 107 25.49 -16.09 -33.61
C THR B 107 26.15 -16.92 -32.54
N LEU B 108 26.95 -17.89 -32.95
CA LEU B 108 27.67 -18.76 -32.02
C LEU B 108 28.85 -18.03 -31.39
N TYR B 109 29.23 -16.90 -31.98
CA TYR B 109 30.47 -16.21 -31.61
C TYR B 109 30.34 -15.36 -30.34
N GLU B 110 29.12 -15.21 -29.85
CA GLU B 110 28.88 -14.42 -28.64
C GLU B 110 28.66 -15.29 -27.40
N TYR B 111 28.62 -16.61 -27.58
CA TYR B 111 28.36 -17.53 -26.47
C TYR B 111 29.66 -18.05 -25.83
N ASP B 112 29.70 -18.03 -24.50
CA ASP B 112 30.92 -18.28 -23.74
C ASP B 112 31.04 -19.73 -23.26
N TYR B 113 29.91 -20.43 -23.17
CA TYR B 113 29.89 -21.81 -22.67
C TYR B 113 28.97 -22.69 -23.49
N TRP B 114 29.44 -23.90 -23.81
CA TRP B 114 28.75 -24.80 -24.72
C TRP B 114 28.53 -26.19 -24.13
N GLY B 115 27.46 -26.85 -24.57
CA GLY B 115 27.21 -28.21 -24.13
C GLY B 115 27.90 -29.19 -25.05
N GLN B 116 27.82 -30.47 -24.70
CA GLN B 116 28.46 -31.51 -25.49
C GLN B 116 27.62 -31.75 -26.75
N GLY B 117 26.31 -31.73 -26.59
CA GLY B 117 25.38 -31.92 -27.68
C GLY B 117 24.54 -33.19 -27.54
N THR B 118 23.40 -33.22 -28.23
CA THR B 118 22.53 -34.39 -28.26
C THR B 118 22.07 -34.59 -29.68
N GLN B 119 22.14 -35.83 -30.15
CA GLN B 119 21.71 -36.16 -31.49
C GLN B 119 20.19 -36.24 -31.54
N VAL B 120 19.61 -35.62 -32.56
CA VAL B 120 18.18 -35.71 -32.81
C VAL B 120 18.00 -36.19 -34.24
N THR B 121 17.42 -37.39 -34.37
CA THR B 121 17.20 -37.99 -35.68
C THR B 121 15.71 -38.04 -35.99
N VAL B 122 15.37 -37.59 -37.20
CA VAL B 122 13.99 -37.56 -37.65
C VAL B 122 13.85 -38.42 -38.90
N SER B 123 13.00 -39.44 -38.82
CA SER B 123 12.82 -40.41 -39.88
C SER B 123 11.38 -40.38 -40.40
N SER B 124 11.18 -40.93 -41.59
CA SER B 124 9.85 -41.00 -42.20
C SER B 124 8.87 -41.80 -41.32
N LEU C 1 14.76 -13.48 -38.98
CA LEU C 1 14.94 -13.81 -37.57
C LEU C 1 13.76 -13.28 -36.74
N GLU C 2 12.92 -14.20 -36.28
CA GLU C 2 11.72 -13.81 -35.53
C GLU C 2 12.05 -13.54 -34.07
N GLU C 3 11.66 -12.35 -33.60
CA GLU C 3 11.83 -11.97 -32.21
C GLU C 3 10.47 -11.78 -31.56
N LYS C 4 10.39 -12.11 -30.28
CA LYS C 4 9.18 -11.92 -29.51
C LYS C 4 9.55 -11.35 -28.16
N LYS C 5 8.70 -10.45 -27.65
CA LYS C 5 9.00 -9.76 -26.40
C LYS C 5 7.77 -9.65 -25.50
N VAL C 6 7.92 -10.16 -24.29
CA VAL C 6 6.87 -10.10 -23.28
C VAL C 6 7.08 -8.87 -22.43
N CYS C 7 6.05 -8.04 -22.29
CA CYS C 7 6.14 -6.81 -21.51
C CYS C 7 5.11 -6.85 -20.40
N ASN C 8 5.43 -6.25 -19.26
CA ASN C 8 4.49 -6.19 -18.16
C ASN C 8 3.34 -5.25 -18.48
N GLY C 9 2.19 -5.53 -17.89
CA GLY C 9 1.01 -4.71 -18.12
C GLY C 9 0.85 -3.63 -17.06
N ILE C 10 -0.20 -2.81 -17.22
CA ILE C 10 -0.52 -1.78 -16.26
C ILE C 10 -0.93 -2.42 -14.95
N GLY C 11 -0.34 -1.96 -13.86
CA GLY C 11 -0.61 -2.49 -12.53
C GLY C 11 0.45 -3.47 -12.06
N ILE C 12 1.52 -3.59 -12.85
CA ILE C 12 2.59 -4.56 -12.57
C ILE C 12 3.95 -4.04 -13.05
N GLY C 13 4.99 -4.24 -12.25
CA GLY C 13 6.35 -3.93 -12.65
C GLY C 13 6.60 -2.44 -12.85
N GLU C 14 7.17 -2.10 -14.01
CA GLU C 14 7.44 -0.71 -14.35
C GLU C 14 6.19 0.18 -14.38
N PHE C 15 5.02 -0.47 -14.29
CA PHE C 15 3.75 0.22 -14.41
C PHE C 15 2.85 -0.16 -13.23
N LYS C 16 3.48 -0.44 -12.08
CA LYS C 16 2.77 -0.94 -10.92
C LYS C 16 1.70 0.02 -10.42
N ASP C 17 2.08 1.29 -10.30
CA ASP C 17 1.21 2.31 -9.69
C ASP C 17 0.59 3.22 -10.74
N SER C 18 0.64 2.79 -12.00
CA SER C 18 0.05 3.56 -13.09
C SER C 18 -1.44 3.25 -13.23
N LEU C 19 -2.23 4.28 -13.59
CA LEU C 19 -3.66 4.12 -13.71
C LEU C 19 -4.02 3.62 -15.10
N SER C 20 -3.25 4.08 -16.08
CA SER C 20 -3.51 3.81 -17.48
C SER C 20 -2.25 3.96 -18.33
N ILE C 21 -2.29 3.41 -19.54
CA ILE C 21 -1.28 3.71 -20.52
C ILE C 21 -1.26 5.22 -20.67
N ASN C 22 -0.08 5.83 -20.56
CA ASN C 22 0.06 7.27 -20.71
C ASN C 22 1.33 7.63 -21.49
N ALA C 23 1.52 8.94 -21.73
CA ALA C 23 2.60 9.45 -22.57
C ALA C 23 3.99 9.07 -22.05
N THR C 24 4.08 8.87 -20.75
CA THR C 24 5.34 8.47 -20.13
C THR C 24 5.62 7.00 -20.40
N ASN C 25 4.69 6.13 -20.00
CA ASN C 25 4.94 4.69 -19.95
C ASN C 25 4.79 3.96 -21.29
N ILE C 26 4.16 4.59 -22.27
CA ILE C 26 3.82 3.89 -23.50
C ILE C 26 5.07 3.54 -24.33
N LYS C 27 6.12 4.35 -24.19
CA LYS C 27 7.35 4.13 -24.94
C LYS C 27 7.94 2.75 -24.60
N HIS C 28 7.63 2.27 -23.39
CA HIS C 28 8.13 1.00 -22.90
C HIS C 28 7.35 -0.20 -23.42
N PHE C 29 6.35 0.05 -24.27
CA PHE C 29 5.61 -1.03 -24.93
C PHE C 29 6.15 -1.26 -26.33
N LYS C 30 7.23 -0.56 -26.67
CA LYS C 30 7.79 -0.65 -28.01
C LYS C 30 8.27 -2.08 -28.30
N ASN C 31 7.85 -2.63 -29.44
CA ASN C 31 8.32 -3.96 -29.86
C ASN C 31 7.78 -5.10 -29.01
N CYS C 32 6.76 -4.84 -28.19
CA CYS C 32 6.18 -5.89 -27.36
C CYS C 32 5.26 -6.78 -28.20
N THR C 33 5.38 -8.09 -28.04
CA THR C 33 4.54 -9.03 -28.78
C THR C 33 3.43 -9.57 -27.89
N SER C 34 3.68 -9.61 -26.59
CA SER C 34 2.67 -10.06 -25.65
C SER C 34 2.73 -9.24 -24.39
N ILE C 35 1.57 -8.97 -23.82
CA ILE C 35 1.47 -8.29 -22.54
C ILE C 35 1.19 -9.35 -21.49
N SER C 36 2.09 -9.50 -20.53
CA SER C 36 1.85 -10.36 -19.39
C SER C 36 1.17 -9.51 -18.31
N GLY C 37 -0.15 -9.58 -18.25
CA GLY C 37 -0.94 -8.75 -17.35
C GLY C 37 -2.04 -8.08 -18.14
N ASP C 38 -2.50 -6.93 -17.65
CA ASP C 38 -3.67 -6.24 -18.22
C ASP C 38 -3.27 -4.96 -18.92
N LEU C 39 -4.18 -4.44 -19.75
CA LEU C 39 -4.05 -3.10 -20.29
C LEU C 39 -5.29 -2.30 -19.93
N HIS C 40 -5.09 -1.17 -19.25
CA HIS C 40 -6.16 -0.20 -19.02
C HIS C 40 -5.86 1.00 -19.90
N ILE C 41 -6.87 1.47 -20.63
CA ILE C 41 -6.76 2.74 -21.34
C ILE C 41 -7.92 3.63 -20.88
N LEU C 42 -7.58 4.69 -20.14
CA LEU C 42 -8.56 5.53 -19.47
C LEU C 42 -8.45 6.99 -19.93
N PRO C 43 -9.53 7.76 -19.72
CA PRO C 43 -9.58 9.19 -20.06
C PRO C 43 -8.36 10.01 -19.60
N VAL C 44 -7.76 9.68 -18.45
CA VAL C 44 -6.63 10.45 -17.94
C VAL C 44 -5.50 10.51 -18.94
N ALA C 45 -5.41 9.48 -19.77
CA ALA C 45 -4.30 9.33 -20.70
C ALA C 45 -4.27 10.51 -21.66
N PHE C 46 -5.42 10.84 -22.22
CA PHE C 46 -5.52 11.86 -23.27
C PHE C 46 -5.65 13.24 -22.67
N ARG C 47 -6.07 13.26 -21.41
CA ARG C 47 -6.29 14.50 -20.69
C ARG C 47 -4.97 14.99 -20.10
N GLY C 48 -4.13 14.06 -19.70
CA GLY C 48 -2.90 14.37 -18.98
C GLY C 48 -3.18 14.36 -17.50
N ASP C 49 -2.14 14.41 -16.68
CA ASP C 49 -2.30 14.37 -15.23
C ASP C 49 -1.10 15.05 -14.54
N SER C 50 -1.30 16.29 -14.10
CA SER C 50 -0.22 17.09 -13.51
C SER C 50 0.33 16.40 -12.25
N PHE C 51 -0.59 15.84 -11.47
CA PHE C 51 -0.27 15.20 -10.19
C PHE C 51 0.87 14.20 -10.32
N THR C 52 0.94 13.52 -11.46
CA THR C 52 1.99 12.54 -11.74
C THR C 52 2.91 13.05 -12.86
N HIS C 53 2.82 14.35 -13.15
CA HIS C 53 3.71 14.98 -14.12
C HIS C 53 3.60 14.27 -15.47
N THR C 54 2.39 13.80 -15.75
CA THR C 54 2.13 13.00 -16.94
C THR C 54 1.39 13.83 -18.01
N PRO C 55 2.10 14.19 -19.11
CA PRO C 55 1.42 15.00 -20.12
C PRO C 55 0.36 14.21 -20.87
N PRO C 56 -0.55 14.92 -21.56
CA PRO C 56 -1.53 14.23 -22.41
C PRO C 56 -0.85 13.32 -23.43
N LEU C 57 -1.52 12.24 -23.77
CA LEU C 57 -0.99 11.24 -24.67
C LEU C 57 -1.28 11.65 -26.11
N ASP C 58 -0.24 11.63 -26.94
CA ASP C 58 -0.40 11.82 -28.38
C ASP C 58 -1.07 10.58 -28.97
N PRO C 59 -2.27 10.73 -29.56
CA PRO C 59 -2.95 9.59 -30.20
C PRO C 59 -2.08 8.78 -31.14
N GLN C 60 -1.14 9.43 -31.82
CA GLN C 60 -0.31 8.74 -32.80
C GLN C 60 0.54 7.68 -32.11
N GLU C 61 0.86 7.89 -30.83
CA GLU C 61 1.74 6.98 -30.10
C GLU C 61 1.07 5.66 -29.75
N LEU C 62 -0.25 5.58 -29.98
CA LEU C 62 -0.98 4.35 -29.68
C LEU C 62 -0.62 3.26 -30.67
N ASP C 63 -0.13 3.64 -31.84
CA ASP C 63 0.25 2.69 -32.88
C ASP C 63 1.41 1.81 -32.41
N ILE C 64 2.03 2.19 -31.29
CA ILE C 64 3.09 1.40 -30.70
C ILE C 64 2.58 0.01 -30.30
N LEU C 65 1.27 -0.13 -30.15
CA LEU C 65 0.68 -1.40 -29.72
C LEU C 65 0.38 -2.35 -30.89
N LYS C 66 0.66 -1.92 -32.11
CA LYS C 66 0.36 -2.74 -33.28
C LYS C 66 1.12 -4.06 -33.32
N THR C 67 2.14 -4.19 -32.47
CA THR C 67 2.96 -5.41 -32.42
C THR C 67 2.40 -6.44 -31.43
N VAL C 68 1.48 -6.00 -30.57
CA VAL C 68 0.93 -6.87 -29.53
C VAL C 68 -0.05 -7.88 -30.11
N LYS C 69 0.22 -9.16 -29.89
CA LYS C 69 -0.62 -10.25 -30.42
C LYS C 69 -1.31 -11.04 -29.32
N GLU C 70 -0.83 -10.88 -28.08
CA GLU C 70 -1.35 -11.65 -26.95
C GLU C 70 -1.44 -10.78 -25.71
N ILE C 71 -2.57 -10.87 -25.02
CA ILE C 71 -2.74 -10.25 -23.70
C ILE C 71 -3.20 -11.32 -22.71
N THR C 72 -2.34 -11.67 -21.76
CA THR C 72 -2.64 -12.76 -20.84
C THR C 72 -3.79 -12.41 -19.91
N GLY C 73 -3.90 -11.13 -19.56
CA GLY C 73 -4.93 -10.65 -18.67
C GLY C 73 -6.12 -10.15 -19.47
N PHE C 74 -6.67 -8.99 -19.07
CA PHE C 74 -7.81 -8.39 -19.77
C PHE C 74 -7.42 -7.11 -20.52
N LEU C 75 -8.31 -6.66 -21.39
CA LEU C 75 -8.13 -5.41 -22.12
C LEU C 75 -9.31 -4.51 -21.81
N LEU C 76 -9.03 -3.36 -21.21
CA LEU C 76 -10.06 -2.39 -20.87
C LEU C 76 -9.81 -1.08 -21.62
N ILE C 77 -10.82 -0.60 -22.34
CA ILE C 77 -10.70 0.64 -23.12
C ILE C 77 -11.86 1.60 -22.83
N GLN C 78 -11.66 2.52 -21.89
CA GLN C 78 -12.69 3.49 -21.50
C GLN C 78 -12.53 4.83 -22.21
N ALA C 79 -11.53 4.95 -23.07
CA ALA C 79 -11.29 6.20 -23.77
C ALA C 79 -10.49 5.96 -25.03
N TRP C 80 -10.73 6.77 -26.03
CA TRP C 80 -10.09 6.63 -27.33
C TRP C 80 -10.10 7.98 -28.05
N PRO C 81 -9.06 8.27 -28.84
CA PRO C 81 -9.07 9.53 -29.60
C PRO C 81 -10.27 9.63 -30.53
N GLU C 82 -10.96 10.77 -30.52
CA GLU C 82 -12.22 10.89 -31.25
C GLU C 82 -12.03 10.89 -32.76
N ASN C 83 -10.84 11.26 -33.22
CA ASN C 83 -10.57 11.24 -34.66
C ASN C 83 -10.11 9.86 -35.15
N ARG C 84 -10.19 8.87 -34.26
CA ARG C 84 -9.90 7.48 -34.60
C ARG C 84 -11.22 6.70 -34.61
N THR C 85 -11.58 6.14 -35.76
CA THR C 85 -12.88 5.49 -35.94
C THR C 85 -12.90 4.04 -35.45
N ASP C 86 -11.73 3.46 -35.22
CA ASP C 86 -11.65 2.07 -34.77
C ASP C 86 -10.49 1.83 -33.81
N LEU C 87 -10.40 0.61 -33.29
CA LEU C 87 -9.29 0.22 -32.43
C LEU C 87 -8.13 -0.29 -33.31
N HIS C 88 -7.67 0.59 -34.19
CA HIS C 88 -6.66 0.22 -35.18
C HIS C 88 -5.40 -0.29 -34.50
N ALA C 89 -5.07 0.30 -33.35
CA ALA C 89 -3.83 -0.03 -32.65
C ALA C 89 -3.82 -1.48 -32.17
N PHE C 90 -4.97 -2.14 -32.23
CA PHE C 90 -5.09 -3.53 -31.83
C PHE C 90 -5.47 -4.41 -33.02
N GLU C 91 -5.18 -3.93 -34.23
CA GLU C 91 -5.53 -4.66 -35.44
C GLU C 91 -4.79 -5.99 -35.55
N ASN C 92 -3.80 -6.21 -34.69
CA ASN C 92 -3.01 -7.44 -34.72
C ASN C 92 -3.16 -8.29 -33.46
N LEU C 93 -4.09 -7.91 -32.59
CA LEU C 93 -4.34 -8.66 -31.37
C LEU C 93 -5.09 -9.94 -31.72
N GLU C 94 -4.53 -11.09 -31.34
CA GLU C 94 -5.08 -12.39 -31.71
C GLU C 94 -5.71 -13.10 -30.53
N ILE C 95 -5.10 -12.93 -29.36
CA ILE C 95 -5.50 -13.71 -28.18
C ILE C 95 -5.61 -12.84 -26.93
N ILE C 96 -6.67 -13.07 -26.17
CA ILE C 96 -6.81 -12.53 -24.82
C ILE C 96 -7.09 -13.72 -23.89
N ARG C 97 -6.14 -14.03 -23.01
CA ARG C 97 -6.25 -15.23 -22.19
C ARG C 97 -7.16 -15.08 -20.97
N GLY C 98 -7.28 -13.86 -20.46
CA GLY C 98 -8.18 -13.58 -19.35
C GLY C 98 -7.79 -14.30 -18.06
N ARG C 99 -6.50 -14.45 -17.83
CA ARG C 99 -6.02 -15.03 -16.57
C ARG C 99 -6.35 -14.09 -15.43
N THR C 100 -6.45 -12.82 -15.75
CA THR C 100 -6.96 -11.82 -14.83
C THR C 100 -8.09 -11.11 -15.55
N LYS C 101 -9.11 -10.71 -14.78
CA LYS C 101 -10.30 -10.12 -15.36
C LYS C 101 -10.71 -8.85 -14.63
N GLN C 102 -11.37 -7.95 -15.35
CA GLN C 102 -11.86 -6.73 -14.74
C GLN C 102 -13.09 -7.04 -13.92
N HIS C 103 -13.13 -6.54 -12.69
CA HIS C 103 -14.24 -6.80 -11.77
C HIS C 103 -14.44 -8.31 -11.64
N GLY C 104 -13.35 -9.06 -11.79
CA GLY C 104 -13.38 -10.50 -11.68
C GLY C 104 -14.32 -11.15 -12.68
N GLN C 105 -14.65 -10.42 -13.75
CA GLN C 105 -15.62 -10.92 -14.71
C GLN C 105 -15.15 -10.79 -16.16
N PHE C 106 -14.67 -9.61 -16.55
CA PHE C 106 -14.46 -9.30 -17.96
C PHE C 106 -13.01 -9.40 -18.43
N SER C 107 -12.82 -9.93 -19.64
CA SER C 107 -11.50 -10.08 -20.22
C SER C 107 -11.35 -9.10 -21.40
N LEU C 108 -12.49 -8.71 -21.97
CA LEU C 108 -12.53 -7.65 -22.96
C LEU C 108 -13.64 -6.67 -22.57
N ALA C 109 -13.26 -5.42 -22.29
CA ALA C 109 -14.22 -4.38 -21.96
C ALA C 109 -13.94 -3.15 -22.84
N VAL C 110 -14.91 -2.83 -23.68
CA VAL C 110 -14.85 -1.63 -24.53
C VAL C 110 -16.07 -0.78 -24.20
N VAL C 111 -15.82 0.36 -23.56
CA VAL C 111 -16.88 1.11 -22.91
C VAL C 111 -16.84 2.60 -23.24
N SER C 112 -18.00 3.12 -23.66
CA SER C 112 -18.20 4.57 -23.78
C SER C 112 -17.19 5.25 -24.71
N LEU C 113 -17.03 4.69 -25.90
CA LEU C 113 -16.17 5.27 -26.94
C LEU C 113 -17.03 5.84 -28.07
N ASN C 114 -16.38 6.48 -29.04
CA ASN C 114 -17.08 7.07 -30.17
C ASN C 114 -16.74 6.40 -31.49
N ILE C 115 -16.14 5.21 -31.38
CA ILE C 115 -15.77 4.46 -32.57
C ILE C 115 -17.00 3.95 -33.33
N THR C 116 -16.82 3.71 -34.63
CA THR C 116 -17.88 3.20 -35.48
C THR C 116 -17.72 1.71 -35.74
N SER C 117 -16.54 1.19 -35.42
CA SER C 117 -16.26 -0.24 -35.55
C SER C 117 -15.07 -0.62 -34.67
N LEU C 118 -15.09 -1.85 -34.14
CA LEU C 118 -14.03 -2.33 -33.28
C LEU C 118 -12.71 -2.47 -34.02
N GLY C 119 -12.74 -3.12 -35.18
CA GLY C 119 -11.56 -3.26 -36.01
C GLY C 119 -10.55 -4.21 -35.41
N LEU C 120 -11.03 -5.15 -34.59
CA LEU C 120 -10.17 -6.15 -33.97
C LEU C 120 -10.07 -7.35 -34.92
N ARG C 121 -9.53 -7.09 -36.12
CA ARG C 121 -9.63 -8.03 -37.23
C ARG C 121 -8.67 -9.21 -37.16
N SER C 122 -7.96 -9.37 -36.06
CA SER C 122 -7.06 -10.50 -35.88
C SER C 122 -7.50 -11.35 -34.70
N LEU C 123 -8.46 -10.85 -33.94
CA LEU C 123 -8.90 -11.52 -32.71
C LEU C 123 -9.51 -12.87 -33.05
N LYS C 124 -8.90 -13.94 -32.54
CA LYS C 124 -9.33 -15.31 -32.88
C LYS C 124 -9.61 -16.12 -31.62
N GLU C 125 -9.22 -15.61 -30.46
CA GLU C 125 -9.41 -16.34 -29.22
C GLU C 125 -9.52 -15.45 -27.98
N ILE C 126 -10.54 -15.73 -27.16
CA ILE C 126 -10.67 -15.17 -25.83
C ILE C 126 -10.81 -16.36 -24.86
N SER C 127 -9.68 -16.75 -24.25
CA SER C 127 -9.59 -18.03 -23.55
C SER C 127 -10.54 -18.13 -22.36
N ASP C 128 -10.74 -17.02 -21.65
CA ASP C 128 -11.58 -17.01 -20.47
C ASP C 128 -12.10 -15.60 -20.24
N GLY C 129 -13.13 -15.48 -19.40
CA GLY C 129 -13.69 -14.19 -19.05
C GLY C 129 -14.79 -13.76 -20.01
N ASP C 130 -15.61 -12.82 -19.55
CA ASP C 130 -16.72 -12.30 -20.34
C ASP C 130 -16.31 -11.09 -21.15
N VAL C 131 -17.17 -10.73 -22.10
CA VAL C 131 -16.96 -9.59 -22.97
C VAL C 131 -18.08 -8.59 -22.72
N ILE C 132 -17.70 -7.32 -22.56
CA ILE C 132 -18.68 -6.25 -22.54
C ILE C 132 -18.30 -5.15 -23.52
N ILE C 133 -19.28 -4.76 -24.32
CA ILE C 133 -19.12 -3.70 -25.30
C ILE C 133 -20.37 -2.86 -25.23
N SER C 134 -20.29 -1.74 -24.51
CA SER C 134 -21.48 -0.93 -24.26
C SER C 134 -21.20 0.56 -24.14
N GLY C 135 -22.20 1.35 -24.51
CA GLY C 135 -22.12 2.79 -24.39
C GLY C 135 -21.40 3.42 -25.57
N ASN C 136 -21.11 2.61 -26.57
CA ASN C 136 -20.47 3.09 -27.79
C ASN C 136 -21.54 3.55 -28.78
N LYS C 137 -21.95 4.81 -28.62
CA LYS C 137 -23.13 5.37 -29.29
C LYS C 137 -23.09 5.23 -30.82
N ASN C 138 -21.89 5.10 -31.37
CA ASN C 138 -21.70 5.06 -32.81
C ASN C 138 -21.23 3.70 -33.31
N LEU C 139 -21.07 2.76 -32.39
CA LEU C 139 -20.46 1.48 -32.73
C LEU C 139 -21.44 0.55 -33.45
N CYS C 140 -21.09 0.19 -34.68
CA CYS C 140 -21.86 -0.77 -35.46
C CYS C 140 -21.09 -2.09 -35.59
N TYR C 141 -21.69 -3.06 -36.26
CA TYR C 141 -21.03 -4.32 -36.61
C TYR C 141 -20.87 -5.32 -35.46
N ALA C 142 -20.81 -4.85 -34.23
CA ALA C 142 -20.49 -5.72 -33.10
C ALA C 142 -21.48 -6.88 -32.96
N ASN C 143 -22.70 -6.65 -33.42
CA ASN C 143 -23.79 -7.62 -33.33
C ASN C 143 -23.57 -8.83 -34.24
N THR C 144 -22.77 -8.66 -35.28
CA THR C 144 -22.66 -9.65 -36.36
C THR C 144 -21.72 -10.78 -36.00
N ILE C 145 -20.95 -10.62 -34.94
CA ILE C 145 -19.88 -11.55 -34.63
C ILE C 145 -20.34 -12.72 -33.78
N ASN C 146 -19.96 -13.91 -34.21
CA ASN C 146 -20.17 -15.11 -33.41
C ASN C 146 -19.06 -15.21 -32.38
N TRP C 147 -19.39 -14.86 -31.13
CA TRP C 147 -18.39 -14.76 -30.07
C TRP C 147 -18.01 -16.12 -29.51
N LYS C 148 -18.91 -17.10 -29.66
CA LYS C 148 -18.66 -18.42 -29.10
C LYS C 148 -17.53 -19.13 -29.85
N LYS C 149 -17.24 -18.67 -31.06
CA LYS C 149 -16.09 -19.15 -31.81
C LYS C 149 -14.79 -18.75 -31.12
N LEU C 150 -14.82 -17.58 -30.48
CA LEU C 150 -13.64 -17.04 -29.79
C LEU C 150 -13.51 -17.60 -28.39
N PHE C 151 -14.63 -17.92 -27.76
CA PHE C 151 -14.61 -18.40 -26.39
C PHE C 151 -13.96 -19.77 -26.29
N GLY C 152 -13.22 -20.00 -25.22
CA GLY C 152 -12.50 -21.23 -24.99
C GLY C 152 -13.02 -21.96 -23.76
N THR C 153 -13.72 -21.22 -22.90
CA THR C 153 -14.35 -21.78 -21.71
C THR C 153 -15.86 -21.82 -21.94
N SER C 154 -16.55 -22.66 -21.17
CA SER C 154 -17.96 -22.95 -21.42
C SER C 154 -18.92 -21.85 -20.94
N GLY C 155 -18.58 -21.21 -19.82
CA GLY C 155 -19.49 -20.24 -19.22
C GLY C 155 -19.32 -18.81 -19.69
N GLN C 156 -18.40 -18.59 -20.63
CA GLN C 156 -18.14 -17.23 -21.08
C GLN C 156 -19.41 -16.68 -21.73
N LYS C 157 -19.78 -15.47 -21.34
CA LYS C 157 -20.95 -14.81 -21.91
C LYS C 157 -20.62 -13.38 -22.36
N THR C 158 -21.60 -12.77 -23.01
CA THR C 158 -21.40 -11.50 -23.70
C THR C 158 -22.45 -10.49 -23.25
N LYS C 159 -22.06 -9.22 -23.14
CA LYS C 159 -22.98 -8.13 -22.83
C LYS C 159 -22.69 -6.99 -23.81
N ILE C 160 -23.43 -7.00 -24.92
CA ILE C 160 -23.30 -5.99 -25.97
C ILE C 160 -24.60 -5.20 -26.07
N ILE C 161 -24.60 -3.99 -25.54
CA ILE C 161 -25.82 -3.18 -25.49
C ILE C 161 -25.54 -1.68 -25.55
N SER C 162 -26.62 -0.92 -25.73
CA SER C 162 -26.57 0.54 -25.68
C SER C 162 -25.48 1.10 -26.59
N ASN C 163 -25.19 0.40 -27.68
CA ASN C 163 -24.35 0.92 -28.74
C ASN C 163 -25.24 1.53 -29.81
N ARG C 164 -24.80 1.49 -31.07
CA ARG C 164 -25.63 2.00 -32.15
C ARG C 164 -26.54 0.90 -32.65
N GLY C 165 -27.78 1.25 -32.96
CA GLY C 165 -28.81 0.28 -33.28
C GLY C 165 -28.62 -0.39 -34.63
N GLU C 166 -28.95 -1.67 -34.71
CA GLU C 166 -28.81 -2.45 -35.93
C GLU C 166 -29.55 -1.82 -37.11
N ASN C 167 -30.76 -1.32 -36.85
CA ASN C 167 -31.56 -0.68 -37.89
C ASN C 167 -30.93 0.61 -38.39
N SER C 168 -30.39 1.38 -37.46
CA SER C 168 -29.74 2.63 -37.82
C SER C 168 -28.44 2.33 -38.57
N CYS C 169 -27.73 1.29 -38.15
CA CYS C 169 -26.51 0.87 -38.84
C CYS C 169 -26.88 0.43 -40.23
N LYS C 170 -27.95 -0.37 -40.34
CA LYS C 170 -28.36 -0.95 -41.60
C LYS C 170 -28.91 0.14 -42.53
N ALA C 171 -29.50 1.18 -41.94
CA ALA C 171 -30.14 2.26 -42.71
C ALA C 171 -29.07 3.12 -43.36
N THR C 172 -27.98 3.34 -42.63
CA THR C 172 -26.75 3.85 -43.21
C THR C 172 -26.09 2.62 -43.86
N GLY C 173 -24.91 2.78 -44.48
CA GLY C 173 -24.26 1.63 -45.09
C GLY C 173 -23.43 0.82 -44.11
N GLN C 174 -23.75 0.91 -42.82
CA GLN C 174 -22.95 0.27 -41.77
C GLN C 174 -23.29 -1.20 -41.67
N VAL C 175 -22.81 -1.97 -42.64
CA VAL C 175 -23.00 -3.41 -42.64
C VAL C 175 -21.75 -4.10 -43.20
N CYS C 176 -21.64 -5.40 -42.99
CA CYS C 176 -20.48 -6.15 -43.44
C CYS C 176 -20.37 -6.16 -44.95
N HIS C 177 -19.14 -6.16 -45.44
CA HIS C 177 -18.87 -6.15 -46.87
C HIS C 177 -19.51 -7.36 -47.56
N ALA C 178 -19.74 -7.24 -48.87
CA ALA C 178 -20.41 -8.29 -49.62
C ALA C 178 -19.58 -9.59 -49.69
N LEU C 179 -18.29 -9.50 -49.37
CA LEU C 179 -17.38 -10.64 -49.44
C LEU C 179 -17.32 -11.35 -48.11
N CYS C 180 -17.91 -10.76 -47.09
CA CYS C 180 -17.94 -11.39 -45.78
C CYS C 180 -18.91 -12.56 -45.79
N SER C 181 -18.54 -13.62 -45.10
CA SER C 181 -19.46 -14.71 -44.84
C SER C 181 -20.41 -14.24 -43.74
N PRO C 182 -21.44 -15.06 -43.46
CA PRO C 182 -22.36 -14.74 -42.36
C PRO C 182 -21.72 -14.81 -40.96
N GLU C 183 -20.42 -15.08 -40.89
CA GLU C 183 -19.71 -15.10 -39.62
C GLU C 183 -19.41 -13.70 -39.08
N GLY C 184 -19.81 -12.67 -39.82
CA GLY C 184 -19.76 -11.29 -39.34
C GLY C 184 -18.51 -10.52 -39.77
N CYS C 185 -18.37 -9.30 -39.28
CA CYS C 185 -17.22 -8.46 -39.61
C CYS C 185 -16.86 -7.52 -38.45
N TRP C 186 -15.63 -7.03 -38.47
CA TRP C 186 -15.15 -6.05 -37.50
C TRP C 186 -15.19 -4.65 -38.11
N GLY C 187 -15.88 -4.51 -39.24
CA GLY C 187 -15.92 -3.25 -39.96
C GLY C 187 -16.44 -3.45 -41.37
N PRO C 188 -16.54 -2.35 -42.14
CA PRO C 188 -17.13 -2.32 -43.48
C PRO C 188 -16.23 -2.86 -44.59
N GLU C 189 -14.92 -2.99 -44.33
CA GLU C 189 -13.99 -3.43 -45.38
C GLU C 189 -13.85 -4.95 -45.47
N PRO C 190 -13.31 -5.45 -46.59
CA PRO C 190 -13.11 -6.90 -46.74
C PRO C 190 -12.13 -7.47 -45.72
N ARG C 191 -11.07 -6.73 -45.43
CA ARG C 191 -10.09 -7.15 -44.44
C ARG C 191 -10.74 -7.27 -43.05
N ASP C 192 -11.90 -6.65 -42.88
CA ASP C 192 -12.65 -6.71 -41.63
C ASP C 192 -13.53 -7.97 -41.53
N CYS C 193 -13.70 -8.69 -42.63
CA CYS C 193 -14.49 -9.93 -42.61
C CYS C 193 -13.81 -10.95 -41.71
N VAL C 194 -14.60 -11.64 -40.89
CA VAL C 194 -14.07 -12.73 -40.09
C VAL C 194 -13.58 -13.84 -41.02
N SER C 195 -14.32 -14.08 -42.08
CA SER C 195 -13.98 -15.11 -43.07
C SER C 195 -14.64 -14.76 -44.40
N CYS C 196 -13.84 -14.73 -45.45
CA CYS C 196 -14.35 -14.44 -46.79
C CYS C 196 -15.21 -15.62 -47.25
N ARG C 197 -15.97 -15.41 -48.32
CA ARG C 197 -16.84 -16.45 -48.87
C ARG C 197 -16.31 -16.92 -50.23
N GLN D 1 -6.92 1.35 -9.44
CA GLN D 1 -6.27 1.85 -8.19
C GLN D 1 -7.29 2.47 -7.23
N VAL D 2 -8.55 2.57 -7.66
CA VAL D 2 -9.62 3.07 -6.81
C VAL D 2 -10.90 2.28 -7.00
N LYS D 3 -11.49 1.84 -5.90
CA LYS D 3 -12.77 1.14 -5.92
C LYS D 3 -13.82 2.04 -5.28
N LEU D 4 -15.02 2.06 -5.87
CA LEU D 4 -16.11 2.90 -5.39
C LEU D 4 -17.36 2.08 -5.08
N GLU D 5 -17.90 2.25 -3.86
CA GLU D 5 -19.11 1.56 -3.45
C GLU D 5 -20.20 2.55 -2.99
N GLU D 6 -21.35 2.50 -3.66
CA GLU D 6 -22.47 3.40 -3.35
C GLU D 6 -23.41 2.77 -2.32
N SER D 7 -24.19 3.63 -1.67
CA SER D 7 -25.19 3.19 -0.70
C SER D 7 -26.06 4.37 -0.29
N GLY D 8 -27.08 4.09 0.53
CA GLY D 8 -27.93 5.12 1.08
C GLY D 8 -29.15 5.39 0.22
N GLY D 9 -29.31 4.61 -0.84
CA GLY D 9 -30.45 4.75 -1.72
C GLY D 9 -31.67 4.09 -1.12
N GLY D 10 -32.75 4.01 -1.89
CA GLY D 10 -33.98 3.38 -1.43
C GLY D 10 -35.21 3.97 -2.08
N SER D 11 -36.38 3.67 -1.49
CA SER D 11 -37.66 4.17 -1.98
C SER D 11 -38.19 5.23 -1.04
N VAL D 12 -38.70 6.32 -1.61
CA VAL D 12 -39.18 7.46 -0.83
C VAL D 12 -40.36 8.14 -1.52
N GLN D 13 -41.19 8.81 -0.72
CA GLN D 13 -42.33 9.56 -1.25
C GLN D 13 -41.87 10.88 -1.87
N THR D 14 -42.61 11.37 -2.86
CA THR D 14 -42.29 12.64 -3.52
C THR D 14 -42.19 13.74 -2.47
N GLY D 15 -41.16 14.57 -2.58
CA GLY D 15 -40.90 15.60 -1.57
C GLY D 15 -40.08 15.05 -0.43
N GLY D 16 -39.76 13.76 -0.49
CA GLY D 16 -38.95 13.12 0.53
C GLY D 16 -37.46 13.39 0.32
N SER D 17 -36.62 12.73 1.12
CA SER D 17 -35.19 12.95 1.06
C SER D 17 -34.39 11.65 1.10
N LEU D 18 -33.18 11.70 0.54
CA LEU D 18 -32.24 10.60 0.63
C LEU D 18 -30.82 11.16 0.67
N ARG D 19 -29.93 10.48 1.38
CA ARG D 19 -28.52 10.85 1.40
C ARG D 19 -27.67 9.68 0.91
N LEU D 20 -27.18 9.81 -0.33
CA LEU D 20 -26.34 8.77 -0.90
C LEU D 20 -24.92 8.94 -0.44
N THR D 21 -24.23 7.82 -0.30
CA THR D 21 -22.83 7.83 0.09
C THR D 21 -22.04 7.01 -0.91
N CYS D 22 -20.82 7.48 -1.20
CA CYS D 22 -19.88 6.74 -2.01
C CYS D 22 -18.62 6.55 -1.18
N ALA D 23 -18.28 5.29 -0.89
CA ALA D 23 -17.07 4.94 -0.16
C ALA D 23 -15.98 4.59 -1.17
N ALA D 24 -14.84 5.27 -1.05
CA ALA D 24 -13.70 5.05 -1.95
C ALA D 24 -12.57 4.33 -1.21
N SER D 25 -12.12 3.21 -1.77
CA SER D 25 -11.01 2.45 -1.21
C SER D 25 -9.92 2.27 -2.26
N GLY D 26 -8.70 1.98 -1.83
CA GLY D 26 -7.57 1.79 -2.72
C GLY D 26 -6.57 2.93 -2.64
N ARG D 27 -5.82 3.16 -3.72
CA ARG D 27 -4.86 4.25 -3.75
C ARG D 27 -5.62 5.56 -3.83
N THR D 28 -6.11 6.01 -2.67
CA THR D 28 -7.07 7.10 -2.59
C THR D 28 -6.47 8.41 -2.10
N SER D 29 -5.16 8.43 -1.89
CA SER D 29 -4.49 9.64 -1.39
C SER D 29 -3.86 10.41 -2.55
N ARG D 30 -4.66 10.70 -3.57
CA ARG D 30 -4.25 11.57 -4.67
C ARG D 30 -5.48 12.33 -5.17
N SER D 31 -5.27 13.25 -6.10
CA SER D 31 -6.36 14.12 -6.54
C SER D 31 -7.42 13.36 -7.33
N TYR D 32 -8.66 13.38 -6.83
CA TYR D 32 -9.80 12.87 -7.58
C TYR D 32 -10.95 13.88 -7.59
N GLY D 33 -11.38 14.27 -8.77
CA GLY D 33 -12.66 14.94 -8.92
C GLY D 33 -13.71 13.85 -8.89
N MET D 34 -14.76 14.07 -8.10
CA MET D 34 -15.79 13.05 -7.91
C MET D 34 -17.11 13.54 -8.48
N GLY D 35 -17.90 12.60 -9.01
CA GLY D 35 -19.15 12.94 -9.64
C GLY D 35 -20.23 11.90 -9.39
N TRP D 36 -21.48 12.35 -9.36
CA TRP D 36 -22.64 11.46 -9.29
C TRP D 36 -23.38 11.50 -10.61
N PHE D 37 -23.65 10.33 -11.16
CA PHE D 37 -24.42 10.22 -12.40
C PHE D 37 -25.66 9.39 -12.10
N ARG D 38 -26.61 9.40 -13.00
CA ARG D 38 -27.78 8.56 -12.85
C ARG D 38 -28.23 8.01 -14.19
N GLN D 39 -28.87 6.85 -14.15
CA GLN D 39 -29.41 6.24 -15.33
C GLN D 39 -30.81 5.73 -15.00
N ALA D 40 -31.81 6.38 -15.56
CA ALA D 40 -33.19 5.90 -15.46
C ALA D 40 -33.40 4.83 -16.53
N PRO D 41 -34.36 3.92 -16.30
CA PRO D 41 -34.60 2.83 -17.26
C PRO D 41 -34.92 3.35 -18.66
N GLY D 42 -34.17 2.90 -19.66
CA GLY D 42 -34.38 3.31 -21.04
C GLY D 42 -33.50 4.47 -21.46
N LYS D 43 -33.38 5.46 -20.57
CA LYS D 43 -32.60 6.66 -20.87
C LYS D 43 -31.08 6.42 -20.77
N GLU D 44 -30.28 7.32 -21.35
CA GLU D 44 -28.83 7.22 -21.27
C GLU D 44 -28.33 7.75 -19.91
N ARG D 45 -27.07 7.48 -19.60
CA ARG D 45 -26.51 7.89 -18.32
C ARG D 45 -26.21 9.39 -18.32
N GLU D 46 -26.63 10.08 -17.27
CA GLU D 46 -26.58 11.54 -17.26
C GLU D 46 -25.95 12.11 -15.98
N PHE D 47 -25.31 13.26 -16.14
CA PHE D 47 -24.62 13.94 -15.04
C PHE D 47 -25.62 14.52 -14.04
N VAL D 48 -25.30 14.39 -12.76
CA VAL D 48 -26.12 14.95 -11.69
C VAL D 48 -25.35 16.02 -10.93
N SER D 49 -24.23 15.65 -10.32
CA SER D 49 -23.46 16.59 -9.53
C SER D 49 -21.97 16.27 -9.57
N GLY D 50 -21.14 17.30 -9.48
CA GLY D 50 -19.71 17.13 -9.49
C GLY D 50 -19.08 17.99 -8.41
N ILE D 51 -17.91 17.55 -7.93
CA ILE D 51 -17.19 18.26 -6.89
C ILE D 51 -15.70 18.09 -7.10
N SER D 52 -14.92 19.14 -6.89
CA SER D 52 -13.48 19.10 -7.10
C SER D 52 -12.77 18.49 -5.90
N TRP D 53 -11.50 18.19 -6.08
CA TRP D 53 -10.67 17.58 -5.03
C TRP D 53 -10.69 18.38 -3.71
N ARG D 54 -10.39 19.68 -3.82
CA ARG D 54 -10.38 20.55 -2.64
C ARG D 54 -11.81 20.71 -2.08
N GLY D 55 -12.80 20.58 -2.95
CA GLY D 55 -14.20 20.59 -2.53
C GLY D 55 -14.86 21.96 -2.67
N ASP D 56 -14.11 22.92 -3.22
CA ASP D 56 -14.58 24.30 -3.29
C ASP D 56 -15.38 24.51 -4.56
N SER D 57 -14.94 23.89 -5.66
CA SER D 57 -15.66 23.95 -6.92
C SER D 57 -16.69 22.84 -6.96
N THR D 58 -17.81 23.10 -7.63
CA THR D 58 -18.98 22.26 -7.48
C THR D 58 -19.88 22.46 -8.69
N GLY D 59 -20.62 21.41 -9.05
CA GLY D 59 -21.48 21.45 -10.23
C GLY D 59 -22.77 20.70 -10.01
N TYR D 60 -23.82 21.17 -10.69
CA TYR D 60 -25.12 20.53 -10.65
C TYR D 60 -25.79 20.63 -12.02
N ALA D 61 -26.54 19.59 -12.36
CA ALA D 61 -27.34 19.61 -13.57
C ALA D 61 -28.55 20.51 -13.34
N ASP D 62 -29.09 21.08 -14.41
CA ASP D 62 -30.23 22.01 -14.31
C ASP D 62 -31.46 21.38 -13.64
N SER D 63 -31.58 20.06 -13.75
CA SER D 63 -32.77 19.38 -13.27
C SER D 63 -32.80 19.23 -11.75
N VAL D 64 -31.66 19.44 -11.09
CA VAL D 64 -31.55 19.20 -9.66
C VAL D 64 -31.00 20.42 -8.93
N LYS D 65 -30.90 21.53 -9.65
CA LYS D 65 -30.39 22.77 -9.05
C LYS D 65 -31.28 23.18 -7.87
N GLY D 66 -30.64 23.53 -6.77
CA GLY D 66 -31.34 24.05 -5.60
C GLY D 66 -31.81 22.97 -4.65
N ARG D 67 -31.90 21.74 -5.13
CA ARG D 67 -32.45 20.63 -4.34
C ARG D 67 -31.35 19.71 -3.82
N PHE D 68 -30.41 19.37 -4.68
CA PHE D 68 -29.33 18.45 -4.34
C PHE D 68 -28.10 19.21 -3.84
N THR D 69 -27.36 18.57 -2.94
CA THR D 69 -26.12 19.11 -2.43
C THR D 69 -25.04 18.03 -2.31
N ILE D 70 -23.91 18.26 -2.97
CA ILE D 70 -22.81 17.30 -2.97
C ILE D 70 -21.71 17.74 -2.00
N SER D 71 -21.02 16.77 -1.41
CA SER D 71 -19.98 17.06 -0.44
C SER D 71 -19.05 15.86 -0.32
N ARG D 72 -17.86 16.08 0.24
CA ARG D 72 -16.91 15.00 0.42
C ARG D 72 -15.99 15.21 1.62
N ASP D 73 -15.66 14.10 2.29
CA ASP D 73 -14.69 14.09 3.37
C ASP D 73 -13.50 13.24 2.92
N ASN D 74 -12.42 13.91 2.50
CA ASN D 74 -11.26 13.23 1.93
C ASN D 74 -10.50 12.38 2.96
N ALA D 75 -10.68 12.70 4.24
CA ALA D 75 -10.04 11.93 5.31
C ALA D 75 -10.75 10.60 5.49
N LYS D 76 -12.08 10.63 5.38
CA LYS D 76 -12.88 9.41 5.43
C LYS D 76 -13.04 8.80 4.03
N ASN D 77 -12.50 9.47 3.03
CA ASN D 77 -12.57 9.02 1.64
C ASN D 77 -14.00 8.78 1.19
N THR D 78 -14.85 9.77 1.39
CA THR D 78 -16.23 9.67 1.00
C THR D 78 -16.64 10.86 0.16
N VAL D 79 -17.76 10.68 -0.54
CA VAL D 79 -18.47 11.79 -1.14
C VAL D 79 -19.96 11.47 -1.00
N ASP D 80 -20.72 12.44 -0.49
CA ASP D 80 -22.14 12.25 -0.21
C ASP D 80 -22.98 13.06 -1.20
N LEU D 81 -24.24 12.68 -1.36
CA LEU D 81 -25.18 13.44 -2.17
C LEU D 81 -26.50 13.59 -1.42
N GLN D 82 -26.75 14.81 -0.93
CA GLN D 82 -27.94 15.10 -0.15
C GLN D 82 -29.07 15.45 -1.10
N MET D 83 -30.03 14.54 -1.25
CA MET D 83 -31.13 14.73 -2.19
C MET D 83 -32.39 15.18 -1.46
N ASN D 84 -32.82 16.41 -1.74
CA ASN D 84 -34.04 16.97 -1.17
C ASN D 84 -35.12 17.18 -2.22
N SER D 85 -36.37 17.30 -1.77
CA SER D 85 -37.49 17.62 -2.66
C SER D 85 -37.52 16.68 -3.86
N LEU D 86 -37.50 15.39 -3.57
CA LEU D 86 -37.43 14.37 -4.61
C LEU D 86 -38.70 14.27 -5.42
N LYS D 87 -38.52 14.00 -6.72
CA LYS D 87 -39.63 13.82 -7.64
C LYS D 87 -39.52 12.43 -8.24
N PRO D 88 -40.61 11.94 -8.84
CA PRO D 88 -40.55 10.64 -9.52
C PRO D 88 -39.54 10.62 -10.67
N GLU D 89 -39.29 11.78 -11.27
CA GLU D 89 -38.34 11.90 -12.39
C GLU D 89 -36.91 11.59 -11.93
N ASP D 90 -36.66 11.70 -10.62
CA ASP D 90 -35.35 11.42 -10.06
C ASP D 90 -35.10 9.93 -9.90
N THR D 91 -36.12 9.12 -10.25
CA THR D 91 -36.02 7.69 -10.10
C THR D 91 -35.00 7.17 -11.10
N ALA D 92 -33.96 6.51 -10.58
CA ALA D 92 -32.89 5.97 -11.41
C ALA D 92 -31.87 5.26 -10.54
N ILE D 93 -30.95 4.53 -11.17
CA ILE D 93 -29.77 4.03 -10.45
C ILE D 93 -28.72 5.15 -10.44
N TYR D 94 -28.15 5.41 -9.28
CA TYR D 94 -27.18 6.50 -9.11
C TYR D 94 -25.77 5.96 -8.96
N TYR D 95 -24.87 6.43 -9.82
CA TYR D 95 -23.50 5.95 -9.86
C TYR D 95 -22.53 6.98 -9.33
N CYS D 96 -21.62 6.53 -8.48
CA CYS D 96 -20.48 7.32 -8.04
C CYS D 96 -19.38 7.21 -9.09
N ALA D 97 -18.54 8.23 -9.22
CA ALA D 97 -17.50 8.22 -10.25
C ALA D 97 -16.32 9.10 -9.86
N ALA D 98 -15.12 8.74 -10.31
CA ALA D 98 -13.91 9.49 -9.98
C ALA D 98 -13.09 9.78 -11.23
N ALA D 99 -12.57 10.99 -11.31
CA ALA D 99 -11.71 11.40 -12.42
C ALA D 99 -10.38 11.89 -11.87
N ALA D 100 -9.30 11.21 -12.26
CA ALA D 100 -7.98 11.50 -11.74
C ALA D 100 -7.61 12.95 -12.03
N GLY D 101 -7.25 13.69 -10.98
CA GLY D 101 -6.96 15.11 -11.08
C GLY D 101 -7.79 15.87 -10.07
N SER D 102 -7.78 17.19 -10.17
CA SER D 102 -8.45 18.05 -9.18
C SER D 102 -9.86 18.43 -9.62
N ALA D 103 -10.06 18.55 -10.93
CA ALA D 103 -11.31 19.06 -11.47
C ALA D 103 -12.39 17.98 -11.51
N TRP D 104 -13.65 18.40 -11.45
CA TRP D 104 -14.78 17.53 -11.76
C TRP D 104 -15.22 17.85 -13.16
N TYR D 105 -16.01 16.95 -13.76
CA TYR D 105 -16.47 17.12 -15.14
C TYR D 105 -17.96 16.82 -15.26
N GLY D 106 -18.60 17.41 -16.26
CA GLY D 106 -20.04 17.25 -16.44
C GLY D 106 -20.39 16.22 -17.50
N THR D 107 -19.40 15.38 -17.84
CA THR D 107 -19.57 14.31 -18.82
C THR D 107 -19.02 12.99 -18.27
N LEU D 108 -19.61 11.87 -18.69
CA LEU D 108 -19.14 10.57 -18.23
C LEU D 108 -17.81 10.19 -18.89
N TYR D 109 -17.46 10.86 -19.99
CA TYR D 109 -16.31 10.46 -20.80
C TYR D 109 -14.96 10.85 -20.19
N GLU D 110 -15.00 11.64 -19.11
CA GLU D 110 -13.78 12.10 -18.46
C GLU D 110 -13.50 11.32 -17.18
N TYR D 111 -14.49 10.58 -16.70
CA TYR D 111 -14.32 9.82 -15.47
C TYR D 111 -13.64 8.47 -15.71
N ASP D 112 -12.75 8.09 -14.81
CA ASP D 112 -11.88 6.92 -15.00
C ASP D 112 -12.33 5.70 -14.20
N TYR D 113 -13.03 5.96 -13.09
CA TYR D 113 -13.51 4.90 -12.21
C TYR D 113 -14.98 5.07 -11.86
N TRP D 114 -15.69 3.94 -11.80
CA TRP D 114 -17.12 3.94 -11.52
C TRP D 114 -17.48 2.89 -10.47
N GLY D 115 -18.53 3.17 -9.69
CA GLY D 115 -19.10 2.17 -8.81
C GLY D 115 -20.17 1.37 -9.53
N GLN D 116 -20.78 0.41 -8.84
CA GLN D 116 -21.84 -0.41 -9.43
C GLN D 116 -23.21 0.24 -9.30
N GLY D 117 -23.30 1.27 -8.47
CA GLY D 117 -24.50 2.07 -8.36
C GLY D 117 -25.44 1.60 -7.27
N THR D 118 -26.38 2.47 -6.92
CA THR D 118 -27.41 2.17 -5.94
C THR D 118 -28.74 2.67 -6.48
N GLN D 119 -29.81 1.93 -6.21
CA GLN D 119 -31.12 2.23 -6.80
C GLN D 119 -31.89 3.25 -5.95
N VAL D 120 -32.41 4.26 -6.64
CA VAL D 120 -33.24 5.28 -6.02
C VAL D 120 -34.61 5.28 -6.68
N THR D 121 -35.66 5.22 -5.87
CA THR D 121 -37.03 5.19 -6.38
C THR D 121 -37.89 6.22 -5.67
N VAL D 122 -38.65 6.98 -6.46
CA VAL D 122 -39.55 7.99 -5.94
C VAL D 122 -40.94 7.79 -6.52
N SER D 123 -41.97 8.07 -5.72
CA SER D 123 -43.34 7.85 -6.15
C SER D 123 -44.34 8.51 -5.19
N SER D 124 -45.52 8.83 -5.73
CA SER D 124 -46.65 9.35 -4.95
C SER D 124 -47.87 9.45 -5.83
N LEU E 1 -26.11 23.73 -17.28
CA LEU E 1 -25.24 23.35 -16.17
C LEU E 1 -25.17 24.47 -15.13
N GLU E 2 -24.89 24.10 -13.88
CA GLU E 2 -24.91 25.04 -12.77
C GLU E 2 -23.66 24.85 -11.92
N GLU E 3 -22.67 25.74 -12.10
CA GLU E 3 -21.43 25.66 -11.35
C GLU E 3 -21.50 26.55 -10.10
N LYS E 4 -20.72 26.20 -9.09
CA LYS E 4 -20.71 26.96 -7.83
C LYS E 4 -19.31 26.93 -7.22
N LYS E 5 -18.83 28.10 -6.83
CA LYS E 5 -17.52 28.21 -6.24
C LYS E 5 -17.62 28.87 -4.86
N VAL E 6 -17.06 28.19 -3.86
CA VAL E 6 -16.97 28.74 -2.51
C VAL E 6 -15.65 29.48 -2.33
N CYS E 7 -15.72 30.63 -1.68
CA CYS E 7 -14.55 31.45 -1.40
C CYS E 7 -14.65 31.95 0.03
N ASN E 8 -13.50 32.13 0.66
CA ASN E 8 -13.47 32.66 2.02
C ASN E 8 -13.84 34.13 2.06
N GLY E 9 -14.43 34.54 3.18
CA GLY E 9 -14.78 35.93 3.40
C GLY E 9 -13.63 36.70 4.02
N ILE E 10 -13.83 38.00 4.20
CA ILE E 10 -12.83 38.83 4.86
C ILE E 10 -12.70 38.40 6.31
N GLY E 11 -11.47 38.12 6.74
CA GLY E 11 -11.22 37.67 8.10
C GLY E 11 -11.04 36.17 8.21
N ILE E 12 -10.82 35.50 7.08
CA ILE E 12 -10.52 34.06 7.08
C ILE E 12 -9.55 33.68 5.97
N GLY E 13 -8.57 32.84 6.31
CA GLY E 13 -7.69 32.24 5.34
C GLY E 13 -6.99 33.24 4.43
N GLU E 14 -7.28 33.12 3.13
CA GLU E 14 -6.69 33.97 2.10
C GLU E 14 -6.77 35.46 2.45
N PHE E 15 -7.74 35.83 3.29
CA PHE E 15 -7.93 37.20 3.72
C PHE E 15 -8.07 37.28 5.24
N LYS E 16 -7.26 36.50 5.95
CA LYS E 16 -7.38 36.39 7.39
C LYS E 16 -7.12 37.73 8.10
N ASP E 17 -6.26 38.55 7.51
CA ASP E 17 -5.82 39.80 8.15
C ASP E 17 -6.30 41.06 7.43
N SER E 18 -7.19 40.90 6.47
CA SER E 18 -7.74 42.03 5.72
C SER E 18 -8.92 42.68 6.47
N LEU E 19 -8.98 44.01 6.44
CA LEU E 19 -10.03 44.76 7.12
C LEU E 19 -11.28 44.81 6.26
N SER E 20 -11.08 44.88 4.95
CA SER E 20 -12.15 45.09 4.01
C SER E 20 -11.79 44.48 2.67
N ILE E 21 -12.80 44.28 1.82
CA ILE E 21 -12.54 44.07 0.41
C ILE E 21 -11.70 45.25 -0.04
N ASN E 22 -10.58 44.95 -0.70
CA ASN E 22 -9.66 45.99 -1.16
C ASN E 22 -9.24 45.81 -2.61
N ALA E 23 -8.40 46.73 -3.10
CA ALA E 23 -7.96 46.70 -4.49
C ALA E 23 -7.13 45.46 -4.77
N THR E 24 -6.46 44.97 -3.72
CA THR E 24 -5.57 43.83 -3.85
C THR E 24 -6.35 42.51 -3.87
N ASN E 25 -7.27 42.33 -2.92
CA ASN E 25 -7.93 41.04 -2.71
C ASN E 25 -9.18 40.81 -3.53
N ILE E 26 -9.72 41.86 -4.14
CA ILE E 26 -11.02 41.77 -4.81
C ILE E 26 -10.99 40.87 -6.04
N LYS E 27 -9.82 40.68 -6.63
CA LYS E 27 -9.67 39.83 -7.80
C LYS E 27 -9.91 38.36 -7.43
N HIS E 28 -9.57 38.00 -6.19
CA HIS E 28 -9.72 36.63 -5.72
C HIS E 28 -11.17 36.24 -5.40
N PHE E 29 -12.10 37.17 -5.63
CA PHE E 29 -13.52 36.89 -5.46
C PHE E 29 -14.16 36.56 -6.80
N LYS E 30 -13.34 36.59 -7.86
CA LYS E 30 -13.80 36.29 -9.21
C LYS E 30 -14.50 34.94 -9.25
N ASN E 31 -15.68 34.91 -9.88
CA ASN E 31 -16.42 33.68 -10.10
C ASN E 31 -16.91 32.99 -8.82
N CYS E 32 -16.73 33.64 -7.67
CA CYS E 32 -17.25 33.13 -6.41
C CYS E 32 -18.77 33.28 -6.36
N THR E 33 -19.47 32.23 -5.94
CA THR E 33 -20.93 32.26 -5.87
C THR E 33 -21.38 32.15 -4.43
N SER E 34 -20.50 31.62 -3.58
CA SER E 34 -20.81 31.46 -2.17
C SER E 34 -19.64 31.99 -1.37
N ILE E 35 -19.91 32.87 -0.41
CA ILE E 35 -18.89 33.37 0.50
C ILE E 35 -19.02 32.61 1.82
N SER E 36 -18.00 31.85 2.19
CA SER E 36 -17.99 31.23 3.51
C SER E 36 -17.33 32.17 4.51
N GLY E 37 -18.16 32.97 5.18
CA GLY E 37 -17.67 33.97 6.10
C GLY E 37 -18.37 35.29 5.85
N ASP E 38 -17.72 36.38 6.23
CA ASP E 38 -18.32 37.70 6.18
C ASP E 38 -17.75 38.50 5.01
N LEU E 39 -18.50 39.51 4.57
CA LEU E 39 -17.95 40.53 3.69
C LEU E 39 -18.02 41.87 4.42
N HIS E 40 -16.87 42.54 4.52
CA HIS E 40 -16.82 43.92 5.00
C HIS E 40 -16.40 44.81 3.84
N ILE E 41 -17.07 45.93 3.68
CA ILE E 41 -16.65 46.94 2.72
C ILE E 41 -16.55 48.28 3.44
N LEU E 42 -15.33 48.72 3.71
CA LEU E 42 -15.09 49.90 4.53
C LEU E 42 -14.45 51.06 3.74
N PRO E 43 -14.51 52.27 4.30
CA PRO E 43 -13.92 53.47 3.67
C PRO E 43 -12.46 53.32 3.23
N VAL E 44 -11.63 52.61 3.99
CA VAL E 44 -10.25 52.30 3.58
C VAL E 44 -10.14 51.71 2.20
N ALA E 45 -11.12 50.91 1.81
CA ALA E 45 -11.09 50.25 0.52
C ALA E 45 -10.91 51.29 -0.59
N PHE E 46 -11.60 52.42 -0.44
CA PHE E 46 -11.63 53.45 -1.48
C PHE E 46 -10.56 54.50 -1.22
N ARG E 47 -10.19 54.62 0.04
CA ARG E 47 -9.20 55.59 0.47
C ARG E 47 -7.81 55.12 0.07
N GLY E 48 -7.56 53.83 0.23
CA GLY E 48 -6.24 53.27 0.07
C GLY E 48 -5.60 53.13 1.44
N ASP E 49 -4.57 52.29 1.52
CA ASP E 49 -3.90 52.05 2.79
C ASP E 49 -2.42 51.71 2.58
N SER E 50 -1.56 52.71 2.67
CA SER E 50 -0.13 52.55 2.39
C SER E 50 0.54 51.63 3.42
N PHE E 51 -0.02 51.58 4.63
CA PHE E 51 0.52 50.73 5.68
C PHE E 51 0.50 49.25 5.26
N THR E 52 -0.44 48.91 4.39
CA THR E 52 -0.56 47.56 3.85
C THR E 52 -0.24 47.53 2.35
N HIS E 53 0.27 48.64 1.83
CA HIS E 53 0.63 48.74 0.41
C HIS E 53 -0.58 48.44 -0.46
N THR E 54 -1.75 48.83 0.03
CA THR E 54 -3.00 48.60 -0.67
C THR E 54 -3.43 49.89 -1.37
N PRO E 55 -3.44 49.90 -2.71
CA PRO E 55 -3.92 51.10 -3.40
C PRO E 55 -5.44 51.28 -3.26
N PRO E 56 -5.94 52.48 -3.57
CA PRO E 56 -7.40 52.69 -3.55
C PRO E 56 -8.11 51.72 -4.50
N LEU E 57 -9.36 51.40 -4.16
CA LEU E 57 -10.16 50.46 -4.95
C LEU E 57 -10.85 51.13 -6.11
N ASP E 58 -10.63 50.63 -7.31
CA ASP E 58 -11.41 51.07 -8.46
C ASP E 58 -12.85 50.56 -8.27
N PRO E 59 -13.84 51.46 -8.20
CA PRO E 59 -15.24 51.07 -8.03
C PRO E 59 -15.76 50.08 -9.09
N GLN E 60 -15.21 50.12 -10.29
CA GLN E 60 -15.68 49.24 -11.35
C GLN E 60 -15.54 47.79 -10.91
N GLU E 61 -14.56 47.54 -10.04
CA GLU E 61 -14.20 46.17 -9.67
C GLU E 61 -15.20 45.51 -8.71
N LEU E 62 -16.15 46.28 -8.20
CA LEU E 62 -17.16 45.73 -7.30
C LEU E 62 -18.09 44.79 -8.06
N ASP E 63 -18.17 44.94 -9.37
CA ASP E 63 -19.04 44.11 -10.20
C ASP E 63 -18.55 42.64 -10.27
N ILE E 64 -17.37 42.39 -9.72
CA ILE E 64 -16.88 41.03 -9.54
C ILE E 64 -17.85 40.25 -8.66
N LEU E 65 -18.55 40.99 -7.80
CA LEU E 65 -19.39 40.37 -6.78
C LEU E 65 -20.77 40.00 -7.30
N LYS E 66 -21.07 40.38 -8.54
CA LYS E 66 -22.36 40.08 -9.15
C LYS E 66 -22.67 38.58 -9.20
N THR E 67 -21.64 37.75 -9.10
CA THR E 67 -21.83 36.30 -9.13
C THR E 67 -22.17 35.73 -7.75
N VAL E 68 -22.00 36.54 -6.70
CA VAL E 68 -22.27 36.09 -5.34
C VAL E 68 -23.77 35.92 -5.08
N LYS E 69 -24.15 34.72 -4.66
CA LYS E 69 -25.55 34.37 -4.42
C LYS E 69 -25.78 34.08 -2.94
N GLU E 70 -24.72 33.71 -2.24
CA GLU E 70 -24.84 33.28 -0.86
C GLU E 70 -23.70 33.82 0.00
N ILE E 71 -24.05 34.21 1.22
CA ILE E 71 -23.07 34.61 2.23
C ILE E 71 -23.46 33.92 3.52
N THR E 72 -22.54 33.14 4.09
CA THR E 72 -22.83 32.37 5.28
C THR E 72 -22.78 33.23 6.55
N GLY E 73 -21.98 34.28 6.49
CA GLY E 73 -21.82 35.19 7.62
C GLY E 73 -22.71 36.41 7.44
N PHE E 74 -22.13 37.59 7.60
CA PHE E 74 -22.88 38.83 7.42
C PHE E 74 -22.34 39.68 6.28
N LEU E 75 -23.17 40.63 5.85
CA LEU E 75 -22.79 41.61 4.86
C LEU E 75 -22.79 42.98 5.53
N LEU E 76 -21.62 43.62 5.59
CA LEU E 76 -21.49 44.94 6.19
C LEU E 76 -20.95 45.89 5.15
N ILE E 77 -21.76 46.89 4.79
CA ILE E 77 -21.36 47.89 3.82
C ILE E 77 -21.44 49.24 4.50
N GLN E 78 -20.28 49.84 4.70
CA GLN E 78 -20.13 51.08 5.46
C GLN E 78 -19.54 52.16 4.58
N ALA E 79 -19.36 51.83 3.31
CA ALA E 79 -18.80 52.76 2.34
C ALA E 79 -19.13 52.26 0.95
N TRP E 80 -19.42 53.18 0.04
CA TRP E 80 -19.85 52.85 -1.30
C TRP E 80 -19.59 54.07 -2.18
N PRO E 81 -19.15 53.86 -3.43
CA PRO E 81 -18.88 54.99 -4.34
C PRO E 81 -20.09 55.90 -4.53
N GLU E 82 -19.86 57.21 -4.51
CA GLU E 82 -20.94 58.19 -4.53
C GLU E 82 -21.79 58.07 -5.79
N ASN E 83 -21.17 57.78 -6.93
CA ASN E 83 -21.87 57.75 -8.21
C ASN E 83 -22.62 56.44 -8.47
N ARG E 84 -22.84 55.66 -7.43
CA ARG E 84 -23.66 54.45 -7.52
C ARG E 84 -24.95 54.65 -6.76
N THR E 85 -26.08 54.55 -7.47
CA THR E 85 -27.38 54.81 -6.88
C THR E 85 -27.87 53.63 -6.04
N ASP E 86 -27.29 52.45 -6.25
CA ASP E 86 -27.71 51.25 -5.54
C ASP E 86 -26.59 50.22 -5.36
N LEU E 87 -26.93 49.14 -4.67
CA LEU E 87 -26.01 48.02 -4.47
C LEU E 87 -26.16 47.04 -5.61
N HIS E 88 -25.98 47.53 -6.83
CA HIS E 88 -26.08 46.73 -8.05
C HIS E 88 -25.20 45.49 -7.95
N ALA E 89 -24.05 45.65 -7.33
CA ALA E 89 -23.05 44.58 -7.23
C ALA E 89 -23.63 43.33 -6.59
N PHE E 90 -24.64 43.51 -5.76
CA PHE E 90 -25.28 42.38 -5.07
C PHE E 90 -26.69 42.14 -5.59
N GLU E 91 -26.93 42.48 -6.85
CA GLU E 91 -28.26 42.28 -7.44
C GLU E 91 -28.67 40.81 -7.49
N ASN E 92 -27.70 39.91 -7.28
CA ASN E 92 -27.95 38.47 -7.39
C ASN E 92 -27.77 37.74 -6.05
N LEU E 93 -27.62 38.50 -4.98
CA LEU E 93 -27.50 37.91 -3.65
C LEU E 93 -28.86 37.38 -3.20
N GLU E 94 -28.93 36.09 -2.86
CA GLU E 94 -30.19 35.44 -2.51
C GLU E 94 -30.29 35.12 -1.02
N ILE E 95 -29.17 34.72 -0.42
CA ILE E 95 -29.17 34.26 0.96
C ILE E 95 -28.08 34.93 1.79
N ILE E 96 -28.47 35.39 2.97
CA ILE E 96 -27.53 35.76 4.02
C ILE E 96 -27.91 34.93 5.24
N ARG E 97 -27.02 34.04 5.64
CA ARG E 97 -27.35 33.08 6.71
C ARG E 97 -27.18 33.66 8.12
N GLY E 98 -26.13 34.44 8.33
CA GLY E 98 -25.92 35.09 9.61
C GLY E 98 -25.35 34.18 10.69
N ARG E 99 -24.57 33.18 10.29
CA ARG E 99 -23.93 32.29 11.25
C ARG E 99 -23.00 33.11 12.14
N THR E 100 -22.28 34.02 11.50
CA THR E 100 -21.52 35.05 12.20
C THR E 100 -22.27 36.36 12.01
N LYS E 101 -22.14 37.26 12.97
CA LYS E 101 -22.89 38.52 12.96
C LYS E 101 -22.01 39.66 13.41
N GLN E 102 -22.19 40.83 12.79
CA GLN E 102 -21.41 41.99 13.15
C GLN E 102 -21.82 42.46 14.54
N HIS E 103 -20.85 42.65 15.42
CA HIS E 103 -21.13 43.01 16.81
C HIS E 103 -22.03 41.95 17.45
N GLY E 104 -22.01 40.75 16.88
CA GLY E 104 -22.78 39.64 17.40
C GLY E 104 -24.28 39.81 17.19
N GLN E 105 -24.66 40.79 16.39
CA GLN E 105 -26.07 41.19 16.27
C GLN E 105 -26.60 41.27 14.83
N PHE E 106 -25.89 42.00 13.97
CA PHE E 106 -26.38 42.29 12.62
C PHE E 106 -25.81 41.37 11.53
N SER E 107 -26.71 40.83 10.71
CA SER E 107 -26.33 39.96 9.60
C SER E 107 -26.32 40.74 8.29
N LEU E 108 -27.10 41.81 8.22
CA LEU E 108 -27.05 42.74 7.10
C LEU E 108 -26.92 44.15 7.66
N ALA E 109 -25.98 44.94 7.15
CA ALA E 109 -25.76 46.28 7.67
C ALA E 109 -25.37 47.23 6.55
N VAL E 110 -26.28 48.12 6.19
CA VAL E 110 -26.04 49.11 5.16
C VAL E 110 -26.02 50.46 5.86
N VAL E 111 -24.83 51.01 6.06
CA VAL E 111 -24.69 52.21 6.87
C VAL E 111 -23.98 53.35 6.14
N SER E 112 -24.54 54.55 6.25
CA SER E 112 -23.85 55.77 5.88
C SER E 112 -23.43 55.82 4.41
N LEU E 113 -24.36 55.45 3.52
CA LEU E 113 -24.09 55.49 2.07
C LEU E 113 -24.90 56.61 1.42
N ASN E 114 -24.59 56.94 0.17
CA ASN E 114 -25.29 57.99 -0.56
C ASN E 114 -26.28 57.42 -1.57
N ILE E 115 -26.54 56.12 -1.46
CA ILE E 115 -27.42 55.44 -2.41
C ILE E 115 -28.88 55.88 -2.26
N THR E 116 -29.66 55.65 -3.32
CA THR E 116 -31.09 55.99 -3.32
C THR E 116 -31.97 54.78 -3.11
N SER E 117 -31.45 53.61 -3.46
CA SER E 117 -32.18 52.36 -3.30
C SER E 117 -31.20 51.23 -3.02
N LEU E 118 -31.61 50.27 -2.20
CA LEU E 118 -30.77 49.13 -1.90
C LEU E 118 -30.49 48.30 -3.16
N GLY E 119 -31.55 47.90 -3.85
CA GLY E 119 -31.42 47.16 -5.09
C GLY E 119 -30.98 45.72 -4.87
N LEU E 120 -31.38 45.14 -3.75
CA LEU E 120 -31.10 43.74 -3.47
C LEU E 120 -32.25 42.89 -3.99
N ARG E 121 -32.50 42.96 -5.30
CA ARG E 121 -33.71 42.38 -5.90
C ARG E 121 -33.71 40.84 -6.05
N SER E 122 -32.75 40.19 -5.41
CA SER E 122 -32.67 38.73 -5.41
C SER E 122 -32.70 38.20 -3.98
N LEU E 123 -32.57 39.12 -3.01
CA LEU E 123 -32.53 38.74 -1.60
C LEU E 123 -33.87 38.15 -1.17
N LYS E 124 -33.86 36.85 -0.87
CA LYS E 124 -35.08 36.12 -0.56
C LYS E 124 -35.06 35.54 0.85
N GLU E 125 -33.88 35.53 1.49
CA GLU E 125 -33.74 34.91 2.80
C GLU E 125 -32.61 35.51 3.65
N ILE E 126 -32.95 35.89 4.88
CA ILE E 126 -31.96 36.24 5.90
C ILE E 126 -32.17 35.32 7.10
N SER E 127 -31.42 34.23 7.15
CA SER E 127 -31.73 33.11 8.03
C SER E 127 -31.65 33.47 9.51
N ASP E 128 -30.67 34.29 9.87
CA ASP E 128 -30.53 34.72 11.26
C ASP E 128 -29.91 36.12 11.29
N GLY E 129 -30.01 36.78 12.44
CA GLY E 129 -29.36 38.07 12.65
C GLY E 129 -30.26 39.24 12.33
N ASP E 130 -29.96 40.39 12.91
CA ASP E 130 -30.78 41.59 12.75
C ASP E 130 -30.36 42.34 11.48
N VAL E 131 -31.13 43.38 11.15
CA VAL E 131 -30.86 44.19 9.97
C VAL E 131 -30.80 45.64 10.39
N ILE E 132 -29.68 46.30 10.11
CA ILE E 132 -29.54 47.73 10.38
C ILE E 132 -29.33 48.48 9.08
N ILE E 133 -30.10 49.53 8.87
CA ILE E 133 -29.97 50.35 7.67
C ILE E 133 -30.16 51.80 8.11
N SER E 134 -29.05 52.53 8.26
CA SER E 134 -29.13 53.89 8.78
C SER E 134 -28.03 54.80 8.27
N GLY E 135 -28.34 56.09 8.23
CA GLY E 135 -27.34 57.09 7.86
C GLY E 135 -27.33 57.32 6.37
N ASN E 136 -28.25 56.68 5.66
CA ASN E 136 -28.33 56.79 4.20
C ASN E 136 -29.34 57.86 3.82
N LYS E 137 -28.84 59.10 3.77
CA LYS E 137 -29.68 60.30 3.68
C LYS E 137 -30.55 60.38 2.43
N ASN E 138 -30.16 59.65 1.38
CA ASN E 138 -30.91 59.66 0.12
C ASN E 138 -31.71 58.37 -0.10
N LEU E 139 -31.61 57.45 0.84
CA LEU E 139 -32.17 56.11 0.67
C LEU E 139 -33.68 56.07 0.89
N CYS E 140 -34.40 55.62 -0.13
CA CYS E 140 -35.84 55.37 -0.04
C CYS E 140 -36.11 53.87 -0.10
N TYR E 141 -37.39 53.52 -0.13
CA TYR E 141 -37.85 52.15 -0.36
C TYR E 141 -37.58 51.18 0.79
N ALA E 142 -36.58 51.47 1.62
CA ALA E 142 -36.12 50.51 2.62
C ALA E 142 -37.23 50.09 3.61
N ASN E 143 -38.17 50.99 3.86
CA ASN E 143 -39.23 50.71 4.84
C ASN E 143 -40.43 49.96 4.26
N THR E 144 -40.46 49.81 2.94
CA THR E 144 -41.55 49.13 2.27
C THR E 144 -41.41 47.62 2.42
N ILE E 145 -40.18 47.15 2.61
CA ILE E 145 -39.91 45.71 2.62
C ILE E 145 -40.61 45.02 3.79
N ASN E 146 -41.26 43.91 3.47
CA ASN E 146 -41.86 43.04 4.46
C ASN E 146 -40.78 42.08 4.96
N TRP E 147 -40.06 42.49 6.00
CA TRP E 147 -38.86 41.78 6.46
C TRP E 147 -39.18 40.42 7.08
N LYS E 148 -40.41 40.28 7.58
CA LYS E 148 -40.82 39.03 8.20
C LYS E 148 -40.76 37.87 7.20
N LYS E 149 -40.88 38.19 5.91
CA LYS E 149 -40.91 37.16 4.88
C LYS E 149 -39.50 36.63 4.60
N LEU E 150 -38.49 37.41 4.98
CA LEU E 150 -37.10 37.06 4.68
C LEU E 150 -36.43 36.43 5.88
N PHE E 151 -36.95 36.74 7.07
CA PHE E 151 -36.39 36.22 8.30
C PHE E 151 -36.61 34.71 8.41
N GLY E 152 -35.83 34.08 9.29
CA GLY E 152 -35.85 32.64 9.45
C GLY E 152 -36.00 32.20 10.90
N THR E 153 -35.53 33.04 11.83
CA THR E 153 -35.57 32.72 13.26
C THR E 153 -36.49 33.66 14.05
N SER E 154 -36.66 33.37 15.34
CA SER E 154 -37.74 33.94 16.14
C SER E 154 -37.67 35.48 16.27
N GLY E 155 -36.58 35.97 16.86
CA GLY E 155 -36.51 37.35 17.27
C GLY E 155 -35.61 38.22 16.42
N GLN E 156 -35.69 38.06 15.10
CA GLN E 156 -34.96 38.93 14.20
C GLN E 156 -35.68 40.27 14.09
N LYS E 157 -34.99 41.33 14.51
CA LYS E 157 -35.56 42.67 14.49
C LYS E 157 -34.84 43.54 13.47
N THR E 158 -35.28 44.79 13.34
CA THR E 158 -34.90 45.65 12.24
C THR E 158 -34.68 47.07 12.74
N LYS E 159 -33.48 47.61 12.50
CA LYS E 159 -33.18 48.99 12.86
C LYS E 159 -33.00 49.81 11.59
N ILE E 160 -34.10 50.37 11.08
CA ILE E 160 -34.07 51.23 9.90
C ILE E 160 -34.46 52.65 10.27
N ILE E 161 -33.48 53.54 10.31
CA ILE E 161 -33.69 54.89 10.78
C ILE E 161 -32.75 55.89 10.14
N SER E 162 -33.06 57.17 10.28
CA SER E 162 -32.18 58.25 9.85
C SER E 162 -31.77 58.11 8.40
N ASN E 163 -32.64 57.52 7.58
CA ASN E 163 -32.48 57.53 6.13
C ASN E 163 -33.25 58.71 5.56
N ARG E 164 -33.69 58.61 4.32
CA ARG E 164 -34.57 59.64 3.78
C ARG E 164 -36.00 59.34 4.24
N GLY E 165 -36.75 60.38 4.57
CA GLY E 165 -38.10 60.21 5.08
C GLY E 165 -39.09 59.75 4.02
N GLU E 166 -40.02 58.88 4.41
CA GLU E 166 -41.08 58.39 3.51
C GLU E 166 -41.81 59.58 2.90
N ASN E 167 -42.02 60.59 3.73
CA ASN E 167 -42.59 61.86 3.30
C ASN E 167 -41.91 62.37 2.03
N SER E 168 -40.62 62.65 2.12
CA SER E 168 -39.90 63.25 1.01
C SER E 168 -39.79 62.25 -0.14
N CYS E 169 -39.61 60.98 0.17
CA CYS E 169 -39.51 59.94 -0.85
C CYS E 169 -40.79 59.87 -1.66
N LYS E 170 -41.92 59.89 -0.96
CA LYS E 170 -43.22 59.83 -1.62
C LYS E 170 -43.43 61.08 -2.46
N ALA E 171 -42.91 62.21 -1.98
CA ALA E 171 -43.11 63.50 -2.65
C ALA E 171 -42.28 63.63 -3.93
N THR E 172 -41.28 62.75 -4.10
CA THR E 172 -40.42 62.75 -5.29
C THR E 172 -40.72 61.54 -6.19
N GLY E 173 -41.77 60.80 -5.85
CA GLY E 173 -42.21 59.69 -6.67
C GLY E 173 -41.44 58.41 -6.42
N GLN E 174 -40.53 58.45 -5.45
CA GLN E 174 -39.72 57.29 -5.12
C GLN E 174 -40.51 56.31 -4.26
N VAL E 175 -41.33 55.50 -4.92
CA VAL E 175 -42.17 54.53 -4.26
C VAL E 175 -42.28 53.28 -5.11
N CYS E 176 -42.78 52.21 -4.50
CA CYS E 176 -42.85 50.93 -5.18
C CYS E 176 -43.72 51.00 -6.43
N HIS E 177 -43.34 50.22 -7.44
CA HIS E 177 -44.08 50.17 -8.69
C HIS E 177 -45.51 49.74 -8.45
N ALA E 178 -46.41 50.12 -9.34
CA ALA E 178 -47.81 49.73 -9.20
C ALA E 178 -47.96 48.21 -9.12
N LEU E 179 -47.15 47.51 -9.91
CA LEU E 179 -47.21 46.05 -10.00
C LEU E 179 -46.72 45.35 -8.74
N CYS E 180 -46.03 46.07 -7.86
CA CYS E 180 -45.56 45.47 -6.63
C CYS E 180 -46.72 45.14 -5.71
N SER E 181 -46.57 44.05 -4.97
CA SER E 181 -47.51 43.71 -3.93
C SER E 181 -47.20 44.57 -2.70
N PRO E 182 -47.99 44.41 -1.63
CA PRO E 182 -47.74 45.14 -0.38
C PRO E 182 -46.48 44.71 0.35
N GLU E 183 -45.70 43.81 -0.25
CA GLU E 183 -44.51 43.29 0.41
C GLU E 183 -43.28 44.19 0.20
N GLY E 184 -43.43 45.22 -0.62
CA GLY E 184 -42.39 46.23 -0.77
C GLY E 184 -41.56 46.10 -2.03
N CYS E 185 -40.45 46.84 -2.07
CA CYS E 185 -39.62 46.87 -3.25
C CYS E 185 -38.22 47.36 -2.90
N TRP E 186 -37.24 46.90 -3.68
CA TRP E 186 -35.84 47.34 -3.52
C TRP E 186 -35.55 48.56 -4.38
N GLY E 187 -36.58 49.06 -5.07
CA GLY E 187 -36.40 50.16 -6.00
C GLY E 187 -37.72 50.45 -6.72
N PRO E 188 -37.68 51.36 -7.71
CA PRO E 188 -38.87 51.84 -8.42
C PRO E 188 -39.35 50.96 -9.57
N GLU E 189 -38.62 49.90 -9.91
CA GLU E 189 -38.96 49.08 -11.07
C GLU E 189 -39.75 47.83 -10.70
N PRO E 190 -40.44 47.22 -11.68
CA PRO E 190 -41.11 45.94 -11.45
C PRO E 190 -40.14 44.85 -10.97
N ARG E 191 -38.95 44.82 -11.57
CA ARG E 191 -37.92 43.84 -11.21
C ARG E 191 -37.50 44.01 -9.74
N ASP E 192 -37.87 45.14 -9.13
CA ASP E 192 -37.48 45.45 -7.76
C ASP E 192 -38.52 45.00 -6.74
N CYS E 193 -39.67 44.53 -7.21
CA CYS E 193 -40.72 44.07 -6.30
C CYS E 193 -40.27 42.83 -5.54
N VAL E 194 -40.63 42.75 -4.27
CA VAL E 194 -40.41 41.54 -3.49
C VAL E 194 -41.29 40.41 -4.06
N SER E 195 -42.50 40.77 -4.45
CA SER E 195 -43.42 39.86 -5.14
C SER E 195 -44.41 40.69 -5.94
N CYS E 196 -44.81 40.21 -7.11
CA CYS E 196 -45.74 40.95 -7.96
C CYS E 196 -47.20 40.71 -7.53
N ARG E 197 -48.10 41.58 -7.95
CA ARG E 197 -49.53 41.47 -7.62
C ARG E 197 -50.28 40.72 -8.71
N GLN F 1 -11.01 44.06 12.65
CA GLN F 1 -9.79 43.68 13.43
C GLN F 1 -9.54 44.64 14.59
N VAL F 2 -10.49 45.54 14.83
CA VAL F 2 -10.43 46.45 15.97
C VAL F 2 -11.81 46.72 16.57
N LYS F 3 -11.95 46.48 17.87
CA LYS F 3 -13.18 46.79 18.59
C LYS F 3 -12.88 47.94 19.54
N LEU F 4 -13.87 48.81 19.73
CA LEU F 4 -13.71 49.99 20.57
C LEU F 4 -14.76 50.03 21.68
N GLU F 5 -14.33 50.35 22.90
CA GLU F 5 -15.21 50.41 24.05
C GLU F 5 -15.08 51.74 24.77
N GLU F 6 -16.15 52.52 24.77
CA GLU F 6 -16.16 53.81 25.46
C GLU F 6 -16.44 53.62 26.94
N SER F 7 -15.75 54.40 27.77
CA SER F 7 -16.07 54.46 29.19
C SER F 7 -15.65 55.83 29.72
N GLY F 8 -16.34 56.30 30.76
CA GLY F 8 -15.97 57.55 31.40
C GLY F 8 -17.06 58.59 31.29
N GLY F 9 -18.21 58.18 30.77
CA GLY F 9 -19.35 59.08 30.66
C GLY F 9 -20.18 59.09 31.92
N GLY F 10 -21.13 60.03 31.99
CA GLY F 10 -22.01 60.13 33.14
C GLY F 10 -22.80 61.41 33.12
N SER F 11 -23.39 61.76 34.28
CA SER F 11 -24.15 62.99 34.43
C SER F 11 -23.29 64.08 35.06
N VAL F 12 -23.60 65.33 34.72
CA VAL F 12 -22.74 66.45 35.08
C VAL F 12 -23.52 67.76 35.25
N GLN F 13 -23.01 68.62 36.13
CA GLN F 13 -23.54 69.96 36.32
C GLN F 13 -22.85 70.91 35.35
N THR F 14 -23.62 71.85 34.80
CA THR F 14 -23.17 72.76 33.75
C THR F 14 -21.72 73.28 33.82
N GLY F 15 -21.13 73.30 35.01
CA GLY F 15 -19.75 73.74 35.15
C GLY F 15 -18.76 72.60 35.22
N GLY F 16 -19.25 71.37 35.10
CA GLY F 16 -18.49 70.18 35.42
C GLY F 16 -17.53 69.71 34.34
N SER F 17 -16.78 68.66 34.68
CA SER F 17 -15.70 68.16 33.83
C SER F 17 -15.79 66.64 33.65
N LEU F 18 -15.53 66.17 32.44
CA LEU F 18 -15.53 64.74 32.13
C LEU F 18 -14.27 64.31 31.38
N ARG F 19 -14.02 63.00 31.40
CA ARG F 19 -12.90 62.44 30.67
C ARG F 19 -13.29 61.07 30.08
N LEU F 20 -13.71 61.09 28.81
CA LEU F 20 -14.08 59.87 28.11
C LEU F 20 -12.81 59.14 27.66
N THR F 21 -12.80 57.82 27.82
CA THR F 21 -11.73 56.99 27.30
C THR F 21 -12.29 56.00 26.30
N CYS F 22 -11.44 55.59 25.38
CA CYS F 22 -11.81 54.59 24.39
C CYS F 22 -10.70 53.54 24.36
N ALA F 23 -11.02 52.34 24.81
CA ALA F 23 -10.07 51.23 24.81
C ALA F 23 -10.21 50.46 23.50
N ALA F 24 -9.07 50.21 22.85
CA ALA F 24 -9.07 49.50 21.57
C ALA F 24 -8.49 48.10 21.77
N SER F 25 -9.18 47.12 21.21
CA SER F 25 -8.76 45.71 21.26
C SER F 25 -8.77 45.17 19.84
N GLY F 26 -8.07 44.06 19.63
CA GLY F 26 -7.96 43.46 18.31
C GLY F 26 -6.61 43.78 17.70
N ARG F 27 -6.46 43.57 16.40
CA ARG F 27 -5.22 43.92 15.72
C ARG F 27 -5.02 45.43 15.90
N THR F 28 -4.52 45.80 17.07
CA THR F 28 -4.41 47.19 17.48
C THR F 28 -3.00 47.74 17.26
N SER F 29 -2.17 46.99 16.57
CA SER F 29 -0.78 47.37 16.35
C SER F 29 -0.58 47.79 14.89
N ARG F 30 -1.27 48.84 14.49
CA ARG F 30 -1.11 49.41 13.16
C ARG F 30 -1.70 50.82 13.15
N SER F 31 -1.43 51.57 12.09
CA SER F 31 -1.80 52.98 12.04
C SER F 31 -3.33 53.17 12.09
N TYR F 32 -3.79 53.91 13.09
CA TYR F 32 -5.21 54.26 13.21
C TYR F 32 -5.36 55.72 13.60
N GLY F 33 -6.02 56.50 12.76
CA GLY F 33 -6.46 57.82 13.15
C GLY F 33 -7.70 57.59 14.02
N MET F 34 -7.76 58.26 15.17
CA MET F 34 -8.86 58.07 16.11
C MET F 34 -9.66 59.35 16.23
N GLY F 35 -10.99 59.21 16.29
CA GLY F 35 -11.88 60.35 16.38
C GLY F 35 -12.98 60.16 17.41
N TRP F 36 -13.50 61.27 17.93
CA TRP F 36 -14.65 61.26 18.81
C TRP F 36 -15.82 61.92 18.09
N PHE F 37 -16.97 61.29 18.12
CA PHE F 37 -18.20 61.87 17.61
C PHE F 37 -19.24 61.87 18.71
N ARG F 38 -20.29 62.66 18.54
CA ARG F 38 -21.40 62.65 19.48
C ARG F 38 -22.72 62.78 18.74
N GLN F 39 -23.76 62.20 19.34
CA GLN F 39 -25.09 62.27 18.75
C GLN F 39 -26.08 62.70 19.82
N ALA F 40 -26.69 63.86 19.58
CA ALA F 40 -27.74 64.38 20.45
C ALA F 40 -29.10 63.98 19.88
N PRO F 41 -30.12 63.89 20.75
CA PRO F 41 -31.49 63.58 20.30
C PRO F 41 -31.96 64.44 19.13
N GLY F 42 -32.49 63.79 18.10
CA GLY F 42 -32.97 64.48 16.92
C GLY F 42 -31.84 64.80 15.95
N LYS F 43 -30.77 65.40 16.48
CA LYS F 43 -29.64 65.83 15.67
C LYS F 43 -28.88 64.64 15.06
N GLU F 44 -28.06 64.93 14.04
CA GLU F 44 -27.26 63.91 13.39
C GLU F 44 -25.98 63.61 14.18
N ARG F 45 -25.19 62.65 13.71
CA ARG F 45 -23.95 62.28 14.36
C ARG F 45 -22.83 63.24 13.94
N GLU F 46 -22.35 64.05 14.88
CA GLU F 46 -21.43 65.14 14.57
C GLU F 46 -20.02 64.88 15.12
N PHE F 47 -19.04 65.44 14.41
CA PHE F 47 -17.64 65.32 14.78
C PHE F 47 -17.28 66.23 15.96
N VAL F 48 -16.49 65.69 16.89
CA VAL F 48 -16.04 66.43 18.07
C VAL F 48 -14.55 66.73 17.96
N SER F 49 -13.74 65.68 17.98
CA SER F 49 -12.29 65.81 17.94
C SER F 49 -11.66 64.62 17.22
N GLY F 50 -10.43 64.79 16.75
CA GLY F 50 -9.70 63.74 16.07
C GLY F 50 -8.22 63.81 16.41
N ILE F 51 -7.53 62.69 16.27
CA ILE F 51 -6.09 62.63 16.52
C ILE F 51 -5.40 61.62 15.63
N SER F 52 -4.19 61.96 15.18
CA SER F 52 -3.43 61.11 14.27
C SER F 52 -2.70 60.00 15.02
N TRP F 53 -2.17 59.04 14.27
CA TRP F 53 -1.55 57.85 14.85
C TRP F 53 -0.43 58.17 15.83
N ARG F 54 0.53 58.99 15.39
CA ARG F 54 1.65 59.39 16.24
C ARG F 54 1.24 60.51 17.20
N GLY F 55 0.05 61.07 16.99
CA GLY F 55 -0.55 62.01 17.92
C GLY F 55 -0.15 63.45 17.72
N ASP F 56 0.65 63.72 16.70
CA ASP F 56 1.19 65.06 16.48
C ASP F 56 0.12 66.01 15.94
N SER F 57 -0.80 65.47 15.15
CA SER F 57 -1.89 66.27 14.58
C SER F 57 -3.22 66.01 15.28
N THR F 58 -3.93 67.08 15.62
CA THR F 58 -5.20 66.99 16.31
C THR F 58 -6.19 67.97 15.71
N GLY F 59 -7.47 67.72 15.96
CA GLY F 59 -8.54 68.55 15.44
C GLY F 59 -9.69 68.66 16.42
N TYR F 60 -10.41 69.78 16.34
CA TYR F 60 -11.56 70.00 17.21
C TYR F 60 -12.63 70.71 16.42
N ALA F 61 -13.89 70.40 16.76
CA ALA F 61 -15.01 71.13 16.20
C ALA F 61 -15.02 72.50 16.84
N ASP F 62 -15.43 73.52 16.08
CA ASP F 62 -15.47 74.90 16.58
C ASP F 62 -16.24 74.97 17.89
N SER F 63 -17.26 74.13 18.02
CA SER F 63 -18.16 74.16 19.17
C SER F 63 -17.46 73.83 20.49
N VAL F 64 -16.33 73.12 20.41
CA VAL F 64 -15.64 72.64 21.62
C VAL F 64 -14.16 73.03 21.67
N LYS F 65 -13.76 73.95 20.79
CA LYS F 65 -12.38 74.46 20.80
C LYS F 65 -12.08 75.11 22.15
N GLY F 66 -10.90 74.83 22.70
CA GLY F 66 -10.49 75.41 23.96
C GLY F 66 -10.99 74.66 25.17
N ARG F 67 -12.18 74.09 25.06
CA ARG F 67 -12.80 73.37 26.19
C ARG F 67 -12.36 71.91 26.25
N PHE F 68 -12.30 71.28 25.09
CA PHE F 68 -11.97 69.86 25.00
C PHE F 68 -10.53 69.65 24.60
N THR F 69 -9.95 68.54 25.06
CA THR F 69 -8.59 68.16 24.66
C THR F 69 -8.50 66.65 24.46
N ILE F 70 -8.02 66.25 23.29
CA ILE F 70 -7.91 64.84 22.94
C ILE F 70 -6.46 64.37 23.09
N SER F 71 -6.27 63.09 23.34
CA SER F 71 -4.93 62.51 23.49
C SER F 71 -5.01 60.99 23.39
N ARG F 72 -3.87 60.33 23.25
CA ARG F 72 -3.86 58.87 23.19
C ARG F 72 -2.54 58.25 23.66
N ASP F 73 -2.61 56.97 23.98
CA ASP F 73 -1.46 56.21 24.46
C ASP F 73 -1.45 54.84 23.78
N ASN F 74 -0.78 54.75 22.65
CA ASN F 74 -0.75 53.54 21.84
C ASN F 74 -0.15 52.34 22.57
N ALA F 75 0.63 52.61 23.61
CA ALA F 75 1.20 51.53 24.41
C ALA F 75 0.05 50.87 25.17
N LYS F 76 -0.69 51.68 25.94
CA LYS F 76 -1.84 51.19 26.69
C LYS F 76 -3.05 51.01 25.77
N ASN F 77 -2.88 51.39 24.51
CA ASN F 77 -3.94 51.25 23.50
C ASN F 77 -5.23 51.95 23.92
N THR F 78 -5.14 53.27 24.08
CA THR F 78 -6.29 54.07 24.49
C THR F 78 -6.23 55.45 23.86
N VAL F 79 -7.39 56.07 23.75
CA VAL F 79 -7.49 57.46 23.33
C VAL F 79 -8.51 58.16 24.23
N ASP F 80 -8.09 59.27 24.84
CA ASP F 80 -8.90 59.97 25.84
C ASP F 80 -9.41 61.31 25.31
N LEU F 81 -10.49 61.79 25.91
CA LEU F 81 -11.08 63.06 25.53
C LEU F 81 -11.46 63.83 26.79
N GLN F 82 -10.63 64.80 27.17
CA GLN F 82 -10.91 65.62 28.33
C GLN F 82 -11.95 66.67 27.98
N MET F 83 -13.01 66.72 28.77
CA MET F 83 -14.14 67.61 28.51
C MET F 83 -14.35 68.57 29.68
N ASN F 84 -14.15 69.85 29.44
CA ASN F 84 -14.26 70.87 30.48
C ASN F 84 -15.29 71.93 30.13
N SER F 85 -15.85 72.58 31.16
CA SER F 85 -16.81 73.67 30.97
C SER F 85 -18.00 73.18 30.15
N LEU F 86 -18.69 72.16 30.66
CA LEU F 86 -19.70 71.45 29.89
C LEU F 86 -21.06 72.13 29.88
N LYS F 87 -21.37 72.84 28.79
CA LYS F 87 -22.70 73.41 28.61
C LYS F 87 -23.73 72.28 28.38
N PRO F 88 -25.02 72.53 28.72
CA PRO F 88 -26.03 71.48 28.54
C PRO F 88 -26.20 71.08 27.07
N GLU F 89 -25.74 71.93 26.16
CA GLU F 89 -25.81 71.64 24.72
C GLU F 89 -24.75 70.61 24.29
N ASP F 90 -24.07 70.01 25.27
CA ASP F 90 -23.10 68.95 25.04
C ASP F 90 -23.60 67.63 25.63
N THR F 91 -24.90 67.57 25.88
CA THR F 91 -25.54 66.33 26.29
C THR F 91 -25.74 65.50 25.03
N ALA F 92 -25.18 64.30 25.02
CA ALA F 92 -25.29 63.41 23.87
C ALA F 92 -24.68 62.06 24.18
N ILE F 93 -24.78 61.15 23.21
CA ILE F 93 -24.03 59.90 23.25
C ILE F 93 -22.74 60.12 22.50
N TYR F 94 -21.62 59.93 23.18
CA TYR F 94 -20.30 60.13 22.57
C TYR F 94 -19.74 58.81 22.03
N TYR F 95 -19.44 58.80 20.74
CA TYR F 95 -18.90 57.61 20.08
C TYR F 95 -17.40 57.76 19.84
N CYS F 96 -16.69 56.65 20.00
CA CYS F 96 -15.29 56.55 19.62
C CYS F 96 -15.23 55.93 18.22
N ALA F 97 -14.19 56.27 17.46
CA ALA F 97 -14.08 55.76 16.09
C ALA F 97 -12.63 55.70 15.61
N ALA F 98 -12.34 54.70 14.79
CA ALA F 98 -11.00 54.49 14.26
C ALA F 98 -11.03 54.47 12.73
N ALA F 99 -10.00 55.06 12.13
CA ALA F 99 -9.84 55.04 10.67
C ALA F 99 -8.45 54.54 10.34
N ALA F 100 -8.37 53.42 9.63
CA ALA F 100 -7.08 52.78 9.38
C ALA F 100 -6.20 53.67 8.52
N GLY F 101 -5.04 54.03 9.07
CA GLY F 101 -4.15 54.97 8.44
C GLY F 101 -3.61 55.89 9.52
N SER F 102 -2.85 56.91 9.12
CA SER F 102 -2.18 57.76 10.10
C SER F 102 -3.01 58.98 10.47
N ALA F 103 -3.79 59.47 9.51
CA ALA F 103 -4.51 60.72 9.71
C ALA F 103 -5.87 60.53 10.41
N TRP F 104 -6.35 61.60 11.04
CA TRP F 104 -7.74 61.67 11.51
C TRP F 104 -8.57 62.38 10.43
N TYR F 105 -9.89 62.33 10.55
CA TYR F 105 -10.79 62.93 9.59
C TYR F 105 -11.94 63.62 10.31
N GLY F 106 -12.49 64.68 9.69
CA GLY F 106 -13.54 65.47 10.32
C GLY F 106 -14.95 65.02 10.01
N THR F 107 -15.07 63.98 9.19
CA THR F 107 -16.36 63.40 8.82
C THR F 107 -16.47 61.97 9.30
N LEU F 108 -17.69 61.51 9.58
CA LEU F 108 -17.90 60.13 9.99
C LEU F 108 -17.66 59.15 8.83
N TYR F 109 -17.77 59.66 7.59
CA TYR F 109 -17.75 58.82 6.39
C TYR F 109 -16.40 58.20 6.06
N GLU F 110 -15.36 58.50 6.85
CA GLU F 110 -14.03 57.97 6.60
C GLU F 110 -13.59 56.97 7.66
N TYR F 111 -14.33 56.89 8.75
CA TYR F 111 -13.96 55.99 9.84
C TYR F 111 -14.43 54.57 9.54
N ASP F 112 -13.60 53.60 9.93
CA ASP F 112 -13.83 52.19 9.58
C ASP F 112 -14.51 51.41 10.70
N TYR F 113 -14.10 51.69 11.94
CA TYR F 113 -14.63 50.98 13.10
C TYR F 113 -15.21 51.95 14.12
N TRP F 114 -16.29 51.51 14.77
CA TRP F 114 -17.01 52.34 15.73
C TRP F 114 -17.23 51.62 17.06
N GLY F 115 -17.50 52.41 18.09
CA GLY F 115 -17.80 51.87 19.40
C GLY F 115 -19.30 51.93 19.64
N GLN F 116 -19.75 51.23 20.68
CA GLN F 116 -21.17 51.19 21.03
C GLN F 116 -21.68 52.58 21.42
N GLY F 117 -20.89 53.28 22.23
CA GLY F 117 -21.20 54.64 22.63
C GLY F 117 -21.32 54.77 24.14
N THR F 118 -21.21 56.00 24.64
CA THR F 118 -21.39 56.29 26.05
C THR F 118 -22.24 57.55 26.18
N GLN F 119 -23.05 57.60 27.23
CA GLN F 119 -23.96 58.74 27.43
C GLN F 119 -23.33 59.79 28.33
N VAL F 120 -23.49 61.05 27.94
CA VAL F 120 -23.03 62.18 28.73
C VAL F 120 -24.19 63.15 28.88
N THR F 121 -24.63 63.36 30.13
CA THR F 121 -25.76 64.25 30.41
C THR F 121 -25.33 65.46 31.23
N VAL F 122 -25.85 66.63 30.85
CA VAL F 122 -25.47 67.88 31.49
C VAL F 122 -26.72 68.69 31.86
N LEU G 1 -0.88 -37.39 4.79
CA LEU G 1 -0.67 -36.84 3.45
C LEU G 1 0.81 -36.74 3.14
N GLU G 2 1.15 -36.60 1.86
CA GLU G 2 2.53 -36.51 1.41
C GLU G 2 3.12 -35.13 1.72
N GLU G 3 4.22 -35.10 2.47
CA GLU G 3 4.92 -33.83 2.74
C GLU G 3 6.35 -33.90 2.24
N LYS G 4 6.78 -32.85 1.57
CA LYS G 4 8.12 -32.79 1.00
C LYS G 4 8.87 -31.60 1.60
N LYS G 5 10.17 -31.77 1.81
CA LYS G 5 10.99 -30.69 2.36
C LYS G 5 12.34 -30.65 1.66
N VAL G 6 12.57 -29.60 0.90
CA VAL G 6 13.81 -29.43 0.16
C VAL G 6 14.89 -28.79 1.03
N CYS G 7 16.09 -29.36 0.99
CA CYS G 7 17.25 -28.83 1.70
C CYS G 7 18.47 -28.80 0.77
N ASN G 8 19.35 -27.83 0.98
CA ASN G 8 20.57 -27.74 0.18
C ASN G 8 21.51 -28.91 0.46
N GLY G 9 22.24 -29.31 -0.58
CA GLY G 9 23.19 -30.40 -0.45
C GLY G 9 24.59 -29.92 -0.13
N ILE G 10 25.51 -30.86 0.03
CA ILE G 10 26.91 -30.55 0.23
C ILE G 10 27.44 -29.88 -1.03
N GLY G 11 28.18 -28.79 -0.87
CA GLY G 11 28.76 -28.08 -2.00
C GLY G 11 27.82 -27.01 -2.54
N ILE G 12 26.93 -26.51 -1.69
CA ILE G 12 25.98 -25.45 -2.05
C ILE G 12 25.48 -24.72 -0.79
N GLY G 13 25.31 -23.40 -0.89
CA GLY G 13 24.73 -22.62 0.19
C GLY G 13 25.50 -22.72 1.49
N GLU G 14 24.83 -23.14 2.55
CA GLU G 14 25.46 -23.34 3.85
C GLU G 14 26.70 -24.21 3.76
N PHE G 15 26.72 -25.12 2.78
CA PHE G 15 27.76 -26.12 2.64
C PHE G 15 28.53 -25.97 1.33
N LYS G 16 28.75 -24.72 0.92
CA LYS G 16 29.47 -24.46 -0.34
C LYS G 16 30.93 -24.95 -0.26
N ASP G 17 31.49 -24.94 0.95
CA ASP G 17 32.90 -25.25 1.17
C ASP G 17 33.11 -26.53 1.98
N SER G 18 32.03 -27.26 2.22
CA SER G 18 32.07 -28.49 3.01
C SER G 18 32.44 -29.72 2.17
N LEU G 19 33.38 -30.51 2.67
CA LEU G 19 33.87 -31.68 1.96
C LEU G 19 32.90 -32.84 2.09
N SER G 20 32.21 -32.88 3.23
CA SER G 20 31.39 -34.03 3.58
C SER G 20 30.28 -33.67 4.55
N ILE G 21 29.25 -34.49 4.58
CA ILE G 21 28.33 -34.52 5.71
C ILE G 21 29.20 -34.76 6.94
N ASN G 22 29.08 -33.87 7.93
CA ASN G 22 29.85 -34.00 9.16
C ASN G 22 29.04 -33.61 10.39
N ALA G 23 29.63 -33.80 11.55
CA ALA G 23 28.96 -33.63 12.84
C ALA G 23 28.34 -32.25 13.01
N THR G 24 28.89 -31.28 12.30
CA THR G 24 28.44 -29.88 12.39
C THR G 24 27.21 -29.59 11.54
N ASN G 25 27.14 -30.19 10.35
CA ASN G 25 26.07 -29.90 9.40
C ASN G 25 24.98 -30.98 9.35
N ILE G 26 25.22 -32.11 10.02
CA ILE G 26 24.31 -33.25 9.91
C ILE G 26 22.93 -32.93 10.49
N LYS G 27 22.89 -32.06 11.51
CA LYS G 27 21.62 -31.70 12.13
C LYS G 27 20.73 -30.92 11.16
N HIS G 28 21.34 -30.11 10.31
CA HIS G 28 20.61 -29.27 9.37
C HIS G 28 19.87 -30.07 8.30
N PHE G 29 20.03 -31.39 8.31
CA PHE G 29 19.36 -32.26 7.35
C PHE G 29 18.08 -32.86 7.91
N LYS G 30 17.76 -32.51 9.15
CA LYS G 30 16.60 -33.07 9.83
C LYS G 30 15.32 -32.83 9.01
N ASN G 31 14.47 -33.85 8.93
CA ASN G 31 13.17 -33.76 8.23
C ASN G 31 13.28 -33.44 6.74
N CYS G 32 14.49 -33.47 6.19
CA CYS G 32 14.69 -33.22 4.76
C CYS G 32 14.29 -34.45 3.95
N THR G 33 13.54 -34.23 2.86
CA THR G 33 13.09 -35.33 2.03
C THR G 33 13.72 -35.30 0.65
N SER G 34 14.17 -34.12 0.24
CA SER G 34 14.78 -33.94 -1.06
C SER G 34 16.03 -33.08 -0.91
N ILE G 35 17.16 -33.63 -1.31
CA ILE G 35 18.41 -32.89 -1.30
C ILE G 35 18.59 -32.22 -2.65
N SER G 36 18.64 -30.89 -2.64
CA SER G 36 18.91 -30.15 -3.85
C SER G 36 20.42 -29.98 -3.95
N GLY G 37 21.08 -30.96 -4.55
CA GLY G 37 22.52 -30.96 -4.68
C GLY G 37 23.06 -32.36 -4.45
N ASP G 38 24.31 -32.42 -4.01
CA ASP G 38 25.00 -33.70 -3.84
C ASP G 38 25.03 -34.09 -2.37
N LEU G 39 25.29 -35.38 -2.11
CA LEU G 39 25.69 -35.83 -0.78
C LEU G 39 27.01 -36.59 -0.87
N HIS G 40 28.03 -36.09 -0.19
CA HIS G 40 29.31 -36.79 -0.03
C HIS G 40 29.39 -37.31 1.39
N ILE G 41 29.83 -38.55 1.54
CA ILE G 41 30.17 -39.07 2.87
C ILE G 41 31.58 -39.65 2.83
N LEU G 42 32.49 -38.99 3.54
CA LEU G 42 33.91 -39.29 3.45
C LEU G 42 34.51 -39.70 4.79
N PRO G 43 35.68 -40.35 4.75
CA PRO G 43 36.44 -40.72 5.96
C PRO G 43 36.67 -39.57 6.95
N VAL G 44 36.82 -38.33 6.48
CA VAL G 44 37.05 -37.19 7.38
C VAL G 44 35.93 -37.05 8.41
N ALA G 45 34.71 -37.40 7.99
CA ALA G 45 33.54 -37.17 8.80
C ALA G 45 33.61 -37.98 10.09
N PHE G 46 34.04 -39.24 9.97
CA PHE G 46 34.08 -40.16 11.09
C PHE G 46 35.32 -39.97 11.94
N ARG G 47 36.24 -39.18 11.40
CA ARG G 47 37.56 -39.00 11.96
C ARG G 47 37.67 -37.66 12.68
N GLY G 48 36.86 -36.71 12.23
CA GLY G 48 36.97 -35.34 12.72
C GLY G 48 37.99 -34.57 11.89
N ASP G 49 38.01 -33.25 12.07
CA ASP G 49 38.93 -32.41 11.33
C ASP G 49 39.19 -31.09 12.05
N SER G 50 40.35 -31.01 12.71
CA SER G 50 40.74 -29.82 13.48
C SER G 50 40.76 -28.57 12.62
N PHE G 51 41.25 -28.71 11.39
CA PHE G 51 41.42 -27.59 10.49
C PHE G 51 40.12 -26.79 10.28
N THR G 52 38.98 -27.48 10.46
CA THR G 52 37.67 -26.89 10.23
C THR G 52 36.82 -26.91 11.50
N HIS G 53 37.45 -27.24 12.62
CA HIS G 53 36.76 -27.26 13.91
C HIS G 53 35.57 -28.21 13.85
N THR G 54 35.75 -29.31 13.14
CA THR G 54 34.70 -30.29 12.94
C THR G 54 35.00 -31.54 13.77
N PRO G 55 34.19 -31.80 14.80
CA PRO G 55 34.44 -33.02 15.57
C PRO G 55 34.05 -34.27 14.79
N PRO G 56 34.40 -35.45 15.31
CA PRO G 56 34.01 -36.72 14.68
C PRO G 56 32.50 -36.93 14.70
N LEU G 57 31.98 -37.46 13.59
CA LEU G 57 30.56 -37.70 13.44
C LEU G 57 30.14 -38.94 14.19
N ASP G 58 29.14 -38.81 15.04
CA ASP G 58 28.52 -39.96 15.70
C ASP G 58 27.78 -40.75 14.63
N PRO G 59 28.22 -42.01 14.35
CA PRO G 59 27.62 -42.83 13.29
C PRO G 59 26.11 -42.97 13.37
N GLN G 60 25.56 -42.84 14.57
CA GLN G 60 24.13 -43.02 14.78
C GLN G 60 23.36 -41.88 14.10
N GLU G 61 23.97 -40.70 14.06
CA GLU G 61 23.32 -39.50 13.52
C GLU G 61 23.11 -39.58 12.02
N LEU G 62 23.62 -40.63 11.39
CA LEU G 62 23.39 -40.86 9.97
C LEU G 62 21.92 -41.19 9.73
N ASP G 63 21.23 -41.63 10.78
CA ASP G 63 19.84 -42.03 10.65
C ASP G 63 18.92 -40.84 10.40
N ILE G 64 19.48 -39.63 10.48
CA ILE G 64 18.76 -38.43 10.11
C ILE G 64 18.39 -38.46 8.63
N LEU G 65 19.24 -39.09 7.82
CA LEU G 65 19.03 -39.15 6.38
C LEU G 65 17.89 -40.09 5.96
N LYS G 66 17.32 -40.81 6.93
CA LYS G 66 16.25 -41.75 6.68
C LYS G 66 15.05 -41.11 5.99
N THR G 67 14.90 -39.80 6.17
CA THR G 67 13.76 -39.10 5.61
C THR G 67 13.98 -38.75 4.14
N VAL G 68 15.23 -38.89 3.68
CA VAL G 68 15.56 -38.45 2.32
C VAL G 68 15.04 -39.43 1.28
N LYS G 69 14.26 -38.91 0.33
CA LYS G 69 13.67 -39.72 -0.73
C LYS G 69 14.23 -39.36 -2.09
N GLU G 70 14.80 -38.16 -2.19
CA GLU G 70 15.26 -37.62 -3.47
C GLU G 70 16.61 -36.92 -3.31
N ILE G 71 17.49 -37.11 -4.29
CA ILE G 71 18.75 -36.39 -4.37
C ILE G 71 18.94 -35.90 -5.80
N THR G 72 18.94 -34.59 -6.00
CA THR G 72 18.99 -34.02 -7.33
C THR G 72 20.36 -34.17 -7.98
N GLY G 73 21.39 -34.15 -7.15
CA GLY G 73 22.75 -34.31 -7.60
C GLY G 73 23.15 -35.78 -7.55
N PHE G 74 24.33 -36.05 -6.97
CA PHE G 74 24.82 -37.42 -6.87
C PHE G 74 25.03 -37.82 -5.42
N LEU G 75 25.33 -39.10 -5.22
CA LEU G 75 25.52 -39.67 -3.91
C LEU G 75 26.85 -40.42 -3.86
N LEU G 76 27.80 -39.88 -3.11
CA LEU G 76 29.11 -40.48 -2.96
C LEU G 76 29.30 -40.94 -1.52
N ILE G 77 29.49 -42.24 -1.34
CA ILE G 77 29.76 -42.80 -0.02
C ILE G 77 31.09 -43.55 -0.06
N GLN G 78 32.09 -42.98 0.59
CA GLN G 78 33.45 -43.52 0.57
C GLN G 78 33.87 -43.96 1.96
N ALA G 79 32.94 -43.89 2.90
CA ALA G 79 33.20 -44.28 4.28
C ALA G 79 31.87 -44.54 4.95
N TRP G 80 31.89 -45.46 5.90
CA TRP G 80 30.67 -45.91 6.53
C TRP G 80 31.09 -46.71 7.77
N PRO G 81 30.24 -46.72 8.81
CA PRO G 81 30.54 -47.54 10.01
C PRO G 81 30.64 -49.01 9.68
N GLU G 82 31.64 -49.70 10.22
CA GLU G 82 31.88 -51.11 9.90
C GLU G 82 30.75 -51.99 10.46
N ASN G 83 30.19 -51.56 11.59
CA ASN G 83 29.15 -52.34 12.27
C ASN G 83 27.75 -52.06 11.71
N ARG G 84 27.70 -51.55 10.47
CA ARG G 84 26.45 -51.44 9.72
C ARG G 84 26.61 -52.21 8.43
N THR G 85 25.76 -53.20 8.22
CA THR G 85 25.92 -54.14 7.11
C THR G 85 25.36 -53.63 5.79
N ASP G 86 24.52 -52.61 5.85
CA ASP G 86 23.99 -51.98 4.63
C ASP G 86 23.85 -50.47 4.80
N LEU G 87 23.39 -49.81 3.73
CA LEU G 87 23.18 -48.37 3.74
C LEU G 87 21.80 -48.08 4.32
N HIS G 88 21.65 -48.44 5.60
CA HIS G 88 20.39 -48.36 6.32
C HIS G 88 19.72 -46.98 6.22
N ALA G 89 20.52 -45.93 6.40
CA ALA G 89 19.99 -44.57 6.43
C ALA G 89 19.38 -44.16 5.09
N PHE G 90 19.69 -44.91 4.04
CA PHE G 90 19.17 -44.61 2.70
C PHE G 90 18.12 -45.62 2.27
N GLU G 91 17.52 -46.30 3.24
CA GLU G 91 16.53 -47.33 2.95
C GLU G 91 15.24 -46.74 2.35
N ASN G 92 15.13 -45.41 2.31
CA ASN G 92 13.93 -44.75 1.78
C ASN G 92 14.24 -43.88 0.56
N LEU G 93 15.49 -43.91 0.13
CA LEU G 93 15.91 -43.13 -1.03
C LEU G 93 15.29 -43.72 -2.30
N GLU G 94 14.49 -42.91 -3.00
CA GLU G 94 13.76 -43.37 -4.18
C GLU G 94 14.39 -42.91 -5.49
N ILE G 95 14.91 -41.68 -5.49
CA ILE G 95 15.39 -41.06 -6.73
C ILE G 95 16.76 -40.37 -6.57
N ILE G 96 17.64 -40.66 -7.53
CA ILE G 96 18.86 -39.90 -7.72
C ILE G 96 18.84 -39.37 -9.15
N ARG G 97 18.74 -38.06 -9.31
CA ARG G 97 18.56 -37.46 -10.64
C ARG G 97 19.88 -37.34 -11.41
N GLY G 98 20.94 -36.96 -10.72
CA GLY G 98 22.26 -36.91 -11.34
C GLY G 98 22.47 -35.69 -12.24
N ARG G 99 21.91 -34.55 -11.85
CA ARG G 99 22.15 -33.31 -12.58
C ARG G 99 23.61 -32.92 -12.44
N THR G 100 24.14 -33.13 -11.24
CA THR G 100 25.57 -33.04 -11.00
C THR G 100 26.08 -34.45 -10.75
N LYS G 101 27.28 -34.75 -11.24
CA LYS G 101 27.86 -36.08 -11.12
C LYS G 101 29.31 -35.97 -10.69
N GLN G 102 29.77 -36.90 -9.85
CA GLN G 102 31.14 -36.87 -9.40
C GLN G 102 32.09 -37.08 -10.58
N HIS G 103 33.15 -36.28 -10.65
CA HIS G 103 34.10 -36.31 -11.77
C HIS G 103 33.35 -36.17 -13.09
N GLY G 104 32.18 -35.52 -13.05
CA GLY G 104 31.35 -35.38 -14.23
C GLY G 104 30.99 -36.72 -14.84
N GLN G 105 30.83 -37.74 -14.01
CA GLN G 105 30.55 -39.10 -14.48
C GLN G 105 29.53 -39.85 -13.62
N PHE G 106 29.79 -39.97 -12.32
CA PHE G 106 29.01 -40.87 -11.47
C PHE G 106 27.93 -40.16 -10.65
N SER G 107 26.71 -40.70 -10.73
CA SER G 107 25.59 -40.18 -9.96
C SER G 107 25.42 -40.99 -8.68
N LEU G 108 25.91 -42.22 -8.70
CA LEU G 108 25.95 -43.07 -7.51
C LEU G 108 27.33 -43.70 -7.40
N ALA G 109 28.00 -43.50 -6.28
CA ALA G 109 29.34 -44.04 -6.07
C ALA G 109 29.43 -44.60 -4.66
N VAL G 110 29.67 -45.91 -4.56
CA VAL G 110 29.79 -46.59 -3.28
C VAL G 110 31.16 -47.26 -3.25
N VAL G 111 32.11 -46.67 -2.53
CA VAL G 111 33.50 -47.11 -2.63
C VAL G 111 34.11 -47.55 -1.30
N SER G 112 34.63 -48.78 -1.29
CA SER G 112 35.48 -49.26 -0.21
C SER G 112 34.82 -49.21 1.16
N LEU G 113 33.62 -49.78 1.24
CA LEU G 113 32.92 -49.97 2.50
C LEU G 113 32.99 -51.43 2.87
N ASN G 114 32.61 -51.76 4.11
CA ASN G 114 32.58 -53.15 4.57
C ASN G 114 31.16 -53.70 4.67
N ILE G 115 30.22 -53.04 4.00
CA ILE G 115 28.84 -53.51 3.94
C ILE G 115 28.74 -54.83 3.19
N THR G 116 27.71 -55.61 3.52
CA THR G 116 27.48 -56.90 2.89
C THR G 116 26.37 -56.81 1.86
N SER G 117 25.56 -55.75 1.98
CA SER G 117 24.51 -55.47 1.02
C SER G 117 24.34 -53.96 0.94
N LEU G 118 23.69 -53.48 -0.12
CA LEU G 118 23.45 -52.06 -0.27
C LEU G 118 22.25 -51.63 0.57
N GLY G 119 21.16 -52.37 0.43
CA GLY G 119 19.97 -52.08 1.21
C GLY G 119 19.23 -50.87 0.68
N LEU G 120 19.54 -50.47 -0.56
CA LEU G 120 18.83 -49.37 -1.20
C LEU G 120 17.49 -49.83 -1.76
N ARG G 121 16.63 -50.32 -0.87
CA ARG G 121 15.44 -51.07 -1.27
C ARG G 121 14.27 -50.20 -1.73
N SER G 122 14.44 -48.88 -1.68
CA SER G 122 13.40 -47.96 -2.17
C SER G 122 13.79 -47.31 -3.48
N LEU G 123 15.04 -47.53 -3.91
CA LEU G 123 15.57 -46.84 -5.07
C LEU G 123 14.89 -47.32 -6.35
N LYS G 124 14.15 -46.43 -6.99
CA LYS G 124 13.36 -46.75 -8.18
C LYS G 124 13.97 -46.17 -9.45
N GLU G 125 14.64 -45.04 -9.30
CA GLU G 125 15.08 -44.26 -10.44
C GLU G 125 16.45 -43.59 -10.24
N ILE G 126 17.37 -43.89 -11.15
CA ILE G 126 18.61 -43.14 -11.27
C ILE G 126 18.55 -42.42 -12.62
N SER G 127 18.08 -41.18 -12.61
CA SER G 127 17.70 -40.49 -13.84
C SER G 127 18.86 -40.30 -14.80
N ASP G 128 20.03 -39.99 -14.27
CA ASP G 128 21.20 -39.75 -15.12
C ASP G 128 22.49 -40.09 -14.38
N GLY G 129 23.59 -40.21 -15.12
CA GLY G 129 24.90 -40.48 -14.53
C GLY G 129 25.19 -41.96 -14.35
N ASP G 130 26.47 -42.30 -14.31
CA ASP G 130 26.90 -43.68 -14.19
C ASP G 130 26.94 -44.14 -12.74
N VAL G 131 27.05 -45.44 -12.55
CA VAL G 131 27.06 -46.06 -11.24
C VAL G 131 28.37 -46.80 -11.07
N ILE G 132 29.06 -46.52 -9.97
CA ILE G 132 30.28 -47.26 -9.62
C ILE G 132 30.17 -47.84 -8.22
N ILE G 133 30.37 -49.14 -8.12
CA ILE G 133 30.34 -49.85 -6.86
C ILE G 133 31.61 -50.67 -6.79
N SER G 134 32.60 -50.16 -6.05
CA SER G 134 33.97 -50.66 -6.16
C SER G 134 34.66 -50.85 -4.81
N GLY G 135 35.38 -51.97 -4.69
CA GLY G 135 36.26 -52.19 -3.56
C GLY G 135 35.57 -52.53 -2.26
N ASN G 136 34.33 -53.01 -2.35
CA ASN G 136 33.61 -53.45 -1.16
C ASN G 136 33.83 -54.95 -0.97
N LYS G 137 34.85 -55.28 -0.17
CA LYS G 137 35.31 -56.65 -0.05
C LYS G 137 34.25 -57.64 0.47
N ASN G 138 33.17 -57.12 1.03
CA ASN G 138 32.13 -57.96 1.63
C ASN G 138 30.77 -57.88 0.94
N LEU G 139 30.68 -57.02 -0.07
CA LEU G 139 29.40 -56.74 -0.71
C LEU G 139 28.95 -57.83 -1.68
N CYS G 140 27.72 -58.29 -1.50
CA CYS G 140 27.07 -59.23 -2.41
C CYS G 140 25.88 -58.55 -3.06
N TYR G 141 25.06 -59.33 -3.75
CA TYR G 141 23.75 -58.89 -4.25
C TYR G 141 23.81 -57.85 -5.37
N ALA G 142 24.94 -57.15 -5.50
CA ALA G 142 25.02 -56.00 -6.39
C ALA G 142 24.77 -56.31 -7.86
N ASN G 143 25.06 -57.54 -8.29
CA ASN G 143 24.96 -57.90 -9.70
C ASN G 143 23.62 -58.55 -10.07
N THR G 144 22.78 -58.79 -9.06
CA THR G 144 21.48 -59.44 -9.28
C THR G 144 20.45 -58.47 -9.86
N ILE G 145 20.78 -57.18 -9.79
CA ILE G 145 19.86 -56.12 -10.18
C ILE G 145 20.09 -55.66 -11.61
N ASN G 146 18.98 -55.36 -12.29
CA ASN G 146 19.05 -54.79 -13.64
C ASN G 146 18.96 -53.27 -13.55
N TRP G 147 20.07 -52.61 -13.82
CA TRP G 147 20.17 -51.17 -13.60
C TRP G 147 19.42 -50.36 -14.65
N LYS G 148 19.15 -50.97 -15.80
CA LYS G 148 18.41 -50.28 -16.85
C LYS G 148 16.96 -50.04 -16.43
N LYS G 149 16.46 -50.85 -15.51
CA LYS G 149 15.13 -50.60 -14.94
C LYS G 149 15.16 -49.34 -14.06
N LEU G 150 16.36 -48.90 -13.70
CA LEU G 150 16.55 -47.75 -12.82
C LEU G 150 16.97 -46.51 -13.60
N PHE G 151 17.62 -46.72 -14.75
CA PHE G 151 18.18 -45.62 -15.53
C PHE G 151 17.12 -44.78 -16.25
N GLY G 152 17.54 -43.60 -16.70
CA GLY G 152 16.66 -42.63 -17.31
C GLY G 152 17.14 -42.06 -18.64
N THR G 153 18.40 -42.31 -19.00
CA THR G 153 18.94 -41.85 -20.28
C THR G 153 19.74 -42.96 -20.98
N SER G 154 20.32 -42.59 -22.12
CA SER G 154 20.87 -43.57 -23.05
C SER G 154 22.15 -44.26 -22.57
N GLY G 155 23.21 -43.48 -22.40
CA GLY G 155 24.55 -44.04 -22.21
C GLY G 155 24.90 -44.39 -20.77
N GLN G 156 23.90 -44.40 -19.89
CA GLN G 156 24.13 -44.74 -18.49
C GLN G 156 24.67 -46.15 -18.37
N LYS G 157 25.83 -46.29 -17.73
CA LYS G 157 26.47 -47.58 -17.59
C LYS G 157 26.94 -47.81 -16.16
N THR G 158 27.48 -49.01 -15.93
CA THR G 158 27.79 -49.48 -14.59
C THR G 158 29.28 -49.83 -14.50
N LYS G 159 29.86 -49.61 -13.31
CA LYS G 159 31.21 -50.07 -13.01
C LYS G 159 31.18 -50.78 -11.66
N ILE G 160 30.93 -52.08 -11.70
CA ILE G 160 30.91 -52.91 -10.50
C ILE G 160 32.08 -53.90 -10.52
N ILE G 161 33.10 -53.60 -9.72
CA ILE G 161 34.29 -54.44 -9.66
C ILE G 161 34.83 -54.58 -8.24
N SER G 162 35.71 -55.57 -8.05
CA SER G 162 36.50 -55.71 -6.83
C SER G 162 35.64 -55.72 -5.58
N ASN G 163 34.43 -56.23 -5.71
CA ASN G 163 33.59 -56.49 -4.55
C ASN G 163 33.78 -57.96 -4.16
N ARG G 164 32.81 -58.53 -3.46
CA ARG G 164 32.91 -59.94 -3.10
C ARG G 164 32.50 -60.79 -4.28
N GLY G 165 33.23 -61.87 -4.53
CA GLY G 165 32.96 -62.75 -5.65
C GLY G 165 31.57 -63.35 -5.59
N GLU G 166 30.97 -63.58 -6.75
CA GLU G 166 29.63 -64.13 -6.81
C GLU G 166 29.60 -65.57 -6.31
N ASN G 167 30.68 -66.30 -6.56
CA ASN G 167 30.80 -67.68 -6.09
C ASN G 167 30.97 -67.74 -4.58
N SER G 168 31.72 -66.79 -4.04
CA SER G 168 31.92 -66.71 -2.60
C SER G 168 30.66 -66.19 -1.89
N CYS G 169 29.75 -65.60 -2.66
CA CYS G 169 28.49 -65.11 -2.09
C CYS G 169 27.46 -66.23 -2.12
N LYS G 170 27.56 -67.11 -3.11
CA LYS G 170 26.63 -68.22 -3.26
C LYS G 170 26.87 -69.27 -2.18
N ALA G 171 28.15 -69.55 -1.89
CA ALA G 171 28.54 -70.57 -0.92
C ALA G 171 28.56 -70.02 0.51
N THR G 172 27.73 -69.01 0.76
CA THR G 172 27.54 -68.47 2.10
C THR G 172 26.04 -68.27 2.36
N GLY G 173 25.23 -68.46 1.33
CA GLY G 173 23.79 -68.22 1.43
C GLY G 173 23.45 -66.78 1.13
N GLN G 174 24.48 -65.98 0.85
CA GLN G 174 24.29 -64.56 0.57
C GLN G 174 23.81 -64.36 -0.86
N VAL G 175 22.61 -64.85 -1.14
CA VAL G 175 21.96 -64.66 -2.43
C VAL G 175 20.53 -64.19 -2.22
N CYS G 176 19.89 -63.76 -3.31
CA CYS G 176 18.55 -63.19 -3.21
C CYS G 176 17.60 -64.17 -2.54
N HIS G 177 16.68 -63.64 -1.75
CA HIS G 177 15.70 -64.44 -1.04
C HIS G 177 14.82 -65.19 -2.05
N ALA G 178 14.41 -66.41 -1.68
CA ALA G 178 13.61 -67.26 -2.56
C ALA G 178 12.29 -66.61 -2.99
N LEU G 179 11.82 -65.64 -2.22
CA LEU G 179 10.58 -64.94 -2.54
C LEU G 179 10.79 -63.87 -3.62
N CYS G 180 12.04 -63.50 -3.86
CA CYS G 180 12.34 -62.48 -4.84
C CYS G 180 12.03 -62.99 -6.24
N SER G 181 11.59 -62.07 -7.10
CA SER G 181 11.44 -62.35 -8.52
C SER G 181 12.84 -62.38 -9.14
N PRO G 182 12.92 -62.69 -10.45
CA PRO G 182 14.23 -62.70 -11.13
C PRO G 182 14.79 -61.31 -11.35
N GLU G 183 14.10 -60.27 -10.86
CA GLU G 183 14.58 -58.91 -11.01
C GLU G 183 15.67 -58.54 -10.00
N GLY G 184 15.96 -59.46 -9.09
CA GLY G 184 17.09 -59.29 -8.19
C GLY G 184 16.71 -58.75 -6.83
N CYS G 185 17.71 -58.31 -6.07
CA CYS G 185 17.50 -57.89 -4.70
C CYS G 185 18.62 -56.94 -4.25
N TRP G 186 18.32 -56.12 -3.25
CA TRP G 186 19.30 -55.21 -2.67
C TRP G 186 19.90 -55.83 -1.41
N GLY G 187 19.44 -57.02 -1.07
CA GLY G 187 19.83 -57.66 0.18
C GLY G 187 19.24 -59.05 0.33
N PRO G 188 19.48 -59.68 1.50
CA PRO G 188 19.09 -61.08 1.73
C PRO G 188 17.61 -61.24 2.07
N GLU G 189 16.95 -60.16 2.50
CA GLU G 189 15.60 -60.25 3.04
C GLU G 189 14.52 -59.96 1.98
N PRO G 190 13.30 -60.47 2.19
CA PRO G 190 12.19 -60.29 1.25
C PRO G 190 11.91 -58.83 0.89
N ARG G 191 12.10 -57.92 1.84
CA ARG G 191 11.83 -56.50 1.59
C ARG G 191 12.89 -55.87 0.70
N ASP G 192 14.04 -56.56 0.60
CA ASP G 192 15.13 -56.12 -0.25
C ASP G 192 14.92 -56.57 -1.70
N CYS G 193 13.91 -57.41 -1.92
CA CYS G 193 13.55 -57.84 -3.28
C CYS G 193 13.16 -56.61 -4.09
N VAL G 194 13.56 -56.58 -5.35
CA VAL G 194 13.12 -55.54 -6.26
C VAL G 194 11.61 -55.67 -6.46
N SER G 195 11.16 -56.92 -6.58
CA SER G 195 9.75 -57.24 -6.78
C SER G 195 9.50 -58.68 -6.37
N CYS G 196 8.23 -59.03 -6.18
CA CYS G 196 7.84 -60.39 -5.84
C CYS G 196 6.63 -60.83 -6.67
N ARG G 197 6.52 -62.14 -6.88
CA ARG G 197 5.43 -62.72 -7.66
C ARG G 197 4.85 -63.94 -6.95
N CYS G 205 6.55 -58.33 0.72
CA CYS G 205 6.53 -57.82 -0.66
C CYS G 205 5.36 -58.40 -1.44
N GLN H 1 36.75 -31.42 -3.88
CA GLN H 1 37.49 -30.16 -3.59
C GLN H 1 38.98 -30.30 -3.87
N VAL H 2 39.44 -31.54 -4.02
CA VAL H 2 40.80 -31.80 -4.48
C VAL H 2 40.79 -32.88 -5.54
N LYS H 3 41.49 -32.62 -6.63
CA LYS H 3 41.62 -33.56 -7.72
C LYS H 3 43.08 -33.96 -7.84
N LEU H 4 43.33 -35.25 -8.10
CA LEU H 4 44.69 -35.77 -8.14
C LEU H 4 44.98 -36.47 -9.46
N GLU H 5 46.21 -36.30 -9.95
CA GLU H 5 46.67 -36.95 -11.16
C GLU H 5 48.09 -37.49 -10.95
N GLU H 6 48.30 -38.75 -11.33
CA GLU H 6 49.62 -39.37 -11.24
C GLU H 6 50.35 -39.26 -12.57
N SER H 7 51.67 -39.35 -12.53
CA SER H 7 52.49 -39.26 -13.72
C SER H 7 53.88 -39.82 -13.43
N GLY H 8 54.67 -40.00 -14.49
CA GLY H 8 56.01 -40.53 -14.37
C GLY H 8 56.02 -42.05 -14.32
N GLY H 9 54.93 -42.66 -14.78
CA GLY H 9 54.83 -44.11 -14.80
C GLY H 9 55.21 -44.70 -16.15
N GLY H 10 55.28 -46.02 -16.22
CA GLY H 10 55.60 -46.72 -17.45
C GLY H 10 56.40 -47.99 -17.20
N SER H 11 57.12 -48.44 -18.23
CA SER H 11 57.91 -49.68 -18.16
C SER H 11 59.35 -49.41 -17.77
N VAL H 12 59.92 -50.34 -17.01
CA VAL H 12 61.26 -50.21 -16.47
C VAL H 12 61.89 -51.59 -16.37
N GLN H 13 63.23 -51.65 -16.37
CA GLN H 13 63.95 -52.91 -16.16
C GLN H 13 64.39 -53.04 -14.70
N THR H 14 64.44 -54.28 -14.20
CA THR H 14 64.75 -54.53 -12.79
C THR H 14 66.06 -53.87 -12.37
N GLY H 15 66.08 -53.30 -11.18
CA GLY H 15 67.24 -52.59 -10.68
C GLY H 15 67.20 -51.13 -11.07
N GLY H 16 66.31 -50.80 -12.01
CA GLY H 16 66.17 -49.44 -12.49
C GLY H 16 65.42 -48.53 -11.52
N SER H 17 65.51 -47.23 -11.74
CA SER H 17 64.84 -46.24 -10.89
C SER H 17 63.71 -45.55 -11.66
N LEU H 18 62.74 -45.03 -10.91
CA LEU H 18 61.59 -44.34 -11.51
C LEU H 18 60.93 -43.44 -10.48
N ARG H 19 60.58 -42.22 -10.89
CA ARG H 19 60.06 -41.22 -9.98
C ARG H 19 58.63 -40.84 -10.35
N LEU H 20 57.69 -41.22 -9.50
CA LEU H 20 56.29 -40.90 -9.72
C LEU H 20 55.97 -39.56 -9.11
N THR H 21 55.07 -38.83 -9.75
CA THR H 21 54.67 -37.51 -9.31
C THR H 21 53.15 -37.45 -9.24
N CYS H 22 52.65 -36.90 -8.13
CA CYS H 22 51.22 -36.67 -7.96
C CYS H 22 50.97 -35.18 -7.91
N ALA H 23 50.13 -34.69 -8.82
CA ALA H 23 49.77 -33.27 -8.87
C ALA H 23 48.36 -33.07 -8.32
N ALA H 24 48.20 -32.08 -7.45
CA ALA H 24 46.93 -31.78 -6.82
C ALA H 24 46.38 -30.46 -7.33
N SER H 25 45.09 -30.44 -7.68
CA SER H 25 44.41 -29.21 -8.10
C SER H 25 43.11 -29.09 -7.32
N GLY H 26 42.53 -27.89 -7.31
CA GLY H 26 41.32 -27.64 -6.55
C GLY H 26 41.64 -26.89 -5.27
N ARG H 27 40.81 -27.10 -4.24
CA ARG H 27 41.00 -26.47 -2.94
C ARG H 27 42.21 -27.09 -2.24
N THR H 28 43.38 -26.65 -2.64
CA THR H 28 44.63 -27.28 -2.27
C THR H 28 45.27 -26.62 -1.04
N SER H 29 44.80 -25.42 -0.71
CA SER H 29 45.37 -24.66 0.40
C SER H 29 44.71 -24.99 1.73
N ARG H 30 44.76 -26.26 2.10
CA ARG H 30 44.37 -26.69 3.44
C ARG H 30 45.14 -27.96 3.76
N SER H 31 45.01 -28.44 4.98
CA SER H 31 45.79 -29.59 5.43
C SER H 31 45.39 -30.86 4.68
N TYR H 32 46.36 -31.50 4.05
CA TYR H 32 46.17 -32.80 3.42
C TYR H 32 47.35 -33.71 3.70
N GLY H 33 47.07 -34.90 4.25
CA GLY H 33 48.05 -35.96 4.28
C GLY H 33 47.97 -36.70 2.95
N MET H 34 49.13 -37.04 2.39
CA MET H 34 49.21 -37.67 1.08
C MET H 34 49.84 -39.05 1.16
N GLY H 35 49.23 -40.02 0.49
CA GLY H 35 49.71 -41.39 0.51
C GLY H 35 49.76 -42.01 -0.88
N TRP H 36 50.68 -42.96 -1.04
CA TRP H 36 50.80 -43.71 -2.28
C TRP H 36 50.36 -45.14 -2.04
N PHE H 37 49.52 -45.64 -2.93
CA PHE H 37 49.03 -47.01 -2.86
C PHE H 37 49.29 -47.66 -4.20
N ARG H 38 49.40 -48.99 -4.18
CA ARG H 38 49.58 -49.74 -5.42
C ARG H 38 48.69 -50.97 -5.42
N GLN H 39 48.31 -51.40 -6.63
CA GLN H 39 47.43 -52.54 -6.80
C GLN H 39 47.97 -53.44 -7.89
N ALA H 40 48.44 -54.62 -7.48
CA ALA H 40 48.89 -55.64 -8.42
C ALA H 40 47.65 -56.33 -9.01
N PRO H 41 47.81 -57.02 -10.16
CA PRO H 41 46.64 -57.65 -10.80
C PRO H 41 46.07 -58.81 -9.96
N GLY H 42 44.80 -58.71 -9.60
CA GLY H 42 44.14 -59.73 -8.79
C GLY H 42 44.23 -59.42 -7.30
N LYS H 43 45.41 -58.98 -6.85
CA LYS H 43 45.66 -58.70 -5.44
C LYS H 43 44.89 -57.47 -4.93
N GLU H 44 45.02 -57.22 -3.63
CA GLU H 44 44.33 -56.10 -3.00
C GLU H 44 45.18 -54.84 -3.04
N ARG H 45 44.51 -53.69 -3.04
CA ARG H 45 45.19 -52.40 -3.03
C ARG H 45 45.94 -52.23 -1.71
N GLU H 46 47.23 -52.00 -1.79
CA GLU H 46 48.06 -51.95 -0.59
C GLU H 46 48.85 -50.64 -0.45
N PHE H 47 49.09 -50.28 0.79
CA PHE H 47 49.80 -49.05 1.13
C PHE H 47 51.28 -49.17 0.77
N VAL H 48 51.86 -48.07 0.29
CA VAL H 48 53.28 -48.01 -0.07
C VAL H 48 54.02 -47.01 0.81
N SER H 49 53.55 -45.76 0.79
CA SER H 49 54.18 -44.70 1.55
C SER H 49 53.21 -43.54 1.76
N GLY H 50 53.48 -42.74 2.80
CA GLY H 50 52.65 -41.60 3.12
C GLY H 50 53.47 -40.49 3.73
N ILE H 51 52.89 -39.29 3.79
CA ILE H 51 53.61 -38.12 4.24
C ILE H 51 52.65 -37.07 4.79
N SER H 52 53.05 -36.41 5.87
CA SER H 52 52.16 -35.47 6.54
C SER H 52 52.11 -34.17 5.77
N TRP H 53 51.18 -33.30 6.17
CA TRP H 53 50.98 -32.01 5.53
C TRP H 53 52.27 -31.19 5.52
N ARG H 54 52.92 -31.12 6.68
CA ARG H 54 54.10 -30.29 6.87
C ARG H 54 55.30 -30.92 6.17
N GLY H 55 55.27 -32.25 6.06
CA GLY H 55 56.27 -33.00 5.32
C GLY H 55 57.26 -33.72 6.22
N ASP H 56 57.13 -33.54 7.53
CA ASP H 56 58.16 -33.99 8.47
C ASP H 56 57.89 -35.39 9.01
N SER H 57 56.62 -35.81 8.98
CA SER H 57 56.27 -37.17 9.35
C SER H 57 56.03 -37.97 8.08
N THR H 58 56.46 -39.23 8.08
CA THR H 58 56.52 -40.03 6.88
C THR H 58 56.44 -41.52 7.22
N GLY H 59 55.90 -42.31 6.30
CA GLY H 59 55.74 -43.74 6.52
C GLY H 59 56.05 -44.55 5.26
N TYR H 60 56.45 -45.80 5.46
CA TYR H 60 56.72 -46.72 4.34
C TYR H 60 56.30 -48.14 4.69
N ALA H 61 55.90 -48.88 3.67
CA ALA H 61 55.60 -50.30 3.82
C ALA H 61 56.91 -51.06 3.92
N ASP H 62 56.91 -52.17 4.66
CA ASP H 62 58.13 -52.94 4.85
C ASP H 62 58.68 -53.40 3.51
N SER H 63 57.79 -53.66 2.57
CA SER H 63 58.16 -54.16 1.24
C SER H 63 59.03 -53.18 0.46
N VAL H 64 58.94 -51.89 0.79
CA VAL H 64 59.64 -50.84 0.06
C VAL H 64 60.56 -50.03 0.96
N LYS H 65 60.76 -50.50 2.19
CA LYS H 65 61.63 -49.80 3.13
C LYS H 65 63.03 -49.72 2.52
N GLY H 66 63.60 -48.51 2.52
CA GLY H 66 64.98 -48.32 2.10
C GLY H 66 65.16 -48.10 0.62
N ARG H 67 64.13 -48.44 -0.17
CA ARG H 67 64.20 -48.33 -1.63
C ARG H 67 63.40 -47.14 -2.13
N PHE H 68 62.30 -46.84 -1.43
CA PHE H 68 61.40 -45.77 -1.83
C PHE H 68 61.57 -44.53 -0.94
N THR H 69 61.32 -43.36 -1.52
CA THR H 69 61.43 -42.10 -0.79
C THR H 69 60.30 -41.16 -1.20
N ILE H 70 59.42 -40.85 -0.26
CA ILE H 70 58.30 -39.94 -0.52
C ILE H 70 58.64 -38.51 -0.11
N SER H 71 58.09 -37.55 -0.84
CA SER H 71 58.32 -36.14 -0.54
C SER H 71 57.21 -35.32 -1.18
N ARG H 72 57.07 -34.08 -0.74
CA ARG H 72 56.07 -33.17 -1.30
C ARG H 72 56.57 -31.73 -1.32
N ASP H 73 55.99 -30.97 -2.26
CA ASP H 73 56.29 -29.56 -2.44
C ASP H 73 54.95 -28.83 -2.42
N ASN H 74 54.53 -28.38 -1.24
CA ASN H 74 53.21 -27.75 -1.09
C ASN H 74 53.04 -26.46 -1.89
N ALA H 75 54.15 -25.89 -2.34
CA ALA H 75 54.11 -24.67 -3.14
C ALA H 75 53.80 -25.00 -4.59
N LYS H 76 54.38 -26.11 -5.08
CA LYS H 76 54.07 -26.59 -6.42
C LYS H 76 52.82 -27.48 -6.38
N ASN H 77 52.39 -27.84 -5.17
CA ASN H 77 51.25 -28.74 -4.95
C ASN H 77 51.50 -30.13 -5.55
N THR H 78 52.61 -30.74 -5.17
CA THR H 78 52.96 -32.07 -5.67
C THR H 78 53.37 -33.01 -4.55
N VAL H 79 53.42 -34.29 -4.89
CA VAL H 79 53.91 -35.34 -4.01
C VAL H 79 54.68 -36.29 -4.90
N ASP H 80 55.93 -36.56 -4.53
CA ASP H 80 56.79 -37.39 -5.36
C ASP H 80 57.12 -38.70 -4.65
N LEU H 81 57.34 -39.74 -5.43
CA LEU H 81 57.74 -41.03 -4.91
C LEU H 81 58.92 -41.57 -5.71
N GLN H 82 60.12 -41.46 -5.12
CA GLN H 82 61.33 -42.01 -5.73
C GLN H 82 61.38 -43.51 -5.50
N MET H 83 61.42 -44.27 -6.59
CA MET H 83 61.42 -45.73 -6.51
C MET H 83 62.71 -46.26 -7.13
N ASN H 84 63.65 -46.64 -6.26
CA ASN H 84 64.94 -47.17 -6.69
C ASN H 84 65.02 -48.70 -6.53
N SER H 85 65.93 -49.31 -7.28
CA SER H 85 66.17 -50.76 -7.21
C SER H 85 64.88 -51.56 -7.36
N LEU H 86 64.10 -51.21 -8.39
CA LEU H 86 62.79 -51.81 -8.62
C LEU H 86 62.90 -53.29 -8.96
N LYS H 87 61.80 -54.01 -8.74
CA LYS H 87 61.74 -55.43 -9.02
C LYS H 87 60.38 -55.72 -9.65
N PRO H 88 60.22 -56.91 -10.26
CA PRO H 88 58.93 -57.29 -10.84
C PRO H 88 57.81 -57.38 -9.80
N GLU H 89 58.18 -57.53 -8.54
CA GLU H 89 57.22 -57.57 -7.45
C GLU H 89 56.49 -56.23 -7.29
N ASP H 90 57.12 -55.18 -7.83
CA ASP H 90 56.59 -53.82 -7.74
C ASP H 90 55.75 -53.46 -8.95
N THR H 91 55.57 -54.40 -9.87
CA THR H 91 54.69 -54.20 -11.01
C THR H 91 53.29 -54.02 -10.47
N ALA H 92 52.67 -52.88 -10.76
CA ALA H 92 51.34 -52.58 -10.25
C ALA H 92 50.84 -51.25 -10.80
N ILE H 93 49.57 -50.95 -10.55
CA ILE H 93 49.04 -49.62 -10.78
C ILE H 93 49.26 -48.84 -9.50
N TYR H 94 49.87 -47.66 -9.60
CA TYR H 94 50.15 -46.83 -8.44
C TYR H 94 49.18 -45.66 -8.34
N TYR H 95 48.56 -45.50 -7.17
CA TYR H 95 47.54 -44.48 -6.95
C TYR H 95 48.00 -43.44 -5.95
N CYS H 96 47.63 -42.20 -6.22
CA CYS H 96 47.88 -41.10 -5.31
C CYS H 96 46.59 -40.86 -4.52
N ALA H 97 46.71 -40.49 -3.25
CA ALA H 97 45.53 -40.34 -2.39
C ALA H 97 45.69 -39.22 -1.36
N ALA H 98 44.61 -38.49 -1.12
CA ALA H 98 44.62 -37.36 -0.18
C ALA H 98 43.68 -37.61 0.99
N ALA H 99 44.14 -37.26 2.19
CA ALA H 99 43.35 -37.40 3.41
C ALA H 99 43.30 -36.08 4.15
N ALA H 100 42.12 -35.48 4.24
CA ALA H 100 41.96 -34.18 4.89
C ALA H 100 42.40 -34.22 6.34
N GLY H 101 43.33 -33.34 6.70
CA GLY H 101 43.97 -33.38 7.99
C GLY H 101 45.47 -33.20 7.83
N SER H 102 46.22 -33.39 8.90
CA SER H 102 47.66 -33.19 8.88
C SER H 102 48.37 -34.52 8.67
N ALA H 103 47.80 -35.57 9.26
CA ALA H 103 48.44 -36.87 9.30
C ALA H 103 48.30 -37.64 8.00
N TRP H 104 49.20 -38.61 7.78
CA TRP H 104 49.04 -39.60 6.75
C TRP H 104 48.59 -40.88 7.44
N TYR H 105 47.99 -41.80 6.68
CA TYR H 105 47.50 -43.04 7.25
C TYR H 105 47.96 -44.25 6.45
N GLY H 106 47.92 -45.41 7.07
CA GLY H 106 48.49 -46.62 6.49
C GLY H 106 47.47 -47.51 5.82
N THR H 107 46.20 -47.14 5.91
CA THR H 107 45.11 -47.87 5.23
C THR H 107 44.40 -46.97 4.22
N LEU H 108 43.74 -47.61 3.24
CA LEU H 108 43.08 -46.86 2.18
C LEU H 108 41.79 -46.21 2.66
N TYR H 109 41.26 -46.71 3.78
CA TYR H 109 39.94 -46.29 4.26
C TYR H 109 39.92 -44.89 4.87
N GLU H 110 41.09 -44.29 5.06
CA GLU H 110 41.18 -42.97 5.70
C GLU H 110 41.36 -41.87 4.66
N TYR H 111 41.61 -42.26 3.42
CA TYR H 111 41.83 -41.27 2.36
C TYR H 111 40.52 -40.87 1.69
N ASP H 112 40.40 -39.57 1.43
CA ASP H 112 39.15 -39.00 0.98
C ASP H 112 39.09 -38.78 -0.53
N TYR H 113 40.26 -38.60 -1.15
CA TYR H 113 40.34 -38.36 -2.58
C TYR H 113 41.42 -39.24 -3.23
N TRP H 114 41.17 -39.65 -4.46
CA TRP H 114 42.06 -40.56 -5.17
C TRP H 114 42.33 -40.08 -6.59
N GLY H 115 43.50 -40.46 -7.11
CA GLY H 115 43.81 -40.24 -8.51
C GLY H 115 43.34 -41.45 -9.32
N GLN H 116 43.45 -41.36 -10.65
CA GLN H 116 42.95 -42.43 -11.51
C GLN H 116 43.90 -43.61 -11.53
N GLY H 117 45.19 -43.32 -11.32
CA GLY H 117 46.25 -44.32 -11.26
C GLY H 117 47.16 -44.26 -12.47
N THR H 118 48.39 -44.75 -12.32
CA THR H 118 49.30 -44.90 -13.44
C THR H 118 49.96 -46.28 -13.33
N GLN H 119 50.20 -46.92 -14.47
CA GLN H 119 50.77 -48.26 -14.48
C GLN H 119 52.29 -48.17 -14.35
N VAL H 120 52.83 -49.00 -13.49
CA VAL H 120 54.27 -49.21 -13.41
C VAL H 120 54.52 -50.68 -13.69
N THR H 121 55.50 -50.95 -14.54
CA THR H 121 55.79 -52.31 -14.97
C THR H 121 57.29 -52.56 -14.94
N VAL H 122 57.68 -53.63 -14.26
CA VAL H 122 59.09 -53.95 -14.09
C VAL H 122 59.36 -55.32 -14.70
N SER H 123 60.14 -55.33 -15.78
CA SER H 123 60.45 -56.56 -16.51
C SER H 123 61.90 -56.97 -16.28
N SER H 124 62.14 -58.27 -16.26
CA SER H 124 63.47 -58.83 -16.07
C SER H 124 64.21 -58.93 -17.40
N LEU I 1 -26.63 7.17 32.84
CA LEU I 1 -25.93 7.81 31.74
C LEU I 1 -25.42 6.77 30.72
N GLU I 2 -25.89 6.89 29.49
CA GLU I 2 -25.48 5.99 28.42
C GLU I 2 -24.36 6.59 27.57
N GLU I 3 -23.24 5.90 27.49
CA GLU I 3 -22.12 6.34 26.67
C GLU I 3 -22.03 5.53 25.39
N LYS I 4 -21.72 6.23 24.30
CA LYS I 4 -21.52 5.60 23.01
C LYS I 4 -20.19 6.03 22.42
N LYS I 5 -19.66 5.21 21.52
CA LYS I 5 -18.36 5.47 20.93
C LYS I 5 -18.28 4.82 19.56
N VAL I 6 -17.99 5.64 18.55
CA VAL I 6 -17.75 5.16 17.20
C VAL I 6 -16.26 4.87 17.02
N CYS I 7 -15.96 3.66 16.54
CA CYS I 7 -14.59 3.23 16.33
C CYS I 7 -14.38 2.86 14.88
N ASN I 8 -13.14 2.99 14.41
CA ASN I 8 -12.79 2.63 13.05
C ASN I 8 -12.74 1.11 12.87
N GLY I 9 -13.05 0.66 11.65
CA GLY I 9 -13.08 -0.75 11.34
C GLY I 9 -11.74 -1.23 10.81
N ILE I 10 -11.64 -2.54 10.57
CA ILE I 10 -10.42 -3.13 10.01
C ILE I 10 -10.21 -2.66 8.57
N GLY I 11 -9.03 -2.15 8.30
CA GLY I 11 -8.70 -1.58 7.00
C GLY I 11 -8.50 -0.08 7.09
N ILE I 12 -8.99 0.54 8.16
CA ILE I 12 -8.99 2.00 8.31
C ILE I 12 -8.28 2.49 9.57
N GLY I 13 -7.60 3.62 9.47
CA GLY I 13 -7.03 4.31 10.61
C GLY I 13 -6.06 3.46 11.39
N GLU I 14 -6.35 3.24 12.67
CA GLU I 14 -5.48 2.45 13.55
C GLU I 14 -5.33 1.00 13.07
N PHE I 15 -6.09 0.62 12.03
CA PHE I 15 -6.02 -0.72 11.45
C PHE I 15 -5.91 -0.68 9.93
N LYS I 16 -5.09 0.24 9.41
CA LYS I 16 -4.93 0.39 7.97
C LYS I 16 -4.54 -0.91 7.28
N ASP I 17 -3.47 -1.52 7.79
CA ASP I 17 -2.86 -2.68 7.14
C ASP I 17 -3.06 -3.95 7.98
N SER I 18 -4.11 -3.95 8.80
CA SER I 18 -4.48 -5.13 9.57
C SER I 18 -5.41 -6.01 8.75
N LEU I 19 -5.16 -7.31 8.78
CA LEU I 19 -5.96 -8.26 8.00
C LEU I 19 -7.19 -8.64 8.78
N SER I 20 -7.09 -8.57 10.10
CA SER I 20 -8.15 -9.07 10.96
C SER I 20 -8.09 -8.48 12.37
N ILE I 21 -9.16 -8.69 13.13
CA ILE I 21 -9.11 -8.52 14.57
C ILE I 21 -7.99 -9.43 15.04
N ASN I 22 -7.06 -8.90 15.81
CA ASN I 22 -6.00 -9.72 16.37
C ASN I 22 -5.68 -9.28 17.80
N ALA I 23 -4.83 -10.06 18.47
CA ALA I 23 -4.50 -9.84 19.88
C ALA I 23 -4.00 -8.42 20.14
N THR I 24 -3.37 -7.82 19.15
CA THR I 24 -2.80 -6.49 19.30
C THR I 24 -3.86 -5.40 19.19
N ASN I 25 -4.70 -5.46 18.16
CA ASN I 25 -5.62 -4.37 17.86
C ASN I 25 -6.97 -4.44 18.57
N ILE I 26 -7.28 -5.58 19.18
CA ILE I 26 -8.62 -5.80 19.75
C ILE I 26 -8.93 -4.91 20.96
N LYS I 27 -7.91 -4.54 21.73
CA LYS I 27 -8.14 -3.73 22.91
C LYS I 27 -8.59 -2.33 22.50
N HIS I 28 -8.31 -1.95 21.25
CA HIS I 28 -8.72 -0.64 20.72
C HIS I 28 -10.20 -0.64 20.36
N PHE I 29 -10.85 -1.79 20.52
CA PHE I 29 -12.29 -1.90 20.30
C PHE I 29 -13.06 -1.85 21.61
N LYS I 30 -12.35 -1.57 22.70
CA LYS I 30 -12.96 -1.53 24.02
C LYS I 30 -14.02 -0.42 24.09
N ASN I 31 -15.24 -0.79 24.48
CA ASN I 31 -16.35 0.14 24.66
C ASN I 31 -16.87 0.77 23.36
N CYS I 32 -16.50 0.19 22.22
CA CYS I 32 -17.04 0.66 20.96
C CYS I 32 -18.47 0.17 20.81
N THR I 33 -19.37 1.08 20.52
CA THR I 33 -20.78 0.74 20.36
C THR I 33 -21.11 0.68 18.87
N SER I 34 -20.33 1.39 18.08
CA SER I 34 -20.53 1.41 16.63
C SER I 34 -19.19 1.24 15.91
N ILE I 35 -19.18 0.43 14.86
CA ILE I 35 -18.01 0.30 13.99
C ILE I 35 -18.24 1.04 12.67
N SER I 36 -17.48 2.09 12.45
CA SER I 36 -17.55 2.79 11.18
C SER I 36 -16.59 2.09 10.21
N GLY I 37 -17.13 1.12 9.48
CA GLY I 37 -16.36 0.36 8.52
C GLY I 37 -16.68 -1.11 8.61
N ASP I 38 -15.66 -1.95 8.42
CA ASP I 38 -15.82 -3.39 8.32
C ASP I 38 -15.13 -4.11 9.47
N LEU I 39 -15.60 -5.31 9.78
CA LEU I 39 -14.91 -6.20 10.69
C LEU I 39 -14.58 -7.50 9.98
N HIS I 40 -13.29 -7.84 9.93
CA HIS I 40 -12.82 -9.13 9.44
C HIS I 40 -12.35 -9.97 10.62
N ILE I 41 -12.73 -11.24 10.63
CA ILE I 41 -12.18 -12.17 11.61
C ILE I 41 -11.69 -13.39 10.85
N LEU I 42 -10.39 -13.59 10.86
CA LEU I 42 -9.74 -14.60 10.03
C LEU I 42 -8.91 -15.58 10.87
N PRO I 43 -8.51 -16.71 10.26
CA PRO I 43 -7.67 -17.72 10.92
C PRO I 43 -6.44 -17.13 11.58
N VAL I 44 -5.73 -16.25 10.88
CA VAL I 44 -4.53 -15.60 11.44
C VAL I 44 -4.73 -15.14 12.87
N ALA I 45 -5.91 -14.60 13.15
CA ALA I 45 -6.20 -14.04 14.46
C ALA I 45 -5.87 -15.03 15.56
N PHE I 46 -6.34 -16.27 15.39
CA PHE I 46 -6.23 -17.29 16.43
C PHE I 46 -4.92 -18.04 16.36
N ARG I 47 -4.30 -17.96 15.20
CA ARG I 47 -3.05 -18.66 14.92
C ARG I 47 -1.88 -17.83 15.44
N GLY I 48 -1.96 -16.52 15.23
CA GLY I 48 -0.86 -15.63 15.50
C GLY I 48 -0.15 -15.36 14.20
N ASP I 49 0.68 -14.32 14.17
CA ASP I 49 1.44 -13.97 12.97
C ASP I 49 2.79 -13.34 13.34
N SER I 50 3.85 -14.14 13.23
CA SER I 50 5.20 -13.71 13.58
C SER I 50 5.67 -12.52 12.74
N PHE I 51 5.30 -12.55 11.47
CA PHE I 51 5.73 -11.52 10.52
C PHE I 51 5.33 -10.12 10.95
N THR I 52 4.26 -10.03 11.73
CA THR I 52 3.73 -8.76 12.21
C THR I 52 3.81 -8.64 13.72
N HIS I 53 4.59 -9.53 14.35
CA HIS I 53 4.78 -9.48 15.80
C HIS I 53 3.43 -9.58 16.50
N THR I 54 2.56 -10.43 15.96
CA THR I 54 1.20 -10.57 16.48
C THR I 54 1.01 -11.93 17.14
N PRO I 55 0.79 -11.96 18.47
CA PRO I 55 0.53 -13.25 19.13
C PRO I 55 -0.89 -13.75 18.90
N PRO I 56 -1.13 -15.04 19.14
CA PRO I 56 -2.47 -15.60 18.95
C PRO I 56 -3.49 -14.93 19.84
N LEU I 57 -4.65 -14.66 19.26
CA LEU I 57 -5.74 -14.00 19.95
C LEU I 57 -6.35 -14.93 20.98
N ASP I 58 -6.41 -14.48 22.22
CA ASP I 58 -7.08 -15.24 23.27
C ASP I 58 -8.60 -15.11 23.05
N PRO I 59 -9.32 -16.24 22.91
CA PRO I 59 -10.77 -16.19 22.64
C PRO I 59 -11.60 -15.43 23.67
N GLN I 60 -11.10 -15.25 24.89
CA GLN I 60 -11.84 -14.48 25.88
C GLN I 60 -11.96 -13.03 25.40
N GLU I 61 -10.88 -12.51 24.82
CA GLU I 61 -10.82 -11.10 24.40
C GLU I 61 -11.94 -10.75 23.43
N LEU I 62 -12.51 -11.76 22.77
CA LEU I 62 -13.60 -11.53 21.83
C LEU I 62 -14.83 -10.94 22.51
N ASP I 63 -14.91 -11.09 23.83
CA ASP I 63 -16.05 -10.57 24.60
C ASP I 63 -16.04 -9.03 24.65
N ILE I 64 -14.95 -8.43 24.16
CA ILE I 64 -14.85 -6.99 24.04
C ILE I 64 -15.88 -6.49 23.02
N LEU I 65 -16.25 -7.34 22.08
CA LEU I 65 -17.16 -6.94 21.03
C LEU I 65 -18.62 -6.92 21.48
N LYS I 66 -18.87 -7.30 22.73
CA LYS I 66 -20.23 -7.36 23.25
C LYS I 66 -20.89 -5.99 23.33
N THR I 67 -20.08 -4.93 23.31
CA THR I 67 -20.58 -3.56 23.38
C THR I 67 -21.02 -3.05 21.99
N VAL I 68 -20.62 -3.74 20.94
CA VAL I 68 -20.91 -3.32 19.57
C VAL I 68 -22.37 -3.57 19.19
N LYS I 69 -23.03 -2.52 18.73
CA LYS I 69 -24.45 -2.59 18.37
C LYS I 69 -24.68 -2.27 16.89
N GLU I 70 -23.70 -1.63 16.27
CA GLU I 70 -23.86 -1.16 14.90
C GLU I 70 -22.58 -1.31 14.10
N ILE I 71 -22.70 -1.83 12.87
CA ILE I 71 -21.60 -1.86 11.92
C ILE I 71 -22.06 -1.22 10.62
N THR I 72 -21.35 -0.17 10.19
CA THR I 72 -21.77 0.58 9.02
C THR I 72 -21.47 -0.17 7.72
N GLY I 73 -20.43 -1.02 7.75
CA GLY I 73 -20.02 -1.75 6.58
C GLY I 73 -20.56 -3.18 6.63
N PHE I 74 -19.65 -4.13 6.44
CA PHE I 74 -20.01 -5.54 6.49
C PHE I 74 -19.27 -6.25 7.62
N LEU I 75 -19.83 -7.39 8.03
CA LEU I 75 -19.22 -8.26 9.02
C LEU I 75 -18.83 -9.57 8.36
N LEU I 76 -17.55 -9.94 8.47
CA LEU I 76 -17.04 -11.19 7.89
C LEU I 76 -16.41 -12.03 8.98
N ILE I 77 -16.81 -13.29 9.07
CA ILE I 77 -16.25 -14.20 10.05
C ILE I 77 -15.90 -15.53 9.38
N GLN I 78 -14.60 -15.76 9.21
CA GLN I 78 -14.08 -16.98 8.57
C GLN I 78 -13.40 -17.89 9.57
N ALA I 79 -13.42 -17.53 10.83
CA ALA I 79 -12.77 -18.31 11.87
C ALA I 79 -13.31 -17.98 13.24
N TRP I 80 -13.44 -19.01 14.06
CA TRP I 80 -14.02 -18.86 15.39
C TRP I 80 -13.44 -19.97 16.26
N PRO I 81 -13.27 -19.72 17.57
CA PRO I 81 -12.62 -20.72 18.42
C PRO I 81 -13.41 -22.04 18.46
N GLU I 82 -12.70 -23.16 18.56
CA GLU I 82 -13.33 -24.48 18.47
C GLU I 82 -14.44 -24.67 19.49
N ASN I 83 -14.12 -24.48 20.77
CA ASN I 83 -15.10 -24.68 21.84
C ASN I 83 -15.83 -23.38 22.18
N ARG I 84 -16.57 -22.87 21.20
CA ARG I 84 -17.46 -21.74 21.37
C ARG I 84 -18.63 -22.00 20.42
N THR I 85 -19.78 -22.32 20.98
CA THR I 85 -20.87 -22.87 20.19
C THR I 85 -21.58 -21.82 19.33
N ASP I 86 -21.52 -20.57 19.77
CA ASP I 86 -22.21 -19.48 19.10
C ASP I 86 -21.33 -18.25 18.95
N LEU I 87 -21.84 -17.26 18.21
CA LEU I 87 -21.17 -15.98 18.08
C LEU I 87 -21.67 -15.05 19.20
N HIS I 88 -21.52 -15.49 20.45
CA HIS I 88 -22.06 -14.75 21.59
C HIS I 88 -21.50 -13.33 21.65
N ALA I 89 -20.27 -13.16 21.18
CA ALA I 89 -19.59 -11.87 21.24
C ALA I 89 -20.36 -10.79 20.47
N PHE I 90 -21.24 -11.22 19.57
CA PHE I 90 -22.08 -10.31 18.79
C PHE I 90 -23.54 -10.44 19.19
N GLU I 91 -23.80 -10.87 20.42
CA GLU I 91 -25.17 -11.07 20.89
C GLU I 91 -25.95 -9.75 20.94
N ASN I 92 -25.24 -8.63 21.04
CA ASN I 92 -25.86 -7.31 21.14
C ASN I 92 -25.85 -6.54 19.83
N LEU I 93 -25.33 -7.16 18.78
CA LEU I 93 -25.29 -6.54 17.46
C LEU I 93 -26.69 -6.50 16.90
N GLU I 94 -27.16 -5.30 16.53
CA GLU I 94 -28.53 -5.14 16.05
C GLU I 94 -28.63 -4.54 14.64
N ILE I 95 -27.58 -3.89 14.17
CA ILE I 95 -27.62 -3.26 12.84
C ILE I 95 -26.33 -3.44 12.05
N ILE I 96 -26.49 -3.86 10.80
CA ILE I 96 -25.40 -3.89 9.84
C ILE I 96 -25.85 -3.10 8.61
N ARG I 97 -25.23 -1.95 8.38
CA ARG I 97 -25.72 -1.05 7.33
C ARG I 97 -25.31 -1.50 5.93
N GLY I 98 -24.10 -2.02 5.81
CA GLY I 98 -23.65 -2.55 4.54
C GLY I 98 -23.32 -1.45 3.55
N ARG I 99 -22.78 -0.33 4.05
CA ARG I 99 -22.33 0.75 3.18
C ARG I 99 -21.14 0.29 2.36
N THR I 100 -20.46 -0.73 2.88
CA THR I 100 -19.42 -1.44 2.16
C THR I 100 -19.74 -2.92 2.30
N LYS I 101 -19.36 -3.70 1.30
CA LYS I 101 -19.68 -5.12 1.29
C LYS I 101 -18.47 -5.95 0.84
N GLN I 102 -18.38 -7.17 1.36
CA GLN I 102 -17.35 -8.10 0.96
C GLN I 102 -17.63 -8.60 -0.46
N HIS I 103 -16.61 -8.56 -1.32
CA HIS I 103 -16.74 -8.97 -2.72
C HIS I 103 -17.85 -8.19 -3.42
N GLY I 104 -18.11 -6.98 -2.93
CA GLY I 104 -19.11 -6.10 -3.50
C GLY I 104 -20.53 -6.64 -3.39
N GLN I 105 -20.71 -7.69 -2.58
CA GLN I 105 -21.99 -8.40 -2.54
C GLN I 105 -22.52 -8.61 -1.12
N PHE I 106 -21.64 -8.98 -0.19
CA PHE I 106 -22.07 -9.45 1.13
C PHE I 106 -21.85 -8.46 2.26
N SER I 107 -22.88 -8.33 3.10
CA SER I 107 -22.85 -7.44 4.26
C SER I 107 -22.67 -8.26 5.53
N LEU I 108 -23.17 -9.49 5.50
CA LEU I 108 -22.94 -10.44 6.60
C LEU I 108 -22.45 -11.74 5.98
N ALA I 109 -21.25 -12.17 6.39
CA ALA I 109 -20.69 -13.42 5.88
C ALA I 109 -20.19 -14.26 7.04
N VAL I 110 -20.74 -15.46 7.17
CA VAL I 110 -20.31 -16.41 8.20
C VAL I 110 -19.90 -17.70 7.50
N VAL I 111 -18.59 -17.94 7.47
CA VAL I 111 -18.01 -18.97 6.61
C VAL I 111 -17.09 -19.92 7.36
N SER I 112 -17.32 -21.23 7.18
CA SER I 112 -16.39 -22.25 7.62
C SER I 112 -16.09 -22.18 9.12
N LEU I 113 -17.15 -22.09 9.93
CA LEU I 113 -17.03 -22.15 11.38
C LEU I 113 -17.49 -23.51 11.90
N ASN I 114 -17.26 -23.78 13.17
CA ASN I 114 -17.70 -25.04 13.79
C ASN I 114 -18.87 -24.83 14.74
N ILE I 115 -19.52 -23.68 14.63
CA ILE I 115 -20.60 -23.31 15.53
C ILE I 115 -21.89 -24.11 15.28
N THR I 116 -22.75 -24.15 16.30
CA THR I 116 -24.02 -24.88 16.22
C THR I 116 -25.17 -23.91 16.02
N SER I 117 -24.99 -22.68 16.51
CA SER I 117 -26.00 -21.63 16.39
C SER I 117 -25.31 -20.28 16.20
N LEU I 118 -25.98 -19.35 15.52
CA LEU I 118 -25.42 -18.03 15.26
C LEU I 118 -25.39 -17.16 16.54
N GLY I 119 -26.53 -17.08 17.24
CA GLY I 119 -26.59 -16.35 18.50
C GLY I 119 -26.74 -14.85 18.31
N LEU I 120 -27.13 -14.44 17.10
CA LEU I 120 -27.34 -13.03 16.79
C LEU I 120 -28.77 -12.65 17.19
N ARG I 121 -29.05 -12.72 18.49
CA ARG I 121 -30.41 -12.53 18.99
C ARG I 121 -30.89 -11.09 18.84
N SER I 122 -29.99 -10.13 19.05
CA SER I 122 -30.34 -8.72 18.97
C SER I 122 -30.44 -8.20 17.53
N LEU I 123 -30.02 -9.02 16.57
CA LEU I 123 -30.00 -8.59 15.17
C LEU I 123 -31.41 -8.22 14.70
N LYS I 124 -31.58 -6.97 14.28
CA LYS I 124 -32.88 -6.44 13.89
C LYS I 124 -32.89 -5.98 12.43
N GLU I 125 -31.76 -5.43 11.97
CA GLU I 125 -31.71 -4.84 10.63
C GLU I 125 -30.39 -5.04 9.87
N ILE I 126 -30.51 -5.48 8.62
CA ILE I 126 -29.39 -5.52 7.68
C ILE I 126 -29.76 -4.62 6.50
N SER I 127 -29.30 -3.36 6.56
CA SER I 127 -29.83 -2.31 5.69
C SER I 127 -29.55 -2.53 4.21
N ASP I 128 -28.49 -3.27 3.90
CA ASP I 128 -28.11 -3.51 2.52
C ASP I 128 -27.19 -4.72 2.45
N GLY I 129 -26.88 -5.16 1.23
CA GLY I 129 -25.96 -6.26 1.03
C GLY I 129 -26.59 -7.61 1.31
N ASP I 130 -26.05 -8.64 0.67
CA ASP I 130 -26.58 -9.98 0.81
C ASP I 130 -25.98 -10.66 2.02
N VAL I 131 -26.59 -11.77 2.44
CA VAL I 131 -26.09 -12.56 3.55
C VAL I 131 -25.64 -13.90 3.04
N ILE I 132 -24.49 -14.37 3.50
CA ILE I 132 -23.99 -15.69 3.14
C ILE I 132 -23.55 -16.47 4.37
N ILE I 133 -24.09 -17.68 4.50
CA ILE I 133 -23.80 -18.56 5.62
C ILE I 133 -23.60 -19.96 5.07
N SER I 134 -22.33 -20.37 4.98
CA SER I 134 -21.99 -21.64 4.36
C SER I 134 -20.71 -22.27 4.92
N GLY I 135 -20.66 -23.59 4.88
CA GLY I 135 -19.47 -24.32 5.28
C GLY I 135 -19.42 -24.61 6.76
N ASN I 136 -20.50 -24.30 7.47
CA ASN I 136 -20.57 -24.53 8.90
C ASN I 136 -21.22 -25.89 9.18
N LYS I 137 -20.37 -26.91 9.31
CA LYS I 137 -20.83 -28.30 9.34
C LYS I 137 -21.72 -28.64 10.53
N ASN I 138 -21.71 -27.81 11.56
CA ASN I 138 -22.44 -28.09 12.79
C ASN I 138 -23.58 -27.11 13.05
N LEU I 139 -23.66 -26.06 12.24
CA LEU I 139 -24.62 -24.99 12.45
C LEU I 139 -26.03 -25.40 12.06
N CYS I 140 -26.96 -25.23 13.00
CA CYS I 140 -28.39 -25.42 12.76
C CYS I 140 -29.13 -24.09 12.92
N TYR I 141 -30.46 -24.14 12.85
CA TYR I 141 -31.33 -23.00 13.17
C TYR I 141 -31.28 -21.86 12.15
N ALA I 142 -30.30 -21.88 11.25
CA ALA I 142 -30.02 -20.73 10.40
C ALA I 142 -31.15 -20.45 9.40
N ASN I 143 -31.87 -21.49 8.98
CA ASN I 143 -32.87 -21.36 7.93
C ASN I 143 -34.27 -21.04 8.45
N THR I 144 -34.42 -21.01 9.78
CA THR I 144 -35.71 -20.72 10.38
C THR I 144 -36.01 -19.23 10.29
N ILE I 145 -34.98 -18.41 10.45
CA ILE I 145 -35.15 -16.96 10.48
C ILE I 145 -35.81 -16.42 9.21
N ASN I 146 -36.66 -15.42 9.39
CA ASN I 146 -37.23 -14.68 8.27
C ASN I 146 -36.34 -13.47 7.98
N TRP I 147 -35.46 -13.62 7.01
CA TRP I 147 -34.47 -12.59 6.69
C TRP I 147 -35.13 -11.35 6.08
N LYS I 148 -36.33 -11.53 5.56
CA LYS I 148 -37.07 -10.43 4.97
C LYS I 148 -37.35 -9.34 6.00
N LYS I 149 -37.64 -9.75 7.24
CA LYS I 149 -37.97 -8.79 8.29
C LYS I 149 -36.75 -7.94 8.66
N LEU I 150 -35.57 -8.37 8.21
CA LEU I 150 -34.32 -7.71 8.55
C LEU I 150 -33.77 -6.86 7.42
N PHE I 151 -34.10 -7.25 6.18
CA PHE I 151 -33.62 -6.53 5.00
C PHE I 151 -34.23 -5.13 4.89
N GLY I 152 -33.61 -4.30 4.06
CA GLY I 152 -34.02 -2.91 3.90
C GLY I 152 -34.00 -2.43 2.46
N THR I 153 -33.62 -3.30 1.53
CA THR I 153 -33.72 -2.98 0.10
C THR I 153 -34.24 -4.19 -0.67
N SER I 154 -34.82 -3.93 -1.85
CA SER I 154 -35.54 -4.96 -2.59
C SER I 154 -34.68 -6.18 -2.96
N GLY I 155 -33.47 -5.95 -3.44
CA GLY I 155 -32.66 -7.01 -4.02
C GLY I 155 -31.87 -7.85 -3.03
N GLN I 156 -32.04 -7.60 -1.74
CA GLN I 156 -31.30 -8.34 -0.73
C GLN I 156 -31.74 -9.79 -0.69
N LYS I 157 -30.77 -10.69 -0.82
CA LYS I 157 -31.03 -12.12 -0.81
C LYS I 157 -30.05 -12.85 0.09
N THR I 158 -30.27 -14.15 0.25
CA THR I 158 -29.49 -14.97 1.15
C THR I 158 -28.85 -16.15 0.39
N LYS I 159 -27.64 -16.54 0.79
CA LYS I 159 -26.99 -17.73 0.27
C LYS I 159 -26.65 -18.61 1.46
N ILE I 160 -27.62 -19.40 1.89
CA ILE I 160 -27.46 -20.27 3.05
C ILE I 160 -27.45 -21.73 2.60
N ILE I 161 -26.25 -22.24 2.32
CA ILE I 161 -26.08 -23.61 1.83
C ILE I 161 -24.89 -24.29 2.50
N SER I 162 -24.88 -25.62 2.48
CA SER I 162 -23.69 -26.39 2.86
C SER I 162 -23.35 -26.29 4.35
N ASN I 163 -24.35 -26.00 5.18
CA ASN I 163 -24.18 -26.05 6.63
C ASN I 163 -24.64 -27.44 7.11
N ARG I 164 -25.13 -27.54 8.35
CA ARG I 164 -25.66 -28.82 8.82
C ARG I 164 -27.07 -29.04 8.30
N GLY I 165 -27.39 -30.31 8.01
CA GLY I 165 -28.64 -30.66 7.39
C GLY I 165 -29.86 -30.40 8.26
N GLU I 166 -30.94 -29.93 7.64
CA GLU I 166 -32.21 -29.76 8.33
C GLU I 166 -32.63 -31.09 8.94
N ASN I 167 -32.32 -32.16 8.21
CA ASN I 167 -32.54 -33.53 8.67
C ASN I 167 -31.87 -33.82 10.01
N SER I 168 -30.54 -33.67 10.06
CA SER I 168 -29.75 -34.01 11.23
C SER I 168 -30.11 -33.12 12.43
N CYS I 169 -30.37 -31.85 12.14
CA CYS I 169 -30.73 -30.90 13.19
C CYS I 169 -32.05 -31.28 13.82
N LYS I 170 -32.93 -31.87 13.02
CA LYS I 170 -34.24 -32.30 13.49
C LYS I 170 -34.10 -33.54 14.36
N ALA I 171 -33.18 -34.42 13.97
CA ALA I 171 -32.98 -35.71 14.63
C ALA I 171 -31.99 -35.62 15.79
N THR I 172 -31.79 -34.42 16.33
CA THR I 172 -30.92 -34.21 17.49
C THR I 172 -31.51 -33.20 18.46
N GLY I 173 -32.75 -32.77 18.19
CA GLY I 173 -33.42 -31.81 19.05
C GLY I 173 -32.84 -30.43 18.91
N GLN I 174 -32.04 -30.23 17.87
CA GLN I 174 -31.46 -28.93 17.58
C GLN I 174 -32.45 -28.13 16.75
N VAL I 175 -33.57 -27.80 17.37
CA VAL I 175 -34.63 -27.04 16.74
C VAL I 175 -35.07 -25.95 17.69
N CYS I 176 -35.87 -25.02 17.19
CA CYS I 176 -36.32 -23.88 18.00
C CYS I 176 -37.13 -24.35 19.20
N HIS I 177 -36.94 -23.67 20.32
CA HIS I 177 -37.68 -23.98 21.57
C HIS I 177 -39.19 -23.93 21.32
N ALA I 178 -39.96 -24.57 22.19
CA ALA I 178 -41.40 -24.68 22.01
C ALA I 178 -42.11 -23.32 22.18
N LEU I 179 -41.46 -22.41 22.89
CA LEU I 179 -42.01 -21.07 23.13
C LEU I 179 -41.58 -20.09 22.04
N CYS I 180 -40.89 -20.59 21.03
CA CYS I 180 -40.54 -19.77 19.87
C CYS I 180 -41.74 -19.69 18.94
N SER I 181 -41.95 -18.50 18.38
CA SER I 181 -42.91 -18.34 17.30
C SER I 181 -42.28 -18.91 16.02
N PRO I 182 -43.08 -19.09 14.96
CA PRO I 182 -42.51 -19.53 13.68
C PRO I 182 -41.71 -18.45 12.95
N GLU I 183 -41.36 -17.37 13.66
CA GLU I 183 -40.46 -16.36 13.13
C GLU I 183 -39.04 -16.89 12.98
N GLY I 184 -38.75 -17.97 13.70
CA GLY I 184 -37.44 -18.61 13.67
C GLY I 184 -36.70 -18.44 14.99
N CYS I 185 -35.45 -18.90 15.02
CA CYS I 185 -34.64 -18.81 16.23
C CYS I 185 -33.15 -18.75 15.88
N TRP I 186 -32.39 -18.03 16.71
CA TRP I 186 -30.94 -17.96 16.56
C TRP I 186 -30.25 -19.04 17.36
N GLY I 187 -31.03 -20.00 17.86
CA GLY I 187 -30.50 -21.05 18.71
C GLY I 187 -31.57 -21.86 19.42
N PRO I 188 -31.16 -22.69 20.39
CA PRO I 188 -32.05 -23.59 21.12
C PRO I 188 -32.79 -22.92 22.27
N GLU I 189 -32.13 -22.03 22.99
CA GLU I 189 -32.72 -21.41 24.18
C GLU I 189 -33.90 -20.50 23.80
N PRO I 190 -34.80 -20.22 24.75
CA PRO I 190 -35.92 -19.30 24.48
C PRO I 190 -35.44 -17.88 24.18
N ARG I 191 -34.32 -17.47 24.75
CA ARG I 191 -33.75 -16.16 24.47
C ARG I 191 -33.44 -16.02 22.98
N ASP I 192 -33.15 -17.15 22.35
CA ASP I 192 -32.79 -17.17 20.94
C ASP I 192 -34.03 -17.10 20.03
N CYS I 193 -35.22 -17.15 20.64
CA CYS I 193 -36.45 -16.97 19.86
C CYS I 193 -36.48 -15.56 19.31
N VAL I 194 -36.89 -15.43 18.05
CA VAL I 194 -37.08 -14.12 17.46
C VAL I 194 -38.12 -13.33 18.26
N SER I 195 -39.21 -14.02 18.63
CA SER I 195 -40.27 -13.43 19.46
C SER I 195 -40.96 -14.48 20.32
N GLN J 1 -6.64 -7.59 1.93
CA GLN J 1 -5.31 -7.09 1.48
C GLN J 1 -4.77 -7.89 0.30
N VAL J 2 -5.26 -9.12 0.12
CA VAL J 2 -4.79 -9.97 -0.97
C VAL J 2 -5.96 -10.54 -1.75
N LYS J 3 -5.91 -10.36 -3.06
CA LYS J 3 -6.92 -10.88 -3.97
C LYS J 3 -6.33 -12.04 -4.78
N LEU J 4 -7.15 -13.03 -5.09
CA LEU J 4 -6.69 -14.23 -5.80
C LEU J 4 -7.59 -14.59 -6.98
N GLU J 5 -6.98 -14.74 -8.16
CA GLU J 5 -7.70 -15.10 -9.37
C GLU J 5 -7.10 -16.36 -9.99
N GLU J 6 -7.91 -17.42 -10.06
CA GLU J 6 -7.48 -18.68 -10.67
C GLU J 6 -7.68 -18.66 -12.19
N SER J 7 -6.90 -19.49 -12.88
CA SER J 7 -7.05 -19.66 -14.31
C SER J 7 -6.36 -20.95 -14.75
N GLY J 8 -6.50 -21.28 -16.03
CA GLY J 8 -5.84 -22.45 -16.60
C GLY J 8 -6.72 -23.68 -16.55
N GLY J 9 -7.88 -23.56 -15.91
CA GLY J 9 -8.82 -24.67 -15.84
C GLY J 9 -9.33 -25.03 -17.22
N GLY J 10 -10.20 -26.03 -17.31
CA GLY J 10 -10.76 -26.43 -18.58
C GLY J 10 -11.18 -27.88 -18.63
N SER J 11 -11.40 -28.38 -19.84
CA SER J 11 -11.89 -29.74 -20.06
C SER J 11 -10.86 -30.55 -20.84
N VAL J 12 -10.63 -31.79 -20.42
CA VAL J 12 -9.59 -32.60 -21.03
C VAL J 12 -9.92 -34.09 -20.90
N GLN J 13 -9.31 -34.89 -21.77
CA GLN J 13 -9.45 -36.35 -21.72
C GLN J 13 -8.70 -36.92 -20.51
N THR J 14 -9.08 -38.12 -20.08
CA THR J 14 -8.36 -38.78 -19.00
C THR J 14 -6.94 -39.06 -19.46
N GLY J 15 -5.99 -38.97 -18.55
CA GLY J 15 -4.59 -39.08 -18.88
C GLY J 15 -4.02 -37.77 -19.40
N GLY J 16 -4.90 -36.80 -19.64
CA GLY J 16 -4.50 -35.50 -20.14
C GLY J 16 -3.83 -34.66 -19.07
N SER J 17 -3.56 -33.39 -19.39
CA SER J 17 -2.87 -32.51 -18.45
C SER J 17 -3.41 -31.08 -18.46
N LEU J 18 -3.32 -30.43 -17.32
CA LEU J 18 -3.65 -29.01 -17.18
C LEU J 18 -2.67 -28.35 -16.21
N ARG J 19 -2.48 -27.05 -16.38
CA ARG J 19 -1.67 -26.27 -15.46
C ARG J 19 -2.51 -25.09 -14.97
N LEU J 20 -2.83 -25.10 -13.69
CA LEU J 20 -3.63 -24.02 -13.10
C LEU J 20 -2.67 -22.95 -12.65
N THR J 21 -3.06 -21.69 -12.84
CA THR J 21 -2.31 -20.55 -12.35
C THR J 21 -3.19 -19.73 -11.43
N CYS J 22 -2.59 -19.18 -10.38
CA CYS J 22 -3.28 -18.32 -9.46
C CYS J 22 -2.53 -17.01 -9.32
N ALA J 23 -3.14 -15.93 -9.78
CA ALA J 23 -2.54 -14.60 -9.71
C ALA J 23 -2.95 -13.91 -8.40
N ALA J 24 -1.97 -13.34 -7.69
CA ALA J 24 -2.22 -12.65 -6.44
C ALA J 24 -1.94 -11.15 -6.60
N SER J 25 -2.89 -10.32 -6.17
CA SER J 25 -2.73 -8.87 -6.22
C SER J 25 -2.98 -8.27 -4.84
N GLY J 26 -2.43 -7.08 -4.60
CA GLY J 26 -2.62 -6.38 -3.33
C GLY J 26 -1.38 -6.41 -2.46
N ARG J 27 -1.59 -6.37 -1.14
CA ARG J 27 -0.47 -6.42 -0.21
C ARG J 27 0.15 -7.81 -0.26
N THR J 28 0.98 -8.02 -1.28
CA THR J 28 1.52 -9.34 -1.59
C THR J 28 2.94 -9.54 -1.06
N SER J 29 3.62 -8.45 -0.74
CA SER J 29 5.02 -8.51 -0.34
C SER J 29 5.19 -8.92 1.12
N ARG J 30 4.52 -9.97 1.55
CA ARG J 30 4.75 -10.55 2.88
C ARG J 30 4.50 -12.05 2.83
N SER J 31 4.70 -12.72 3.95
CA SER J 31 4.67 -14.18 3.98
C SER J 31 3.25 -14.72 3.75
N TYR J 32 3.13 -15.65 2.81
CA TYR J 32 1.90 -16.37 2.58
C TYR J 32 2.20 -17.80 2.16
N GLY J 33 1.66 -18.75 2.94
CA GLY J 33 1.61 -20.11 2.48
C GLY J 33 0.40 -20.21 1.55
N MET J 34 0.62 -20.73 0.34
CA MET J 34 -0.44 -20.85 -0.65
C MET J 34 -0.93 -22.30 -0.72
N GLY J 35 -2.21 -22.47 -1.02
CA GLY J 35 -2.79 -23.80 -1.11
C GLY J 35 -3.74 -23.91 -2.28
N TRP J 36 -3.92 -25.15 -2.76
CA TRP J 36 -4.91 -25.46 -3.77
C TRP J 36 -5.92 -26.40 -3.17
N PHE J 37 -7.19 -26.09 -3.37
CA PHE J 37 -8.29 -26.90 -2.88
C PHE J 37 -9.22 -27.18 -4.03
N ARG J 38 -10.07 -28.20 -3.88
CA ARG J 38 -11.07 -28.50 -4.90
C ARG J 38 -12.38 -28.95 -4.29
N GLN J 39 -13.46 -28.70 -5.02
CA GLN J 39 -14.79 -29.07 -4.57
C GLN J 39 -15.54 -29.75 -5.71
N ALA J 40 -15.65 -31.07 -5.60
CA ALA J 40 -16.44 -31.85 -6.55
C ALA J 40 -17.91 -31.62 -6.23
N PRO J 41 -18.78 -31.78 -7.23
CA PRO J 41 -20.21 -31.56 -6.98
C PRO J 41 -20.75 -32.53 -5.93
N GLY J 42 -21.45 -32.01 -4.92
CA GLY J 42 -21.98 -32.83 -3.85
C GLY J 42 -21.01 -32.98 -2.71
N LYS J 43 -19.74 -33.24 -3.04
CA LYS J 43 -18.71 -33.43 -2.02
C LYS J 43 -18.33 -32.09 -1.37
N GLU J 44 -17.65 -32.15 -0.23
CA GLU J 44 -17.18 -30.95 0.44
C GLU J 44 -15.81 -30.52 -0.11
N ARG J 45 -15.42 -29.30 0.21
CA ARG J 45 -14.14 -28.75 -0.26
C ARG J 45 -12.96 -29.44 0.42
N GLU J 46 -11.99 -29.88 -0.38
CA GLU J 46 -10.89 -30.67 0.14
C GLU J 46 -9.52 -30.22 -0.37
N PHE J 47 -8.51 -30.40 0.48
CA PHE J 47 -7.15 -29.99 0.21
C PHE J 47 -6.55 -30.82 -0.93
N VAL J 48 -5.77 -30.16 -1.78
CA VAL J 48 -5.09 -30.83 -2.89
C VAL J 48 -3.58 -30.69 -2.69
N SER J 49 -3.11 -29.45 -2.61
CA SER J 49 -1.69 -29.20 -2.46
C SER J 49 -1.41 -27.87 -1.75
N GLY J 50 -0.20 -27.74 -1.22
CA GLY J 50 0.19 -26.55 -0.50
C GLY J 50 1.68 -26.27 -0.66
N ILE J 51 2.06 -25.00 -0.53
CA ILE J 51 3.46 -24.61 -0.65
C ILE J 51 3.76 -23.48 0.33
N SER J 52 4.98 -23.50 0.89
CA SER J 52 5.37 -22.48 1.85
C SER J 52 5.79 -21.20 1.12
N TRP J 53 5.91 -20.13 1.88
CA TRP J 53 6.27 -18.82 1.35
C TRP J 53 7.55 -18.87 0.52
N ARG J 54 8.57 -19.52 1.06
CA ARG J 54 9.89 -19.58 0.45
C ARG J 54 9.91 -20.61 -0.69
N GLY J 55 9.16 -21.69 -0.52
CA GLY J 55 8.97 -22.67 -1.58
C GLY J 55 9.55 -24.04 -1.28
N ASP J 56 10.25 -24.16 -0.13
CA ASP J 56 10.99 -25.38 0.18
C ASP J 56 10.13 -26.44 0.89
N SER J 57 9.01 -26.03 1.46
CA SER J 57 8.08 -26.97 2.06
C SER J 57 6.82 -27.08 1.22
N THR J 58 6.40 -28.33 1.00
CA THR J 58 5.36 -28.63 0.03
C THR J 58 4.57 -29.83 0.52
N GLY J 59 3.27 -29.83 0.25
CA GLY J 59 2.41 -30.92 0.66
C GLY J 59 1.46 -31.36 -0.45
N TYR J 60 0.99 -32.59 -0.36
CA TYR J 60 0.07 -33.14 -1.36
C TYR J 60 -0.95 -34.07 -0.73
N ALA J 61 -2.18 -33.99 -1.22
CA ALA J 61 -3.19 -34.96 -0.83
C ALA J 61 -2.77 -36.31 -1.41
N ASP J 62 -3.08 -37.38 -0.69
CA ASP J 62 -2.66 -38.72 -1.07
C ASP J 62 -3.20 -39.10 -2.45
N SER J 63 -4.33 -38.51 -2.83
CA SER J 63 -5.01 -38.83 -4.07
C SER J 63 -4.37 -38.19 -5.31
N VAL J 64 -3.45 -37.25 -5.10
CA VAL J 64 -2.79 -36.55 -6.20
C VAL J 64 -1.29 -36.68 -6.12
N LYS J 65 -0.80 -37.40 -5.10
CA LYS J 65 0.63 -37.64 -4.94
C LYS J 65 1.20 -38.25 -6.22
N GLY J 66 2.29 -37.68 -6.70
CA GLY J 66 2.97 -38.21 -7.87
C GLY J 66 2.49 -37.58 -9.16
N ARG J 67 1.22 -37.20 -9.19
CA ARG J 67 0.60 -36.67 -10.41
C ARG J 67 0.61 -35.14 -10.46
N PHE J 68 0.38 -34.52 -9.31
CA PHE J 68 0.31 -33.06 -9.23
C PHE J 68 1.58 -32.45 -8.67
N THR J 69 1.93 -31.27 -9.18
CA THR J 69 3.14 -30.58 -8.77
C THR J 69 2.86 -29.09 -8.58
N ILE J 70 3.21 -28.58 -7.40
CA ILE J 70 2.93 -27.19 -7.05
C ILE J 70 4.20 -26.35 -7.07
N SER J 71 4.07 -25.10 -7.47
CA SER J 71 5.20 -24.20 -7.57
C SER J 71 4.72 -22.77 -7.41
N ARG J 72 5.64 -21.86 -7.11
CA ARG J 72 5.32 -20.44 -7.01
C ARG J 72 6.50 -19.58 -7.44
N ASP J 73 6.17 -18.39 -7.94
CA ASP J 73 7.16 -17.40 -8.35
C ASP J 73 6.79 -16.09 -7.66
N ASN J 74 7.34 -15.87 -6.46
CA ASN J 74 6.92 -14.74 -5.65
C ASN J 74 7.23 -13.36 -6.22
N ALA J 75 8.17 -13.31 -7.17
CA ALA J 75 8.51 -12.06 -7.83
C ALA J 75 7.44 -11.70 -8.85
N LYS J 76 6.81 -12.72 -9.43
CA LYS J 76 5.69 -12.53 -10.35
C LYS J 76 4.34 -12.70 -9.62
N ASN J 77 4.41 -13.01 -8.32
CA ASN J 77 3.21 -13.16 -7.48
C ASN J 77 2.21 -14.17 -8.03
N THR J 78 2.69 -15.39 -8.29
CA THR J 78 1.84 -16.46 -8.79
C THR J 78 2.15 -17.77 -8.06
N VAL J 79 1.20 -18.68 -8.15
CA VAL J 79 1.41 -20.06 -7.71
C VAL J 79 0.72 -20.96 -8.73
N ASP J 80 1.43 -21.97 -9.19
CA ASP J 80 0.95 -22.84 -10.26
C ASP J 80 0.72 -24.26 -9.75
N LEU J 81 -0.12 -25.01 -10.47
CA LEU J 81 -0.36 -26.41 -10.16
C LEU J 81 -0.39 -27.25 -11.43
N GLN J 82 0.68 -28.01 -11.67
CA GLN J 82 0.74 -28.95 -12.79
C GLN J 82 -0.07 -30.18 -12.48
N MET J 83 -1.03 -30.50 -13.35
CA MET J 83 -1.91 -31.63 -13.12
C MET J 83 -1.77 -32.67 -14.24
N ASN J 84 -0.89 -33.65 -14.01
CA ASN J 84 -0.63 -34.69 -14.99
C ASN J 84 -1.41 -35.97 -14.71
N SER J 85 -1.57 -36.80 -15.74
CA SER J 85 -2.26 -38.08 -15.60
C SER J 85 -3.61 -37.87 -14.93
N LEU J 86 -4.37 -36.93 -15.46
CA LEU J 86 -5.66 -36.55 -14.88
C LEU J 86 -6.70 -37.64 -15.05
N LYS J 87 -7.62 -37.75 -14.10
CA LYS J 87 -8.71 -38.72 -14.19
C LYS J 87 -10.02 -38.13 -13.68
N PRO J 88 -11.16 -38.70 -14.11
CA PRO J 88 -12.48 -38.13 -13.83
C PRO J 88 -12.72 -37.83 -12.36
N GLU J 89 -12.07 -38.57 -11.47
CA GLU J 89 -12.17 -38.31 -10.04
C GLU J 89 -11.59 -36.94 -9.68
N ASP J 90 -10.78 -36.37 -10.57
CA ASP J 90 -10.17 -35.06 -10.34
C ASP J 90 -11.10 -33.92 -10.75
N THR J 91 -12.23 -34.26 -11.33
CA THR J 91 -13.17 -33.26 -11.81
C THR J 91 -13.75 -32.50 -10.62
N ALA J 92 -13.60 -31.17 -10.65
CA ALA J 92 -14.11 -30.29 -9.59
C ALA J 92 -13.78 -28.86 -9.93
N ILE J 93 -14.27 -27.94 -9.10
CA ILE J 93 -13.81 -26.56 -9.16
C ILE J 93 -12.57 -26.46 -8.28
N TYR J 94 -11.54 -25.79 -8.76
CA TYR J 94 -10.27 -25.71 -8.03
C TYR J 94 -10.02 -24.31 -7.50
N TYR J 95 -9.77 -24.21 -6.20
CA TYR J 95 -9.65 -22.91 -5.53
C TYR J 95 -8.22 -22.66 -5.06
N CYS J 96 -7.76 -21.44 -5.31
CA CYS J 96 -6.49 -20.95 -4.80
C CYS J 96 -6.76 -20.37 -3.41
N ALA J 97 -5.80 -20.51 -2.49
CA ALA J 97 -5.97 -20.00 -1.13
C ALA J 97 -4.65 -19.51 -0.55
N ALA J 98 -4.74 -18.55 0.39
CA ALA J 98 -3.57 -17.94 1.01
C ALA J 98 -3.70 -17.90 2.52
N ALA J 99 -2.63 -18.31 3.21
CA ALA J 99 -2.59 -18.28 4.67
C ALA J 99 -1.42 -17.39 5.08
N ALA J 100 -1.71 -16.30 5.77
CA ALA J 100 -0.67 -15.34 6.12
C ALA J 100 0.31 -15.97 7.10
N GLY J 101 1.59 -15.92 6.74
CA GLY J 101 2.62 -16.63 7.46
C GLY J 101 3.45 -17.43 6.47
N SER J 102 4.34 -18.28 6.97
CA SER J 102 5.27 -18.98 6.09
C SER J 102 4.73 -20.35 5.69
N ALA J 103 4.11 -21.02 6.65
CA ALA J 103 3.72 -22.41 6.46
C ALA J 103 2.50 -22.54 5.53
N TRP J 104 2.35 -23.72 4.94
CA TRP J 104 1.11 -24.11 4.28
C TRP J 104 0.36 -25.04 5.23
N TYR J 105 -0.94 -25.21 5.01
CA TYR J 105 -1.76 -26.07 5.86
C TYR J 105 -2.59 -27.03 5.02
N GLY J 106 -3.02 -28.13 5.64
CA GLY J 106 -3.78 -29.15 4.94
C GLY J 106 -5.28 -28.99 5.10
N THR J 107 -5.71 -28.02 5.90
CA THR J 107 -7.13 -27.73 6.09
C THR J 107 -7.49 -26.35 5.54
N LEU J 108 -8.72 -26.22 5.04
CA LEU J 108 -9.21 -24.94 4.56
C LEU J 108 -9.38 -23.96 5.72
N TYR J 109 -9.45 -24.48 6.94
CA TYR J 109 -9.75 -23.66 8.12
C TYR J 109 -8.64 -22.70 8.53
N GLU J 110 -7.44 -22.90 7.98
CA GLU J 110 -6.30 -22.04 8.31
C GLU J 110 -6.05 -20.97 7.26
N TYR J 111 -6.80 -21.03 6.16
CA TYR J 111 -6.58 -20.10 5.04
C TYR J 111 -7.43 -18.85 5.16
N ASP J 112 -6.80 -17.69 4.94
CA ASP J 112 -7.42 -16.39 5.21
C ASP J 112 -8.07 -15.75 4.00
N TYR J 113 -7.57 -16.08 2.80
CA TYR J 113 -8.09 -15.50 1.57
C TYR J 113 -8.32 -16.60 0.54
N TRP J 114 -9.34 -16.42 -0.29
CA TRP J 114 -9.74 -17.44 -1.27
C TRP J 114 -10.10 -16.81 -2.60
N GLY J 115 -9.80 -17.54 -3.68
CA GLY J 115 -10.21 -17.14 -5.01
C GLY J 115 -11.64 -17.59 -5.25
N GLN J 116 -12.14 -17.35 -6.46
CA GLN J 116 -13.51 -17.70 -6.82
C GLN J 116 -13.57 -19.06 -7.49
N GLY J 117 -12.44 -19.49 -8.03
CA GLY J 117 -12.29 -20.85 -8.56
C GLY J 117 -12.27 -20.92 -10.07
N THR J 118 -11.78 -22.04 -10.59
CA THR J 118 -11.84 -22.33 -12.02
C THR J 118 -12.17 -23.80 -12.23
N GLN J 119 -13.08 -24.07 -13.16
CA GLN J 119 -13.61 -25.41 -13.34
C GLN J 119 -12.60 -26.31 -14.04
N VAL J 120 -12.39 -27.49 -13.49
CA VAL J 120 -11.59 -28.52 -14.13
C VAL J 120 -12.50 -29.69 -14.38
N THR J 121 -12.54 -30.13 -15.63
CA THR J 121 -13.38 -31.27 -16.00
C THR J 121 -12.55 -32.33 -16.72
N VAL J 122 -12.61 -33.55 -16.21
CA VAL J 122 -11.91 -34.68 -16.83
C VAL J 122 -12.93 -35.75 -17.19
N SER J 123 -12.85 -36.21 -18.44
CA SER J 123 -13.84 -37.17 -18.96
C SER J 123 -13.22 -38.17 -19.93
N SER J 124 -13.80 -39.37 -19.94
CA SER J 124 -13.37 -40.44 -20.83
C SER J 124 -13.86 -40.18 -22.25
N LEU K 1 4.90 51.40 54.63
CA LEU K 1 4.91 51.83 53.24
C LEU K 1 3.89 51.03 52.44
N GLU K 2 3.04 51.74 51.70
CA GLU K 2 1.97 51.12 50.93
C GLU K 2 2.30 51.08 49.45
N GLU K 3 2.25 49.88 48.87
CA GLU K 3 2.51 49.68 47.45
C GLU K 3 1.24 49.28 46.71
N LYS K 4 1.16 49.69 45.45
CA LYS K 4 0.04 49.33 44.58
C LYS K 4 0.56 48.89 43.22
N LYS K 5 -0.03 47.84 42.66
CA LYS K 5 0.33 47.38 41.32
C LYS K 5 -0.90 47.13 40.48
N VAL K 6 -0.97 47.81 39.34
CA VAL K 6 -2.02 47.59 38.36
C VAL K 6 -1.56 46.51 37.40
N CYS K 7 -2.39 45.49 37.22
CA CYS K 7 -2.05 44.35 36.36
C CYS K 7 -3.13 44.13 35.31
N ASN K 8 -2.72 43.61 34.16
CA ASN K 8 -3.68 43.34 33.10
C ASN K 8 -4.59 42.18 33.47
N GLY K 9 -5.80 42.19 32.91
CA GLY K 9 -6.76 41.14 33.18
C GLY K 9 -6.76 40.08 32.10
N ILE K 10 -7.56 39.05 32.28
CA ILE K 10 -7.68 37.98 31.29
C ILE K 10 -8.26 38.52 29.99
N GLY K 11 -7.65 38.18 28.87
CA GLY K 11 -8.11 38.63 27.57
C GLY K 11 -7.47 39.93 27.16
N ILE K 12 -6.47 40.38 27.93
CA ILE K 12 -5.79 41.66 27.66
C ILE K 12 -4.26 41.51 27.76
N GLY K 13 -3.58 41.94 26.70
CA GLY K 13 -2.13 41.98 26.66
C GLY K 13 -1.45 40.66 26.98
N GLU K 14 -0.82 40.61 28.14
CA GLU K 14 -0.05 39.44 28.59
C GLU K 14 -0.91 38.16 28.64
N PHE K 15 -2.23 38.31 28.66
CA PHE K 15 -3.13 37.18 28.71
C PHE K 15 -4.25 37.31 27.67
N LYS K 16 -3.88 37.75 26.47
CA LYS K 16 -4.85 38.05 25.43
C LYS K 16 -5.67 36.83 25.01
N ASP K 17 -5.00 35.69 24.92
CA ASP K 17 -5.61 34.48 24.38
C ASP K 17 -5.97 33.46 25.46
N SER K 18 -5.89 33.88 26.72
CA SER K 18 -6.22 32.98 27.83
C SER K 18 -7.73 32.95 28.07
N LEU K 19 -8.24 31.78 28.43
CA LEU K 19 -9.68 31.61 28.68
C LEU K 19 -9.98 31.88 30.13
N SER K 20 -9.01 31.55 30.99
CA SER K 20 -9.20 31.63 32.43
C SER K 20 -7.88 31.84 33.14
N ILE K 21 -7.95 32.22 34.41
CA ILE K 21 -6.79 32.18 35.26
C ILE K 21 -6.37 30.73 35.36
N ASN K 22 -5.10 30.44 35.11
CA ASN K 22 -4.61 29.07 35.13
C ASN K 22 -3.22 28.95 35.76
N ALA K 23 -2.77 27.71 35.93
CA ALA K 23 -1.53 27.39 36.63
C ALA K 23 -0.34 28.16 36.08
N THR K 24 -0.40 28.46 34.78
CA THR K 24 0.70 29.12 34.10
C THR K 24 0.67 30.63 34.33
N ASN K 25 -0.49 31.26 34.10
CA ASN K 25 -0.58 32.71 34.12
C ASN K 25 -0.68 33.34 35.50
N ILE K 26 -1.02 32.54 36.51
CA ILE K 26 -1.44 33.09 37.80
C ILE K 26 -0.33 33.72 38.61
N LYS K 27 0.91 33.25 38.41
CA LYS K 27 2.05 33.81 39.12
C LYS K 27 2.23 35.30 38.79
N HIS K 28 1.63 35.74 37.68
CA HIS K 28 1.76 37.11 37.21
C HIS K 28 0.75 38.06 37.86
N PHE K 29 -0.07 37.53 38.77
CA PHE K 29 -1.00 38.35 39.54
C PHE K 29 -0.43 38.66 40.92
N LYS K 30 0.80 38.21 41.16
CA LYS K 30 1.45 38.39 42.46
C LYS K 30 1.62 39.87 42.79
N ASN K 31 1.29 40.22 44.03
CA ASN K 31 1.42 41.60 44.52
C ASN K 31 0.53 42.59 43.76
N CYS K 32 -0.40 42.10 42.94
CA CYS K 32 -1.33 42.98 42.23
C CYS K 32 -2.38 43.51 43.20
N THR K 33 -2.78 44.76 43.04
CA THR K 33 -3.82 45.36 43.89
C THR K 33 -5.00 45.84 43.04
N SER K 34 -4.79 45.91 41.73
CA SER K 34 -5.80 46.41 40.83
C SER K 34 -5.73 45.67 39.50
N ILE K 35 -6.87 45.17 39.04
CA ILE K 35 -6.95 44.50 37.75
C ILE K 35 -7.54 45.46 36.73
N SER K 36 -6.78 45.76 35.69
CA SER K 36 -7.30 46.56 34.59
C SER K 36 -7.90 45.63 33.53
N GLY K 37 -9.17 45.29 33.71
CA GLY K 37 -9.85 44.37 32.83
C GLY K 37 -10.73 43.44 33.64
N ASP K 38 -10.89 42.22 33.13
CA ASP K 38 -11.82 41.26 33.72
C ASP K 38 -11.05 40.11 34.34
N LEU K 39 -11.67 39.40 35.27
CA LEU K 39 -11.16 38.12 35.74
C LEU K 39 -12.17 37.02 35.38
N HIS K 40 -11.70 36.03 34.62
CA HIS K 40 -12.48 34.81 34.38
C HIS K 40 -11.85 33.68 35.20
N ILE K 41 -12.67 32.94 35.93
CA ILE K 41 -12.20 31.69 36.53
C ILE K 41 -13.15 30.57 36.10
N LEU K 42 -12.64 29.70 35.24
CA LEU K 42 -13.45 28.66 34.60
C LEU K 42 -12.96 27.27 34.97
N PRO K 43 -13.81 26.25 34.77
CA PRO K 43 -13.48 24.84 35.02
C PRO K 43 -12.11 24.38 34.48
N VAL K 44 -11.75 24.76 33.26
CA VAL K 44 -10.46 24.36 32.67
C VAL K 44 -9.28 24.64 33.58
N ALA K 45 -9.41 25.68 34.38
CA ALA K 45 -8.34 26.11 35.28
C ALA K 45 -7.91 24.95 36.16
N PHE K 46 -8.89 24.19 36.63
CA PHE K 46 -8.66 23.12 37.61
C PHE K 46 -8.51 21.79 36.91
N ARG K 47 -9.01 21.73 35.69
CA ARG K 47 -8.97 20.52 34.90
C ARG K 47 -7.60 20.38 34.26
N GLY K 48 -7.07 21.50 33.79
CA GLY K 48 -5.90 21.52 32.92
C GLY K 48 -6.37 21.52 31.48
N ASP K 49 -5.47 21.88 30.55
CA ASP K 49 -5.83 21.94 29.14
C ASP K 49 -4.62 21.58 28.28
N SER K 50 -4.52 20.29 27.92
CA SER K 50 -3.36 19.79 27.18
C SER K 50 -3.17 20.51 25.87
N PHE K 51 -4.27 21.04 25.33
CA PHE K 51 -4.24 21.74 24.06
C PHE K 51 -3.33 22.96 24.11
N THR K 52 -3.28 23.59 25.28
CA THR K 52 -2.43 24.76 25.51
C THR K 52 -1.34 24.42 26.51
N HIS K 53 -1.06 23.13 26.67
CA HIS K 53 0.00 22.66 27.56
C HIS K 53 -0.16 23.29 28.93
N THR K 54 -1.39 23.32 29.41
CA THR K 54 -1.72 24.02 30.65
C THR K 54 -2.08 23.04 31.76
N PRO K 55 -1.19 22.90 32.76
CA PRO K 55 -1.48 21.97 33.86
C PRO K 55 -2.71 22.37 34.68
N PRO K 56 -3.18 21.47 35.54
CA PRO K 56 -4.26 21.82 36.47
C PRO K 56 -3.79 22.87 37.47
N LEU K 57 -4.67 23.80 37.82
CA LEU K 57 -4.35 24.85 38.77
C LEU K 57 -4.40 24.33 40.21
N ASP K 58 -3.38 24.66 40.99
CA ASP K 58 -3.37 24.32 42.40
C ASP K 58 -4.26 25.33 43.13
N PRO K 59 -5.38 24.88 43.72
CA PRO K 59 -6.32 25.81 44.38
C PRO K 59 -5.65 26.72 45.41
N GLN K 60 -4.59 26.25 46.04
CA GLN K 60 -3.88 27.03 47.06
C GLN K 60 -3.26 28.30 46.47
N GLU K 61 -3.04 28.28 45.15
CA GLU K 61 -2.40 29.41 44.48
C GLU K 61 -3.39 30.53 44.16
N LEU K 62 -4.64 30.36 44.58
CA LEU K 62 -5.65 31.42 44.39
C LEU K 62 -5.48 32.54 45.42
N ASP K 63 -4.78 32.26 46.51
CA ASP K 63 -4.58 33.24 47.58
C ASP K 63 -3.64 34.36 47.14
N ILE K 64 -3.08 34.23 45.94
CA ILE K 64 -2.30 35.31 45.34
C ILE K 64 -3.23 36.51 45.07
N LEU K 65 -4.52 36.22 44.96
CA LEU K 65 -5.52 37.23 44.65
C LEU K 65 -5.99 37.98 45.89
N LYS K 66 -5.52 37.59 47.07
CA LYS K 66 -5.94 38.24 48.31
C LYS K 66 -5.48 39.70 48.41
N THR K 67 -4.68 40.15 47.45
CA THR K 67 -4.17 41.53 47.43
C THR K 67 -4.98 42.42 46.49
N VAL K 68 -5.78 41.80 45.64
CA VAL K 68 -6.62 42.54 44.70
C VAL K 68 -7.75 43.26 45.42
N LYS K 69 -7.78 44.59 45.27
CA LYS K 69 -8.81 45.42 45.90
C LYS K 69 -9.72 46.06 44.87
N GLU K 70 -9.31 46.05 43.60
CA GLU K 70 -10.05 46.76 42.55
C GLU K 70 -10.06 46.02 41.21
N ILE K 71 -11.25 45.92 40.61
CA ILE K 71 -11.40 45.34 39.28
C ILE K 71 -12.20 46.28 38.38
N THR K 72 -11.54 46.78 37.33
CA THR K 72 -12.14 47.81 36.49
C THR K 72 -13.19 47.21 35.58
N GLY K 73 -13.00 45.95 35.21
CA GLY K 73 -13.94 45.24 34.37
C GLY K 73 -14.92 44.47 35.23
N PHE K 74 -15.06 43.18 34.96
CA PHE K 74 -16.00 42.35 35.69
C PHE K 74 -15.30 41.14 36.30
N LEU K 75 -15.99 40.47 37.21
CA LEU K 75 -15.49 39.28 37.87
C LEU K 75 -16.43 38.13 37.56
N LEU K 76 -15.94 37.12 36.85
CA LEU K 76 -16.72 35.92 36.53
C LEU K 76 -16.11 34.70 37.19
N ILE K 77 -16.89 34.02 38.02
CA ILE K 77 -16.42 32.81 38.69
C ILE K 77 -17.41 31.69 38.44
N GLN K 78 -17.10 30.86 37.43
CA GLN K 78 -17.95 29.76 37.04
C GLN K 78 -17.43 28.46 37.62
N ALA K 79 -16.33 28.55 38.35
CA ALA K 79 -15.72 27.36 38.95
C ALA K 79 -14.94 27.75 40.20
N TRP K 80 -14.91 26.84 41.17
CA TRP K 80 -14.26 27.13 42.44
C TRP K 80 -14.05 25.80 43.18
N PRO K 81 -12.90 25.66 43.90
CA PRO K 81 -12.60 24.41 44.62
C PRO K 81 -13.73 23.89 45.52
N GLU K 82 -13.83 22.58 45.64
CA GLU K 82 -14.92 21.95 46.39
C GLU K 82 -14.76 22.18 47.90
N ASN K 83 -13.53 22.06 48.39
CA ASN K 83 -13.26 22.17 49.82
C ASN K 83 -13.38 23.60 50.35
N ARG K 84 -13.44 24.58 49.46
CA ARG K 84 -13.54 25.98 49.86
C ARG K 84 -15.01 26.38 50.03
N THR K 85 -15.33 26.90 51.21
CA THR K 85 -16.71 27.23 51.55
C THR K 85 -17.15 28.59 50.99
N ASP K 86 -16.20 29.49 50.85
CA ASP K 86 -16.48 30.84 50.32
C ASP K 86 -15.35 31.37 49.43
N LEU K 87 -15.65 32.47 48.73
CA LEU K 87 -14.68 33.12 47.87
C LEU K 87 -13.62 33.82 48.73
N HIS K 88 -12.85 33.01 49.45
CA HIS K 88 -11.91 33.49 50.44
C HIS K 88 -10.81 34.38 49.84
N ALA K 89 -10.44 34.10 48.60
CA ALA K 89 -9.32 34.80 47.98
C ALA K 89 -9.70 36.21 47.53
N PHE K 90 -11.00 36.51 47.58
CA PHE K 90 -11.48 37.85 47.24
C PHE K 90 -11.99 38.55 48.48
N GLU K 91 -11.49 38.11 49.64
CA GLU K 91 -11.93 38.66 50.93
C GLU K 91 -11.50 40.12 51.11
N ASN K 92 -10.65 40.60 50.22
CA ASN K 92 -10.15 41.98 50.28
C ASN K 92 -10.54 42.82 49.07
N LEU K 93 -11.39 42.25 48.21
CA LEU K 93 -11.86 42.97 47.04
C LEU K 93 -12.87 44.04 47.46
N GLU K 94 -12.59 45.29 47.10
CA GLU K 94 -13.40 46.44 47.54
C GLU K 94 -14.26 47.00 46.42
N ILE K 95 -13.69 47.10 45.23
CA ILE K 95 -14.35 47.78 44.12
C ILE K 95 -14.36 46.96 42.84
N ILE K 96 -15.51 46.98 42.16
CA ILE K 96 -15.65 46.43 40.82
C ILE K 96 -16.33 47.49 39.99
N ARG K 97 -15.61 48.09 39.04
CA ARG K 97 -16.13 49.26 38.34
C ARG K 97 -17.04 48.90 37.18
N GLY K 98 -16.91 47.68 36.68
CA GLY K 98 -17.79 47.19 35.63
C GLY K 98 -17.72 48.00 34.34
N ARG K 99 -16.55 48.55 34.03
CA ARG K 99 -16.37 49.31 32.80
C ARG K 99 -16.60 48.42 31.59
N THR K 100 -16.22 47.15 31.74
CA THR K 100 -16.53 46.11 30.77
C THR K 100 -17.38 45.05 31.46
N LYS K 101 -18.31 44.44 30.73
CA LYS K 101 -19.29 43.54 31.33
C LYS K 101 -19.41 42.23 30.58
N GLN K 102 -19.73 41.16 31.30
CA GLN K 102 -19.90 39.85 30.70
C GLN K 102 -21.24 39.81 29.98
N HIS K 103 -21.24 39.36 28.73
CA HIS K 103 -22.43 39.39 27.88
C HIS K 103 -23.01 40.81 27.77
N GLY K 104 -22.18 41.81 28.12
CA GLY K 104 -22.59 43.20 28.03
C GLY K 104 -23.51 43.68 29.15
N GLN K 105 -23.64 42.90 30.22
CA GLN K 105 -24.52 43.28 31.32
C GLN K 105 -23.99 42.98 32.73
N PHE K 106 -23.38 41.82 32.94
CA PHE K 106 -22.94 41.43 34.28
C PHE K 106 -21.54 41.95 34.62
N SER K 107 -21.39 42.49 35.82
CA SER K 107 -20.11 42.97 36.33
C SER K 107 -19.61 42.02 37.40
N LEU K 108 -20.54 41.32 38.03
CA LEU K 108 -20.22 40.27 38.99
C LEU K 108 -21.06 39.04 38.69
N ALA K 109 -20.42 37.89 38.56
CA ALA K 109 -21.12 36.66 38.24
C ALA K 109 -20.51 35.49 39.01
N VAL K 110 -21.28 34.99 39.98
CA VAL K 110 -20.90 33.82 40.76
C VAL K 110 -21.87 32.70 40.40
N VAL K 111 -21.39 31.72 39.66
CA VAL K 111 -22.28 30.74 39.02
C VAL K 111 -21.87 29.30 39.28
N SER K 112 -22.87 28.50 39.67
CA SER K 112 -22.75 27.05 39.72
C SER K 112 -21.54 26.55 40.53
N LEU K 113 -21.43 27.04 41.76
CA LEU K 113 -20.39 26.61 42.68
C LEU K 113 -21.00 25.86 43.86
N ASN K 114 -20.17 25.22 44.67
CA ASN K 114 -20.63 24.53 45.88
C ASN K 114 -20.19 25.30 47.12
N ILE K 115 -20.41 26.60 47.11
CA ILE K 115 -20.07 27.45 48.25
C ILE K 115 -21.31 27.68 49.11
N THR K 116 -21.07 28.00 50.38
CA THR K 116 -22.14 28.25 51.33
C THR K 116 -22.36 29.76 51.51
N SER K 117 -21.27 30.50 51.37
CA SER K 117 -21.25 31.95 51.57
C SER K 117 -20.34 32.63 50.55
N LEU K 118 -20.62 33.89 50.24
CA LEU K 118 -19.80 34.63 49.27
C LEU K 118 -18.50 35.08 49.91
N GLY K 119 -18.57 35.62 51.13
CA GLY K 119 -17.38 36.02 51.86
C GLY K 119 -16.70 37.25 51.28
N LEU K 120 -17.43 37.98 50.44
CA LEU K 120 -16.92 39.23 49.87
C LEU K 120 -17.12 40.35 50.89
N ARG K 121 -16.41 40.23 52.00
CA ARG K 121 -16.68 41.05 53.19
C ARG K 121 -16.19 42.50 53.09
N SER K 122 -15.36 42.79 52.07
CA SER K 122 -14.81 44.12 51.87
C SER K 122 -15.38 44.79 50.62
N LEU K 123 -16.26 44.09 49.91
CA LEU K 123 -16.87 44.64 48.72
C LEU K 123 -17.81 45.80 49.10
N LYS K 124 -17.43 47.02 48.74
CA LYS K 124 -18.18 48.22 49.14
C LYS K 124 -18.83 48.95 47.96
N GLU K 125 -18.34 48.69 46.74
CA GLU K 125 -18.85 49.40 45.57
C GLU K 125 -18.84 48.56 44.29
N ILE K 126 -19.97 48.58 43.58
CA ILE K 126 -20.07 48.04 42.24
C ILE K 126 -20.61 49.15 41.34
N SER K 127 -19.70 49.86 40.69
CA SER K 127 -20.01 51.11 40.02
C SER K 127 -20.97 50.95 38.84
N ASP K 128 -21.00 49.75 38.26
CA ASP K 128 -21.82 49.51 37.07
C ASP K 128 -22.05 48.02 36.82
N GLY K 129 -22.94 47.71 35.89
CA GLY K 129 -23.22 46.34 35.52
C GLY K 129 -24.12 45.64 36.53
N ASP K 130 -24.83 44.62 36.04
CA ASP K 130 -25.73 43.82 36.88
C ASP K 130 -24.96 42.73 37.63
N VAL K 131 -25.59 42.21 38.68
CA VAL K 131 -25.02 41.12 39.45
C VAL K 131 -25.90 39.88 39.28
N ILE K 132 -25.27 38.74 39.07
CA ILE K 132 -25.98 37.48 38.97
C ILE K 132 -25.35 36.47 39.91
N ILE K 133 -26.18 35.72 40.61
CA ILE K 133 -25.68 34.66 41.47
C ILE K 133 -26.62 33.46 41.32
N SER K 134 -26.21 32.53 40.46
CA SER K 134 -27.07 31.43 40.05
C SER K 134 -26.42 30.07 40.29
N GLY K 135 -27.25 29.05 40.50
CA GLY K 135 -26.77 27.68 40.45
C GLY K 135 -25.94 27.23 41.64
N ASN K 136 -25.81 28.08 42.65
CA ASN K 136 -25.05 27.72 43.84
C ASN K 136 -25.95 26.99 44.84
N LYS K 137 -26.02 25.68 44.68
CA LYS K 137 -27.02 24.84 45.35
C LYS K 137 -26.92 24.87 46.89
N ASN K 138 -25.81 25.37 47.41
CA ASN K 138 -25.56 25.39 48.86
C ASN K 138 -25.38 26.80 49.41
N LEU K 139 -25.54 27.79 48.54
CA LEU K 139 -25.25 29.19 48.89
C LEU K 139 -26.45 29.87 49.55
N CYS K 140 -26.22 30.39 50.75
CA CYS K 140 -27.22 31.21 51.46
C CYS K 140 -26.71 32.65 51.56
N TYR K 141 -27.37 33.44 52.40
CA TYR K 141 -26.88 34.79 52.76
C TYR K 141 -26.99 35.84 51.65
N ALA K 142 -27.05 35.41 50.39
CA ALA K 142 -27.00 36.32 49.26
C ALA K 142 -28.08 37.41 49.31
N ASN K 143 -29.31 37.00 49.60
CA ASN K 143 -30.45 37.93 49.57
C ASN K 143 -30.54 38.85 50.80
N THR K 144 -29.71 38.59 51.80
CA THR K 144 -29.74 39.35 53.04
C THR K 144 -29.18 40.75 52.84
N ILE K 145 -28.49 40.94 51.72
CA ILE K 145 -27.72 42.16 51.47
C ILE K 145 -28.48 43.20 50.64
N ASN K 146 -28.28 44.46 51.00
CA ASN K 146 -28.85 45.57 50.26
C ASN K 146 -27.89 45.94 49.12
N TRP K 147 -28.17 45.44 47.92
CA TRP K 147 -27.29 45.65 46.77
C TRP K 147 -27.29 47.09 46.28
N LYS K 148 -28.23 47.89 46.79
CA LYS K 148 -28.34 49.29 46.39
C LYS K 148 -27.25 50.15 47.03
N LYS K 149 -26.76 49.71 48.19
CA LYS K 149 -25.68 50.42 48.88
C LYS K 149 -24.34 50.18 48.18
N LEU K 150 -24.37 49.38 47.11
CA LEU K 150 -23.18 49.01 46.38
C LEU K 150 -23.18 49.61 44.98
N PHE K 151 -24.37 49.81 44.42
CA PHE K 151 -24.48 50.28 43.04
C PHE K 151 -24.02 51.72 42.86
N GLY K 152 -23.90 52.14 41.60
CA GLY K 152 -23.45 53.48 41.27
C GLY K 152 -24.11 54.05 40.03
N THR K 153 -25.05 53.30 39.45
CA THR K 153 -25.84 53.79 38.31
C THR K 153 -27.29 53.33 38.46
N SER K 154 -28.18 53.97 37.71
CA SER K 154 -29.62 53.82 37.92
C SER K 154 -30.14 52.43 37.57
N GLY K 155 -29.69 51.88 36.44
CA GLY K 155 -30.29 50.67 35.89
C GLY K 155 -29.73 49.36 36.43
N GLN K 156 -28.81 49.44 37.40
CA GLN K 156 -28.22 48.24 37.96
C GLN K 156 -29.28 47.41 38.67
N LYS K 157 -29.49 46.20 38.15
CA LYS K 157 -30.43 45.26 38.74
C LYS K 157 -29.67 44.06 39.31
N THR K 158 -30.40 43.01 39.64
CA THR K 158 -29.83 41.87 40.33
C THR K 158 -30.57 40.61 39.92
N LYS K 159 -29.86 39.48 39.93
CA LYS K 159 -30.46 38.20 39.58
C LYS K 159 -29.91 37.09 40.46
N ILE K 160 -30.52 36.93 41.63
CA ILE K 160 -30.13 35.90 42.58
C ILE K 160 -31.21 34.81 42.61
N ILE K 161 -30.93 33.69 41.95
CA ILE K 161 -31.89 32.60 41.82
C ILE K 161 -31.22 31.23 41.86
N SER K 162 -32.04 30.19 41.88
CA SER K 162 -31.57 28.81 41.77
C SER K 162 -30.48 28.46 42.79
N ASN K 163 -30.43 29.21 43.89
CA ASN K 163 -29.53 28.87 44.99
C ASN K 163 -30.32 28.23 46.10
N ARG K 164 -29.65 27.89 47.20
CA ARG K 164 -30.31 27.32 48.36
C ARG K 164 -31.48 28.20 48.77
N GLY K 165 -32.66 27.59 48.95
CA GLY K 165 -33.87 28.33 49.28
C GLY K 165 -33.76 29.10 50.58
N GLU K 166 -34.49 30.22 50.66
CA GLU K 166 -34.44 31.09 51.83
C GLU K 166 -34.79 30.34 53.11
N ASN K 167 -35.75 29.44 53.01
CA ASN K 167 -36.28 28.71 54.16
C ASN K 167 -35.32 27.64 54.66
N SER K 168 -34.81 26.83 53.73
CA SER K 168 -33.84 25.79 54.06
C SER K 168 -32.62 26.41 54.72
N CYS K 169 -32.31 27.65 54.35
CA CYS K 169 -31.19 28.38 54.95
C CYS K 169 -31.52 28.73 56.39
N LYS K 170 -32.75 29.18 56.61
CA LYS K 170 -33.22 29.50 57.96
C LYS K 170 -33.38 28.21 58.77
N ALA K 171 -33.76 27.13 58.08
CA ALA K 171 -33.98 25.83 58.71
C ALA K 171 -32.67 25.09 58.99
N THR K 172 -31.54 25.79 58.86
CA THR K 172 -30.22 25.20 59.09
C THR K 172 -29.34 26.13 59.93
N GLY K 173 -29.87 27.32 60.24
CA GLY K 173 -29.10 28.31 60.98
C GLY K 173 -28.18 29.08 60.05
N GLN K 174 -28.42 28.97 58.74
CA GLN K 174 -27.59 29.66 57.75
C GLN K 174 -28.12 31.08 57.51
N VAL K 175 -28.04 31.89 58.56
CA VAL K 175 -28.48 33.28 58.50
C VAL K 175 -27.45 34.18 59.16
N CYS K 176 -27.68 35.49 59.06
CA CYS K 176 -26.73 36.47 59.55
C CYS K 176 -26.54 36.34 61.06
N HIS K 177 -25.34 36.66 61.51
CA HIS K 177 -25.01 36.64 62.93
C HIS K 177 -25.82 37.71 63.65
N ALA K 178 -26.08 37.48 64.95
CA ALA K 178 -26.86 38.42 65.74
C ALA K 178 -26.17 39.78 65.81
N LEU K 179 -24.84 39.77 65.65
CA LEU K 179 -24.03 40.97 65.76
C LEU K 179 -24.14 41.82 64.49
N CYS K 180 -24.78 41.27 63.46
CA CYS K 180 -24.96 41.99 62.21
C CYS K 180 -26.10 42.99 62.35
N SER K 181 -25.90 44.17 61.78
CA SER K 181 -26.97 45.16 61.68
C SER K 181 -27.94 44.64 60.61
N PRO K 182 -29.08 45.32 60.43
CA PRO K 182 -30.02 44.87 59.39
C PRO K 182 -29.57 45.17 57.96
N GLU K 183 -28.28 45.50 57.76
CA GLU K 183 -27.76 45.78 56.43
C GLU K 183 -27.32 44.53 55.67
N GLY K 184 -27.42 43.37 56.33
CA GLY K 184 -27.13 42.10 55.69
C GLY K 184 -25.77 41.55 56.06
N CYS K 185 -25.43 40.41 55.46
CA CYS K 185 -24.16 39.74 55.74
C CYS K 185 -23.68 38.94 54.53
N TRP K 186 -22.36 38.78 54.43
CA TRP K 186 -21.76 37.97 53.36
C TRP K 186 -21.55 36.52 53.82
N GLY K 187 -22.01 36.21 55.03
CA GLY K 187 -21.81 34.90 55.61
C GLY K 187 -22.18 34.83 57.08
N PRO K 188 -21.88 33.69 57.72
CA PRO K 188 -22.26 33.40 59.12
C PRO K 188 -21.40 34.08 60.17
N GLU K 189 -20.17 34.46 59.84
CA GLU K 189 -19.26 35.00 60.85
C GLU K 189 -19.49 36.50 61.08
N PRO K 190 -19.14 37.01 62.28
CA PRO K 190 -19.26 38.45 62.57
C PRO K 190 -18.50 39.32 61.58
N ARG K 191 -17.39 38.81 61.05
CA ARG K 191 -16.58 39.55 60.09
C ARG K 191 -17.29 39.66 58.73
N ASP K 192 -18.33 38.85 58.55
CA ASP K 192 -19.10 38.82 57.30
C ASP K 192 -20.24 39.84 57.33
N CYS K 193 -20.49 40.46 58.48
CA CYS K 193 -21.51 41.51 58.57
C CYS K 193 -21.09 42.69 57.69
N VAL K 194 -22.06 43.30 57.01
CA VAL K 194 -21.80 44.55 56.30
C VAL K 194 -21.53 45.67 57.31
N SER K 195 -22.24 45.64 58.43
CA SER K 195 -22.05 46.60 59.51
C SER K 195 -22.58 46.03 60.83
N CYS K 196 -21.85 46.28 61.92
CA CYS K 196 -22.23 45.75 63.23
C CYS K 196 -22.83 46.83 64.13
N GLN L 1 -13.73 33.08 25.15
CA GLN L 1 -13.43 33.51 23.75
C GLN L 1 -14.33 32.76 22.74
N VAL L 2 -15.32 32.02 23.23
CA VAL L 2 -16.34 31.42 22.37
C VAL L 2 -17.76 31.76 22.87
N LYS L 3 -18.67 32.03 21.93
CA LYS L 3 -20.04 32.46 22.26
C LYS L 3 -21.07 31.53 21.62
N LEU L 4 -22.01 31.06 22.43
CA LEU L 4 -22.98 30.05 22.00
C LEU L 4 -24.39 30.62 21.92
N GLU L 5 -25.12 30.21 20.88
CA GLU L 5 -26.48 30.70 20.64
C GLU L 5 -27.39 29.54 20.24
N GLU L 6 -28.40 29.27 21.06
CA GLU L 6 -29.35 28.20 20.78
C GLU L 6 -30.41 28.66 19.79
N SER L 7 -30.95 27.71 19.04
CA SER L 7 -32.00 28.00 18.08
C SER L 7 -32.76 26.72 17.79
N GLY L 8 -33.95 26.87 17.21
CA GLY L 8 -34.76 25.73 16.82
C GLY L 8 -35.80 25.34 17.86
N GLY L 9 -35.80 26.03 19.01
CA GLY L 9 -36.71 25.71 20.09
C GLY L 9 -38.11 26.26 19.84
N GLY L 10 -39.00 26.08 20.83
CA GLY L 10 -40.37 26.54 20.72
C GLY L 10 -41.37 25.52 21.23
N SER L 11 -42.55 25.49 20.60
CA SER L 11 -43.67 24.67 21.08
C SER L 11 -43.94 23.51 20.12
N VAL L 12 -44.28 22.37 20.69
CA VAL L 12 -44.44 21.12 19.93
C VAL L 12 -45.53 20.26 20.56
N GLN L 13 -46.19 19.44 19.75
CA GLN L 13 -47.22 18.54 20.25
C GLN L 13 -46.59 17.23 20.71
N THR L 14 -47.20 16.59 21.71
CA THR L 14 -46.71 15.33 22.25
C THR L 14 -46.54 14.31 21.12
N GLY L 15 -45.44 13.58 21.16
CA GLY L 15 -45.11 12.63 20.12
C GLY L 15 -44.35 13.27 18.96
N GLY L 16 -44.31 14.59 18.94
CA GLY L 16 -43.63 15.31 17.88
C GLY L 16 -42.12 15.31 18.04
N SER L 17 -41.44 15.96 17.11
CA SER L 17 -39.97 15.96 17.09
C SER L 17 -39.45 17.39 16.99
N LEU L 18 -38.18 17.56 17.34
CA LEU L 18 -37.53 18.85 17.26
C LEU L 18 -36.05 18.67 17.04
N ARG L 19 -35.44 19.64 16.39
CA ARG L 19 -33.99 19.65 16.22
C ARG L 19 -33.44 20.99 16.66
N LEU L 20 -32.91 21.04 17.88
CA LEU L 20 -32.27 22.25 18.38
C LEU L 20 -30.91 22.40 17.73
N THR L 21 -30.52 23.63 17.44
CA THR L 21 -29.19 23.92 16.92
C THR L 21 -28.45 24.88 17.82
N CYS L 22 -27.14 24.70 17.92
CA CYS L 22 -26.29 25.59 18.66
C CYS L 22 -25.21 26.11 17.74
N ALA L 23 -25.18 27.43 17.53
CA ALA L 23 -24.17 28.06 16.70
C ALA L 23 -23.07 28.66 17.60
N ALA L 24 -21.82 28.27 17.34
CA ALA L 24 -20.69 28.82 18.07
C ALA L 24 -20.05 29.93 17.25
N SER L 25 -19.43 30.89 17.94
CA SER L 25 -18.71 31.98 17.31
C SER L 25 -17.52 32.33 18.20
N GLY L 26 -16.54 33.04 17.65
CA GLY L 26 -15.34 33.40 18.39
C GLY L 26 -14.21 32.41 18.14
N ARG L 27 -13.24 32.34 19.05
CA ARG L 27 -12.11 31.44 18.90
C ARG L 27 -12.60 30.01 18.89
N THR L 28 -13.17 29.61 17.76
CA THR L 28 -13.82 28.31 17.60
C THR L 28 -12.86 27.24 17.07
N SER L 29 -11.67 27.65 16.66
CA SER L 29 -10.70 26.75 16.06
C SER L 29 -9.79 26.11 17.11
N ARG L 30 -10.40 25.39 18.05
CA ARG L 30 -9.65 24.66 19.06
C ARG L 30 -10.55 23.60 19.69
N SER L 31 -9.99 22.78 20.57
CA SER L 31 -10.72 21.63 21.12
C SER L 31 -11.86 22.08 22.04
N TYR L 32 -13.08 21.63 21.73
CA TYR L 32 -14.26 21.87 22.57
C TYR L 32 -15.18 20.65 22.63
N GLY L 33 -15.33 20.08 23.81
CA GLY L 33 -16.40 19.12 24.03
C GLY L 33 -17.67 19.93 24.21
N MET L 34 -18.75 19.52 23.56
CA MET L 34 -20.00 20.26 23.62
C MET L 34 -21.09 19.41 24.26
N GLY L 35 -22.04 20.06 24.92
CA GLY L 35 -23.09 19.36 25.61
C GLY L 35 -24.39 20.12 25.60
N TRP L 36 -25.49 19.41 25.81
CA TRP L 36 -26.79 20.02 25.96
C TRP L 36 -27.28 19.78 27.37
N PHE L 37 -27.83 20.83 27.99
CA PHE L 37 -28.44 20.72 29.30
C PHE L 37 -29.85 21.27 29.23
N ARG L 38 -30.68 20.90 30.19
CA ARG L 38 -32.03 21.45 30.27
C ARG L 38 -32.40 21.75 31.71
N GLN L 39 -33.37 22.65 31.87
CA GLN L 39 -33.81 23.08 33.19
C GLN L 39 -35.31 23.34 33.14
N ALA L 40 -36.07 22.46 33.80
CA ALA L 40 -37.51 22.64 33.94
C ALA L 40 -37.77 23.45 35.21
N PRO L 41 -38.86 24.24 35.22
CA PRO L 41 -39.12 25.15 36.36
C PRO L 41 -39.22 24.41 37.69
N GLY L 42 -38.58 24.96 38.72
CA GLY L 42 -38.55 24.32 40.02
C GLY L 42 -37.41 23.33 40.13
N LYS L 43 -37.25 22.51 39.09
CA LYS L 43 -36.19 21.51 39.05
C LYS L 43 -34.81 22.14 38.79
N GLU L 44 -33.74 21.40 39.10
CA GLU L 44 -32.38 21.89 38.87
C GLU L 44 -31.92 21.60 37.44
N ARG L 45 -30.95 22.39 36.98
CA ARG L 45 -30.40 22.24 35.63
C ARG L 45 -29.68 20.91 35.45
N GLU L 46 -30.16 20.08 34.52
CA GLU L 46 -29.68 18.70 34.38
C GLU L 46 -29.08 18.37 33.00
N PHE L 47 -28.24 17.36 32.98
CA PHE L 47 -27.54 16.95 31.76
C PHE L 47 -28.47 16.16 30.84
N VAL L 48 -28.30 16.36 29.54
CA VAL L 48 -29.11 15.70 28.52
C VAL L 48 -28.23 14.84 27.60
N SER L 49 -27.24 15.48 26.97
CA SER L 49 -26.39 14.80 26.01
C SER L 49 -25.09 15.55 25.78
N GLY L 50 -24.04 14.82 25.42
CA GLY L 50 -22.72 15.40 25.22
C GLY L 50 -21.97 14.74 24.09
N ILE L 51 -21.08 15.50 23.45
CA ILE L 51 -20.30 15.01 22.32
C ILE L 51 -18.86 15.51 22.36
N SER L 52 -17.95 14.67 21.91
CA SER L 52 -16.53 15.00 21.95
C SER L 52 -16.18 15.90 20.77
N TRP L 53 -14.97 16.45 20.80
CA TRP L 53 -14.47 17.33 19.76
C TRP L 53 -14.48 16.68 18.37
N ARG L 54 -13.85 15.51 18.24
CA ARG L 54 -13.82 14.80 16.96
C ARG L 54 -15.20 14.21 16.66
N GLY L 55 -16.03 14.06 17.71
CA GLY L 55 -17.43 13.74 17.55
C GLY L 55 -17.73 12.25 17.54
N ASP L 56 -16.71 11.45 17.84
CA ASP L 56 -16.83 9.99 17.80
C ASP L 56 -17.31 9.45 19.14
N SER L 57 -17.04 10.20 20.21
CA SER L 57 -17.54 9.83 21.52
C SER L 57 -18.78 10.66 21.86
N THR L 58 -19.77 10.03 22.49
CA THR L 58 -21.02 10.71 22.75
C THR L 58 -21.74 10.10 23.97
N GLY L 59 -22.53 10.93 24.66
CA GLY L 59 -23.21 10.51 25.87
C GLY L 59 -24.65 10.97 25.97
N TYR L 60 -25.47 10.24 26.73
CA TYR L 60 -26.89 10.54 26.85
C TYR L 60 -27.39 10.26 28.26
N ALA L 61 -28.25 11.14 28.76
CA ALA L 61 -28.94 10.90 30.02
C ALA L 61 -29.96 9.79 29.82
N ASP L 62 -30.25 9.06 30.89
CA ASP L 62 -31.14 7.91 30.79
C ASP L 62 -32.53 8.34 30.31
N SER L 63 -32.95 9.53 30.75
CA SER L 63 -34.31 10.00 30.49
C SER L 63 -34.57 10.33 29.02
N VAL L 64 -33.52 10.29 28.20
CA VAL L 64 -33.62 10.60 26.77
C VAL L 64 -33.01 9.51 25.90
N LYS L 65 -32.47 8.46 26.53
CA LYS L 65 -31.84 7.36 25.81
C LYS L 65 -32.78 6.85 24.72
N GLY L 66 -32.24 6.70 23.51
CA GLY L 66 -33.00 6.13 22.42
C GLY L 66 -33.83 7.13 21.64
N ARG L 67 -34.23 8.21 22.32
CA ARG L 67 -35.06 9.23 21.70
C ARG L 67 -34.23 10.35 21.09
N PHE L 68 -33.14 10.72 21.75
CA PHE L 68 -32.36 11.87 21.34
C PHE L 68 -31.08 11.47 20.63
N THR L 69 -30.62 12.35 19.75
CA THR L 69 -29.40 12.13 18.99
C THR L 69 -28.63 13.43 18.85
N ILE L 70 -27.40 13.45 19.36
CA ILE L 70 -26.56 14.62 19.26
C ILE L 70 -25.57 14.45 18.10
N SER L 71 -25.05 15.56 17.60
CA SER L 71 -24.13 15.54 16.47
C SER L 71 -23.56 16.94 16.27
N ARG L 72 -22.36 17.02 15.67
CA ARG L 72 -21.76 18.31 15.34
C ARG L 72 -21.18 18.37 13.92
N ASP L 73 -20.97 19.61 13.48
CA ASP L 73 -20.39 19.89 12.18
C ASP L 73 -19.36 20.98 12.40
N ASN L 74 -18.14 20.58 12.73
CA ASN L 74 -17.08 21.54 13.08
C ASN L 74 -16.78 22.55 11.99
N ALA L 75 -17.16 22.23 10.76
CA ALA L 75 -16.97 23.15 9.65
C ALA L 75 -17.88 24.37 9.82
N LYS L 76 -19.19 24.08 9.96
CA LYS L 76 -20.19 25.12 10.16
C LYS L 76 -20.23 25.61 11.61
N ASN L 77 -19.38 25.03 12.45
CA ASN L 77 -19.31 25.37 13.86
C ASN L 77 -20.68 25.25 14.53
N THR L 78 -21.26 24.06 14.45
CA THR L 78 -22.57 23.81 15.05
C THR L 78 -22.59 22.49 15.81
N VAL L 79 -23.54 22.36 16.71
CA VAL L 79 -23.87 21.08 17.32
C VAL L 79 -25.39 20.97 17.41
N ASP L 80 -25.94 19.93 16.80
CA ASP L 80 -27.40 19.75 16.75
C ASP L 80 -27.88 18.71 17.75
N LEU L 81 -29.17 18.71 18.03
CA LEU L 81 -29.76 17.74 18.94
C LEU L 81 -31.14 17.34 18.44
N GLN L 82 -31.20 16.20 17.76
CA GLN L 82 -32.47 15.64 17.30
C GLN L 82 -33.23 15.06 18.48
N MET L 83 -34.42 15.60 18.72
CA MET L 83 -35.25 15.16 19.83
C MET L 83 -36.51 14.55 19.25
N ASN L 84 -36.70 13.24 19.46
CA ASN L 84 -37.88 12.54 18.96
C ASN L 84 -38.78 12.10 20.09
N SER L 85 -40.05 11.82 19.76
CA SER L 85 -41.02 11.30 20.73
C SER L 85 -41.08 12.15 22.00
N LEU L 86 -41.28 13.45 21.80
CA LEU L 86 -41.26 14.38 22.92
C LEU L 86 -42.48 14.21 23.81
N LYS L 87 -42.29 14.55 25.08
CA LYS L 87 -43.37 14.48 26.07
C LYS L 87 -43.31 15.75 26.92
N PRO L 88 -44.40 16.06 27.62
CA PRO L 88 -44.45 17.23 28.49
C PRO L 88 -43.30 17.26 29.49
N GLU L 89 -42.76 16.09 29.81
CA GLU L 89 -41.67 15.97 30.77
C GLU L 89 -40.37 16.53 30.19
N ASP L 90 -40.34 16.68 28.87
CA ASP L 90 -39.17 17.23 28.18
C ASP L 90 -39.24 18.75 28.12
N THR L 91 -40.36 19.31 28.57
CA THR L 91 -40.53 20.75 28.59
C THR L 91 -39.49 21.37 29.52
N ALA L 92 -38.76 22.36 28.99
CA ALA L 92 -37.70 23.03 29.73
C ALA L 92 -37.04 24.11 28.89
N ILE L 93 -36.07 24.79 29.48
CA ILE L 93 -35.14 25.62 28.74
C ILE L 93 -33.90 24.79 28.42
N TYR L 94 -33.59 24.65 27.13
CA TYR L 94 -32.43 23.87 26.70
C TYR L 94 -31.22 24.76 26.47
N TYR L 95 -30.13 24.46 27.17
CA TYR L 95 -28.89 25.23 27.08
C TYR L 95 -27.82 24.49 26.29
N CYS L 96 -27.11 25.22 25.45
CA CYS L 96 -25.94 24.71 24.76
C CYS L 96 -24.72 25.03 25.63
N ALA L 97 -23.68 24.20 25.58
CA ALA L 97 -22.52 24.40 26.45
C ALA L 97 -21.24 23.89 25.81
N ALA L 98 -20.11 24.41 26.28
CA ALA L 98 -18.82 24.05 25.71
C ALA L 98 -17.75 23.90 26.80
N ALA L 99 -17.03 22.78 26.76
CA ALA L 99 -15.92 22.53 27.67
C ALA L 99 -14.63 22.41 26.88
N ALA L 100 -13.67 23.28 27.17
CA ALA L 100 -12.42 23.28 26.43
C ALA L 100 -11.67 21.98 26.65
N GLY L 101 -11.24 21.37 25.55
CA GLY L 101 -10.63 20.06 25.58
C GLY L 101 -11.37 19.15 24.63
N SER L 102 -11.02 17.87 24.65
CA SER L 102 -11.57 16.92 23.69
C SER L 102 -12.81 16.25 24.24
N ALA L 103 -12.78 15.96 25.54
CA ALA L 103 -13.84 15.18 26.15
C ALA L 103 -15.12 15.99 26.39
N TRP L 104 -16.23 15.28 26.49
CA TRP L 104 -17.48 15.87 26.95
C TRP L 104 -17.63 15.43 28.40
N TYR L 105 -18.58 16.04 29.11
CA TYR L 105 -18.77 15.76 30.52
C TYR L 105 -20.27 15.71 30.85
N GLY L 106 -20.62 14.90 31.85
CA GLY L 106 -22.01 14.70 32.20
C GLY L 106 -22.48 15.60 33.32
N THR L 107 -21.58 16.46 33.81
CA THR L 107 -21.93 17.47 34.83
C THR L 107 -21.81 18.87 34.25
N LEU L 108 -22.66 19.78 34.73
CA LEU L 108 -22.62 21.16 34.27
C LEU L 108 -21.38 21.88 34.79
N TYR L 109 -20.72 21.28 35.79
CA TYR L 109 -19.61 21.93 36.49
C TYR L 109 -18.31 21.96 35.69
N GLU L 110 -18.28 21.24 34.57
CA GLU L 110 -17.08 21.13 33.76
C GLU L 110 -17.16 22.02 32.53
N TYR L 111 -18.35 22.49 32.20
CA TYR L 111 -18.52 23.32 31.01
C TYR L 111 -18.14 24.78 31.27
N ASP L 112 -17.36 25.35 30.35
CA ASP L 112 -16.74 26.65 30.54
C ASP L 112 -17.56 27.78 29.93
N TYR L 113 -18.32 27.46 28.88
CA TYR L 113 -19.12 28.47 28.18
C TYR L 113 -20.54 27.99 27.97
N TRP L 114 -21.49 28.91 28.14
CA TRP L 114 -22.92 28.60 28.12
C TRP L 114 -23.68 29.55 27.20
N GLY L 115 -24.76 29.03 26.63
CA GLY L 115 -25.67 29.84 25.83
C GLY L 115 -26.76 30.41 26.72
N GLN L 116 -27.60 31.27 26.15
CA GLN L 116 -28.63 31.97 26.91
C GLN L 116 -29.84 31.06 27.12
N GLY L 117 -29.96 30.04 26.27
CA GLY L 117 -31.00 29.04 26.39
C GLY L 117 -32.19 29.34 25.50
N THR L 118 -32.89 28.29 25.08
CA THR L 118 -34.13 28.43 24.31
C THR L 118 -35.21 27.55 24.92
N GLN L 119 -36.45 28.04 24.92
CA GLN L 119 -37.54 27.32 25.55
C GLN L 119 -38.08 26.24 24.63
N VAL L 120 -38.25 25.04 25.20
CA VAL L 120 -38.98 23.96 24.55
C VAL L 120 -40.17 23.60 25.42
N THR L 121 -41.35 23.54 24.80
CA THR L 121 -42.60 23.20 25.49
C THR L 121 -43.37 22.13 24.72
N VAL L 122 -43.81 21.10 25.43
CA VAL L 122 -44.59 20.04 24.82
C VAL L 122 -45.96 19.99 25.50
N SER L 123 -47.01 20.16 24.68
CA SER L 123 -48.38 20.18 25.18
C SER L 123 -49.13 18.92 24.76
N SER L 124 -50.29 18.68 25.40
CA SER L 124 -51.12 17.52 25.09
C SER L 124 -51.51 17.47 23.62
C1 NAG M . 36.53 -9.21 -15.01
C2 NAG M . 35.40 -10.06 -14.40
C3 NAG M . 34.97 -9.46 -13.07
C4 NAG M . 36.17 -9.22 -12.15
C5 NAG M . 37.27 -8.46 -12.88
C6 NAG M . 38.54 -8.33 -12.07
C7 NAG M . 34.19 -11.16 -16.22
C8 NAG M . 32.96 -11.14 -17.08
N2 NAG M . 34.29 -10.18 -15.31
O3 NAG M . 34.06 -10.35 -12.43
O4 NAG M . 35.78 -8.43 -11.04
O5 NAG M . 37.62 -9.13 -14.10
O6 NAG M . 39.10 -9.60 -11.78
O7 NAG M . 35.05 -12.03 -16.33
H1 NAG M . 36.19 -8.31 -15.18
H2 NAG M . 35.77 -10.95 -14.23
H3 NAG M . 34.52 -8.61 -13.24
H4 NAG M . 36.52 -10.08 -11.84
H5 NAG M . 36.94 -7.56 -13.10
H61 NAG M . 39.19 -7.80 -12.58
H62 NAG M . 38.33 -7.87 -11.24
H81 NAG M . 32.17 -11.25 -16.53
H82 NAG M . 32.92 -10.29 -17.56
H83 NAG M . 33.01 -11.87 -17.73
HN2 NAG M . 33.62 -9.55 -15.27
HO3 NAG M . 33.24 -10.01 -12.49
HO6 NAG M . 39.49 -9.57 -10.98
C1 NAG M . 35.50 -9.23 -9.88
C2 NAG M . 35.51 -8.29 -8.67
C3 NAG M . 35.14 -9.04 -7.40
C4 NAG M . 33.88 -9.88 -7.59
C5 NAG M . 33.96 -10.71 -8.87
C6 NAG M . 32.66 -11.42 -9.18
C7 NAG M . 37.11 -6.43 -8.97
C8 NAG M . 38.51 -5.96 -8.74
N2 NAG M . 36.82 -7.66 -8.53
O3 NAG M . 34.92 -8.10 -6.36
O4 NAG M . 33.73 -10.75 -6.47
O5 NAG M . 34.24 -9.86 -9.98
O6 NAG M . 31.61 -10.49 -9.43
O7 NAG M . 36.29 -5.72 -9.54
H2 NAG M . 34.84 -7.59 -8.83
H3 NAG M . 35.88 -9.63 -7.14
H4 NAG M . 33.10 -9.28 -7.64
H5 NAG M . 34.67 -11.37 -8.77
H61 NAG M . 32.41 -11.98 -8.42
H62 NAG M . 32.79 -11.98 -9.98
H81 NAG M . 38.63 -5.07 -9.13
H82 NAG M . 39.15 -6.58 -9.16
H83 NAG M . 38.69 -5.91 -7.78
HN2 NAG M . 37.49 -8.14 -8.12
HO3 NAG M . 34.24 -8.37 -5.85
HO6 NAG M . 30.86 -10.93 -9.56
C1 BMA M . 32.43 -10.59 -5.85
C2 BMA M . 32.12 -11.83 -5.02
C3 BMA M . 30.77 -11.72 -4.30
C4 BMA M . 30.51 -10.35 -3.69
C5 BMA M . 30.98 -9.19 -4.57
C6 BMA M . 30.92 -7.88 -3.78
O2 BMA M . 33.16 -12.04 -4.04
O3 BMA M . 30.74 -12.68 -3.24
O4 BMA M . 29.10 -10.20 -3.47
O5 BMA M . 32.31 -9.39 -5.06
O6 BMA M . 31.81 -7.91 -2.65
H2 BMA M . 32.08 -12.69 -5.70
H3 BMA M . 29.97 -11.94 -5.02
H4 BMA M . 31.04 -10.29 -2.73
H5 BMA M . 30.30 -9.11 -5.42
H61 BMA M . 29.90 -7.72 -3.42
H62 BMA M . 31.18 -7.04 -4.43
HO2 BMA M . 34.01 -12.10 -4.50
HO4 BMA M . 28.78 -10.93 -2.93
HO6 BMA M . 32.71 -8.07 -2.97
C1 MAN M . 30.00 -13.87 -3.59
C2 MAN M . 28.67 -13.86 -2.76
C3 MAN M . 28.01 -15.25 -2.66
C4 MAN M . 28.84 -16.35 -3.36
C5 MAN M . 30.30 -16.22 -2.92
C6 MAN M . 31.20 -17.36 -3.41
O2 MAN M . 27.68 -13.00 -3.34
O3 MAN M . 26.65 -15.23 -3.14
O4 MAN M . 28.35 -17.64 -3.01
O5 MAN M . 30.85 -15.00 -3.46
O6 MAN M . 31.62 -17.06 -4.75
H2 MAN M . 28.92 -13.51 -1.74
H3 MAN M . 27.94 -15.52 -1.59
H4 MAN M . 28.79 -16.18 -4.45
H5 MAN M . 30.35 -16.20 -1.82
H61 MAN M . 30.63 -18.30 -3.37
H62 MAN M . 32.05 -17.45 -2.73
HO2 MAN M . 27.09 -12.67 -2.66
HO3 MAN M . 26.51 -14.34 -3.49
HO4 MAN M . 28.44 -18.17 -3.81
HO6 MAN M . 32.35 -17.65 -4.97
C1 NAG N . 1.80 7.32 -16.19
C2 NAG N . 1.28 7.26 -14.77
C3 NAG N . 2.39 7.65 -13.79
C4 NAG N . 3.65 6.82 -14.05
C5 NAG N . 4.02 6.82 -15.53
C6 NAG N . 5.14 5.85 -15.85
C7 NAG N . -1.14 7.72 -14.77
C8 NAG N . -2.21 8.74 -14.57
N2 NAG N . 0.12 8.13 -14.59
O3 NAG N . 1.94 7.43 -12.46
O4 NAG N . 4.74 7.37 -13.32
O5 NAG N . 2.91 6.44 -16.33
O6 NAG N . 4.79 4.52 -15.48
O7 NAG N . -1.41 6.56 -15.11
H1 NAG N . 2.09 8.23 -16.39
H2 NAG N . 1.01 6.34 -14.58
H3 NAG N . 2.60 8.59 -13.91
H4 NAG N . 3.50 5.89 -13.76
H5 NAG N . 4.31 7.72 -15.79
H61 NAG N . 5.32 5.88 -16.81
H62 NAG N . 5.95 6.11 -15.37
H81 NAG N . -2.19 9.05 -13.64
H82 NAG N . -2.06 9.51 -15.16
H83 NAG N . -3.09 8.36 -14.76
HN2 NAG N . 0.26 9.00 -14.36
HO3 NAG N . 2.15 8.14 -11.96
HO6 NAG N . 5.52 4.09 -15.22
C1 NAG N . 4.96 6.66 -12.08
C2 NAG N . 6.39 6.87 -11.61
C3 NAG N . 6.65 6.13 -10.30
C4 NAG N . 5.55 6.41 -9.28
C5 NAG N . 4.16 6.25 -9.90
C6 NAG N . 3.05 6.70 -8.97
C7 NAG N . 7.88 7.29 -13.53
C8 NAG N . 8.85 6.68 -14.50
N2 NAG N . 7.36 6.45 -12.62
O3 NAG N . 7.91 6.51 -9.78
O4 NAG N . 5.69 5.52 -8.18
O5 NAG N . 4.06 7.06 -11.07
O6 NAG N . 3.10 8.10 -8.72
O7 NAG N . 7.57 8.48 -13.57
H2 NAG N . 6.51 7.82 -11.43
H3 NAG N . 6.66 5.17 -10.49
H4 NAG N . 5.66 7.33 -8.96
H5 NAG N . 4.02 5.33 -10.13
H61 NAG N . 3.13 6.22 -8.13
H62 NAG N . 2.20 6.48 -9.38
H81 NAG N . 9.13 7.36 -15.14
H82 NAG N . 8.41 5.95 -14.97
H83 NAG N . 9.63 6.35 -14.01
HN2 NAG N . 7.62 5.59 -12.64
HO3 NAG N . 7.87 6.53 -8.90
HO6 NAG N . 2.41 8.34 -8.20
C1 BMA N . 6.00 6.27 -6.98
C2 BMA N . 5.83 5.39 -5.74
C3 BMA N . 6.06 6.19 -4.46
C4 BMA N . 7.30 7.08 -4.53
C5 BMA N . 7.43 7.79 -5.88
C6 BMA N . 8.74 8.55 -5.96
O2 BMA N . 6.78 4.33 -5.80
O3 BMA N . 6.24 5.26 -3.37
O4 BMA N . 7.23 8.07 -3.50
O5 BMA N . 7.31 6.84 -6.96
O6 BMA N . 9.86 7.64 -5.95
H2 BMA N . 4.81 5.00 -5.73
H3 BMA N . 5.18 6.82 -4.26
H4 BMA N . 8.19 6.44 -4.38
H5 BMA N . 6.61 8.52 -5.96
H61 BMA N . 8.83 9.24 -5.12
H62 BMA N . 8.77 9.14 -6.87
HO2 BMA N . 6.65 3.83 -6.61
HO4 BMA N . 7.14 7.63 -2.64
HO6 BMA N . 9.82 7.08 -6.74
C1 MAN N . 5.07 5.14 -2.55
C2 MAN N . 5.44 5.62 -1.09
C3 MAN N . 4.40 5.19 -0.03
C4 MAN N . 3.34 4.24 -0.62
C5 MAN N . 4.08 3.18 -1.46
C6 MAN N . 3.23 1.99 -1.88
O2 MAN N . 5.48 7.05 -0.99
O3 MAN N . 3.76 6.32 0.60
O4 MAN N . 2.61 3.63 0.43
O5 MAN N . 4.52 3.84 -2.66
O6 MAN N . 2.75 2.23 -3.19
H2 MAN N . 6.41 5.19 -0.83
H3 MAN N . 4.92 4.66 0.77
H4 MAN N . 2.68 4.81 -1.29
H5 MAN N . 4.94 2.82 -0.89
H61 MAN N . 2.40 1.87 -1.15
H62 MAN N . 3.86 1.09 -1.83
HO2 MAN N . 5.98 7.30 -0.21
HO3 MAN N . 4.09 7.10 0.12
HO4 MAN N . 1.74 3.44 0.06
HO6 MAN N . 2.47 1.38 -3.57
C1 NAG O . -17.98 11.22 -28.06
C2 NAG O . -16.85 12.12 -27.57
C3 NAG O . -17.29 12.90 -26.34
C4 NAG O . -18.64 13.58 -26.57
C5 NAG O . -19.66 12.62 -27.17
C6 NAG O . -20.95 13.30 -27.58
C7 NAG O . -14.44 11.87 -27.12
C8 NAG O . -13.33 10.91 -26.83
N2 NAG O . -15.66 11.33 -27.28
O3 NAG O . -16.30 13.86 -25.99
O4 NAG O . -19.14 14.06 -25.32
O5 NAG O . -19.13 12.00 -28.34
O6 NAG O . -20.82 13.93 -28.85
O7 NAG O . -14.25 13.08 -27.21
C1 NAG O . -19.45 15.46 -25.40
C2 NAG O . -20.59 15.72 -24.40
C3 NAG O . -20.92 17.21 -24.38
C4 NAG O . -19.68 18.03 -24.10
C5 NAG O . -18.60 17.68 -25.12
C6 NAG O . -17.29 18.38 -24.88
C7 NAG O . -22.31 14.06 -23.84
C8 NAG O . -21.62 13.94 -22.51
N2 NAG O . -21.77 14.93 -24.71
O3 NAG O . -21.93 17.46 -23.40
O4 NAG O . -19.97 19.42 -24.15
O5 NAG O . -18.32 16.27 -25.07
O6 NAG O . -16.41 18.21 -25.99
O7 NAG O . -23.30 13.41 -24.11
C1 NAG P . -6.43 44.24 1.64
C2 NAG P . -5.79 44.39 3.02
C3 NAG P . -4.35 43.89 3.01
C4 NAG P . -4.26 42.49 2.42
C5 NAG P . -4.94 42.45 1.05
C6 NAG P . -4.97 41.06 0.46
C7 NAG P . -6.96 46.34 3.97
C8 NAG P . -6.84 47.78 4.37
N2 NAG P . -5.86 45.77 3.47
O3 NAG P . -3.85 43.88 4.34
O4 NAG P . -2.89 42.13 2.25
O5 NAG P . -6.30 42.89 1.18
O6 NAG P . -5.82 40.19 1.20
O7 NAG P . -8.01 45.71 4.09
H1 NAG P . -5.97 44.83 1.00
H2 NAG P . -6.30 43.83 3.65
H3 NAG P . -3.82 44.50 2.47
H4 NAG P . -4.70 41.86 3.01
H5 NAG P . -4.48 43.05 0.44
H61 NAG P . -5.31 41.12 -0.46
H62 NAG P . -4.07 40.70 0.45
H81 NAG P . -6.19 47.86 5.09
H82 NAG P . -6.56 48.30 3.60
H83 NAG P . -7.71 48.10 4.68
HN2 NAG P . -5.11 46.28 3.39
HO3 NAG P . -3.37 44.62 4.48
HO6 NAG P . -5.45 39.38 1.24
C1 NAG P . -2.41 41.33 3.35
C2 NAG P . -1.16 40.60 2.88
C3 NAG P . -0.61 39.70 3.98
C4 NAG P . -0.50 40.46 5.30
C5 NAG P . -1.77 41.24 5.62
C6 NAG P . -1.62 42.16 6.82
C7 NAG P . -1.03 40.15 0.46
C8 NAG P . -1.44 39.24 -0.65
N2 NAG P . -1.45 39.81 1.69
O3 NAG P . 0.67 39.24 3.59
O4 NAG P . -0.25 39.52 6.35
O5 NAG P . -2.12 42.08 4.50
O6 NAG P . -0.81 43.27 6.50
O7 NAG P . -0.36 41.16 0.25
H2 NAG P . -0.48 41.26 2.66
H3 NAG P . -1.21 38.94 4.11
H4 NAG P . 0.26 41.08 5.25
H5 NAG P . -2.50 40.61 5.78
H61 NAG P . -1.22 41.66 7.55
H62 NAG P . -2.51 42.47 7.09
H81 NAG P . -1.12 39.59 -1.50
H82 NAG P . -2.41 39.15 -0.68
H83 NAG P . -1.04 38.35 -0.50
HN2 NAG P . -1.95 39.05 1.78
HO3 NAG P . 1.22 39.25 4.29
HO6 NAG P . -0.67 43.76 7.23
C1 BMA P . 0.88 39.92 7.16
C2 BMA P . 0.85 39.18 8.50
C3 BMA P . 2.01 39.58 9.41
C4 BMA P . 3.34 39.65 8.66
C5 BMA P . 3.23 40.30 7.27
C6 BMA P . 4.54 40.14 6.51
O2 BMA P . 0.87 37.76 8.28
O3 BMA P . 2.12 38.60 10.46
O4 BMA P . 4.28 40.42 9.41
O5 BMA P . 2.14 39.75 6.52
O6 BMA P . 4.87 38.76 6.32
H2 BMA P . -0.10 39.44 9.01
H3 BMA P . 1.80 40.56 9.85
H4 BMA P . 3.72 38.63 8.52
H5 BMA P . 3.05 41.38 7.42
H61 BMA P . 5.34 40.63 7.06
H62 BMA P . 4.46 40.63 5.53
HO2 BMA P . 0.14 37.51 7.69
HO4 BMA P . 4.37 40.03 10.30
HO6 BMA P . 4.14 38.31 5.88
C1 MAN P . 1.60 39.06 11.73
C2 MAN P . 2.82 39.26 12.72
C3 MAN P . 2.40 39.36 14.20
C4 MAN P . 0.89 39.22 14.37
C5 MAN P . 0.42 37.97 13.61
C6 MAN P . -1.03 37.57 13.88
O2 MAN P . 3.53 40.48 12.44
O3 MAN P . 2.88 40.58 14.79
O4 MAN P . 0.57 39.10 15.75
O5 MAN P . 0.53 38.23 12.18
O6 MAN P . -1.87 38.38 13.08
H2 MAN P . 3.50 38.40 12.60
H3 MAN P . 2.88 38.55 14.74
H4 MAN P . 0.40 40.10 13.91
H5 MAN P . 1.08 37.13 13.88
H61 MAN P . -1.23 37.71 14.95
H62 MAN P . -1.13 36.50 13.65
HO2 MAN P . 4.46 40.36 12.66
HO3 MAN P . 3.08 41.17 14.05
HO4 MAN P . -0.26 39.58 15.87
HO6 MAN P . -2.75 38.00 13.11
C1 NAG Q . 31.76 -29.73 8.05
C2 NAG Q . 32.90 -29.08 7.27
C3 NAG Q . 33.09 -27.64 7.73
C4 NAG Q . 31.77 -26.88 7.73
C5 NAG Q . 30.69 -27.67 8.45
C6 NAG Q . 29.33 -27.03 8.37
C7 NAG Q . 34.49 -30.83 6.60
C8 NAG Q . 35.78 -31.52 6.92
N2 NAG Q . 34.13 -29.85 7.43
O3 NAG Q . 34.02 -27.01 6.86
O4 NAG Q . 31.92 -25.65 8.43
O5 NAG Q . 30.58 -28.98 7.88
O6 NAG Q . 28.88 -26.93 7.03
O7 NAG Q . 33.80 -31.15 5.63
H1 NAG Q . 31.99 -29.74 9.01
H2 NAG Q . 32.65 -29.07 6.33
H3 NAG Q . 33.46 -27.64 8.64
H4 NAG Q . 31.49 -26.70 6.82
H5 NAG Q . 30.94 -27.76 9.39
H61 NAG Q . 28.69 -27.55 8.88
H62 NAG Q . 29.37 -26.13 8.76
H81 NAG Q . 36.51 -30.88 6.86
H82 NAG Q . 35.74 -31.89 7.82
H83 NAG Q . 35.93 -32.24 6.28
HN2 NAG Q . 34.67 -29.65 8.13
HO3 NAG Q . 34.84 -27.03 7.22
HO6 NAG Q . 28.42 -26.18 6.92
C1 NAG Q . 32.05 -24.55 7.53
C2 NAG Q . 31.78 -23.27 8.31
C3 NAG Q . 32.00 -22.04 7.42
C4 NAG Q . 33.35 -22.11 6.72
C5 NAG Q . 33.55 -23.46 6.04
C6 NAG Q . 34.94 -23.65 5.46
C7 NAG Q . 30.12 -23.74 10.06
C8 NAG Q . 28.67 -23.65 10.44
N2 NAG Q . 30.43 -23.26 8.85
O3 NAG Q . 31.93 -20.87 8.22
O4 NAG Q . 33.42 -21.07 5.75
O5 NAG Q . 33.36 -24.52 6.99
O6 NAG Q . 35.88 -23.95 6.48
O7 NAG Q . 30.96 -24.21 10.82
H2 NAG Q . 32.41 -23.22 9.05
H3 NAG Q . 31.30 -22.01 6.74
H4 NAG Q . 34.07 -21.98 7.37
H5 NAG Q . 32.89 -23.56 5.32
H61 NAG Q . 35.21 -22.84 5.01
H62 NAG Q . 34.92 -24.38 4.82
H81 NAG Q . 28.54 -24.06 11.33
H82 NAG Q . 28.13 -24.13 9.79
H83 NAG Q . 28.39 -22.71 10.47
HN2 NAG Q . 29.75 -22.92 8.33
HO3 NAG Q . 32.60 -20.33 8.01
HO6 NAG Q . 36.70 -23.91 6.14
C1 BMA Q . 34.60 -20.26 5.97
C2 BMA Q . 35.03 -19.60 4.65
C3 BMA Q . 36.25 -18.70 4.84
C4 BMA Q . 36.25 -17.91 6.15
C5 BMA Q . 35.70 -18.68 7.33
C6 BMA Q . 35.54 -17.76 8.55
O2 BMA Q . 33.96 -18.81 4.12
O3 BMA Q . 36.27 -17.76 3.75
O4 BMA Q . 37.61 -17.55 6.45
O5 BMA Q . 34.44 -19.28 7.01
O6 BMA Q . 34.54 -16.75 8.32
H2 BMA Q . 35.30 -20.39 3.94
H3 BMA Q . 37.16 -19.32 4.81
H4 BMA Q . 35.66 -17.00 6.00
H5 BMA Q . 36.42 -19.47 7.59
H61 BMA Q . 36.49 -17.27 8.76
H62 BMA Q . 35.27 -18.36 9.43
HO2 BMA Q . 33.18 -19.37 4.01
HO4 BMA Q . 37.99 -17.06 5.71
HO6 BMA Q . 33.68 -17.18 8.23
C1 MAN Q . 37.17 -18.18 2.72
C2 MAN Q . 38.33 -17.13 2.62
C3 MAN Q . 39.21 -17.34 1.37
C4 MAN Q . 38.57 -18.33 0.40
C5 MAN Q . 37.08 -18.02 0.30
C6 MAN Q . 36.36 -18.74 -0.83
O2 MAN Q . 39.25 -17.26 3.72
O3 MAN Q . 40.55 -17.72 1.70
O4 MAN Q . 39.20 -18.21 -0.87
O5 MAN Q . 36.47 -18.44 1.53
O6 MAN Q . 36.15 -20.09 -0.41
H2 MAN Q . 37.89 -16.13 2.61
H3 MAN Q . 39.29 -16.36 0.85
H4 MAN Q . 38.70 -19.34 0.82
H5 MAN Q . 36.95 -16.93 0.16
H61 MAN Q . 36.99 -18.69 -1.72
H62 MAN Q . 35.42 -18.22 -1.02
HO2 MAN Q . 39.57 -16.37 3.96
HO3 MAN Q . 40.53 -17.90 2.66
HO4 MAN Q . 39.28 -19.12 -1.20
HO6 MAN Q . 35.32 -20.39 -0.78
C1 NAG R . -2.70 -7.04 14.02
C2 NAG R . -2.10 -6.94 12.61
C3 NAG R . -0.85 -6.06 12.64
C4 NAG R . -1.17 -4.71 13.28
C5 NAG R . -1.87 -4.89 14.62
C6 NAG R . -2.36 -3.59 15.18
C7 NAG R . -2.68 -8.99 11.37
C8 NAG R . -2.19 -10.32 10.88
N2 NAG R . -1.80 -8.26 12.07
O3 NAG R . -0.39 -5.89 11.31
O4 NAG R . 0.06 -4.01 13.49
O5 NAG R . -3.01 -5.74 14.48
O6 NAG R . -3.33 -2.99 14.32
O7 NAG R . -3.82 -8.58 11.14
H1 NAG R . -2.04 -7.45 14.60
H2 NAG R . -2.77 -6.51 12.04
H3 NAG R . -0.17 -6.52 13.17
H4 NAG R . -1.74 -4.20 12.67
H5 NAG R . -1.25 -5.29 15.26
H61 NAG R . -2.78 -3.74 16.06
H62 NAG R . -1.62 -2.97 15.30
H81 NAG R . -1.44 -10.18 10.26
H82 NAG R . -1.90 -10.85 11.64
H83 NAG R . -2.91 -10.77 10.41
HN2 NAG R . -0.97 -8.60 12.21
HO3 NAG R . 0.45 -6.16 11.26
HO6 NAG R . -3.24 -2.12 14.34
C1 NAG R . 0.29 -3.03 12.45
C2 NAG R . 1.23 -1.96 12.99
C3 NAG R . 1.48 -0.89 11.93
C4 NAG R . 1.88 -1.51 10.60
C5 NAG R . 0.91 -2.64 10.21
C6 NAG R . 1.35 -3.39 8.97
C7 NAG R . 1.01 -1.77 15.42
C8 NAG R . 0.37 -1.02 16.56
N2 NAG R . 0.69 -1.35 14.20
O3 NAG R . 2.52 -0.03 12.39
O4 NAG R . 1.84 -0.51 9.58
O5 NAG R . 0.84 -3.59 11.28
O6 NAG R . 2.37 -4.35 9.28
O7 NAG R . 1.79 -2.70 15.62
H2 NAG R . 2.08 -2.38 13.21
H3 NAG R . 0.67 -0.36 11.81
H4 NAG R . 2.78 -1.87 10.66
H5 NAG R . 0.03 -2.26 10.05
H61 NAG R . 1.71 -2.76 8.32
H62 NAG R . 0.58 -3.85 8.59
H81 NAG R . 0.64 -1.43 17.42
H82 NAG R . -0.61 -1.08 16.48
H83 NAG R . 0.65 -0.09 16.54
HN2 NAG R . 0.11 -0.65 14.12
HO3 NAG R . 3.08 0.14 11.71
HO6 NAG R . 2.58 -4.79 8.53
C1 BMA R . 3.12 -0.47 8.91
C2 BMA R . 3.00 0.26 7.58
C3 BMA R . 4.34 0.26 6.85
C4 BMA R . 5.50 0.62 7.76
C5 BMA R . 5.42 -0.07 9.12
C6 BMA R . 6.49 0.49 10.07
O2 BMA R . 2.58 1.61 7.81
O3 BMA R . 4.30 1.22 5.79
O4 BMA R . 6.73 0.22 7.14
O5 BMA R . 4.13 0.13 9.71
O6 BMA R . 6.19 1.86 10.39
H2 BMA R . 2.27 -0.27 6.96
H3 BMA R . 4.52 -0.74 6.43
H4 BMA R . 5.50 1.71 7.92
H5 BMA R . 5.61 -1.13 8.99
H61 BMA R . 7.46 0.42 9.60
H62 BMA R . 6.51 -0.11 11.00
HO2 BMA R . 1.73 1.59 8.28
HO4 BMA R . 6.80 0.65 6.27
HO6 BMA R . 5.38 1.90 10.92
C1 MAN R . 4.08 0.60 4.51
C2 MAN R . 5.33 0.91 3.61
C3 MAN R . 5.08 0.58 2.12
C4 MAN R . 3.61 0.19 1.88
C5 MAN R . 2.75 1.25 2.58
C6 MAN R . 1.27 1.29 2.17
O2 MAN R . 6.47 0.12 3.98
O3 MAN R . 5.99 -0.43 1.62
O4 MAN R . 3.31 0.15 0.47
O5 MAN R . 2.82 0.97 3.99
O6 MAN R . 0.53 0.46 3.07
H2 MAN R . 5.56 1.98 3.70
H3 MAN R . 5.28 1.48 1.53
H4 MAN R . 3.42 -0.79 2.34
H5 MAN R . 3.19 2.24 2.39
H61 MAN R . 1.18 0.94 1.14
H62 MAN R . 0.95 2.34 2.22
HO2 MAN R . 7.26 0.53 3.61
HO3 MAN R . 6.49 -0.73 2.40
HO4 MAN R . 2.57 -0.47 0.39
HO6 MAN R . -0.41 0.60 2.87
C1 NAG S . -3.32 29.66 30.55
C2 NAG S . -3.95 29.67 29.16
C3 NAG S . -2.86 29.63 28.08
C4 NAG S . -1.81 30.71 28.31
C5 NAG S . -1.32 30.71 29.76
C6 NAG S . -0.45 31.91 30.07
C7 NAG S . -6.20 28.65 29.12
C8 NAG S . -6.98 27.40 28.90
N2 NAG S . -4.86 28.54 28.99
O3 NAG S . -3.46 29.81 26.81
O4 NAG S . -0.69 30.46 27.48
O5 NAG S . -2.44 30.76 30.66
O6 NAG S . -1.15 33.13 29.90
O7 NAG S . -6.73 29.72 29.39
H1 NAG S . -2.82 28.83 30.66
H2 NAG S . -4.45 30.49 29.05
H3 NAG S . -2.42 28.76 28.10
H4 NAG S . -2.19 31.58 28.09
H5 NAG S . -0.82 29.90 29.92
H61 NAG S . -0.16 31.85 31.01
H62 NAG S . 0.34 31.89 29.50
H81 NAG S . -6.86 27.09 27.98
H82 NAG S . -6.68 26.70 29.51
H83 NAG S . -7.93 27.57 29.05
HN2 NAG S . -4.51 27.73 28.78
HO3 NAG S . -3.29 29.09 26.29
HO6 NAG S . -0.57 33.79 29.76
C1 NAG S . -0.74 31.24 26.28
C2 NAG S . 0.68 31.36 25.73
C3 NAG S . 0.69 32.18 24.44
C4 NAG S . -0.37 31.67 23.46
C5 NAG S . -1.72 31.49 24.15
C6 NAG S . -2.74 30.82 23.26
C7 NAG S . 2.33 31.22 27.54
C8 NAG S . 3.18 31.99 28.51
N2 NAG S . 1.57 31.95 26.72
O3 NAG S . 1.98 32.08 23.84
O4 NAG S . -0.50 32.62 22.40
O5 NAG S . -1.57 30.67 25.31
O6 NAG S . -2.40 29.45 23.06
O7 NAG S . 2.34 29.99 27.50
H2 NAG S . 1.00 30.46 25.52
H3 NAG S . 0.50 33.12 24.66
H4 NAG S . -0.07 30.82 23.09
H5 NAG S . -2.06 32.37 24.42
H61 NAG S . -2.78 31.27 22.40
H62 NAG S . -3.62 30.87 23.69
H81 NAG S . 3.66 31.37 29.08
H82 NAG S . 2.60 32.56 29.05
H83 NAG S . 3.82 32.55 28.01
HN2 NAG S . 1.59 32.86 26.79
HO3 NAG S . 1.88 31.99 22.96
HO6 NAG S . -3.00 29.08 22.52
C1 BMA S . -0.34 31.95 21.13
C2 BMA S . -0.89 32.81 20.00
C3 BMA S . -0.76 32.13 18.63
C4 BMA S . 0.57 31.39 18.45
C5 BMA S . 1.07 30.68 19.71
C6 BMA S . 2.51 30.19 19.51
O2 BMA S . -0.20 34.08 19.95
O3 BMA S . -0.87 33.13 17.62
O4 BMA S . 0.40 30.39 17.42
O5 BMA S . 1.00 31.53 20.86
O6 BMA S . 3.39 31.31 19.33
H2 BMA S . -1.96 32.99 20.19
H3 BMA S . -1.58 31.41 18.53
H4 BMA S . 1.33 32.11 18.13
H5 BMA S . 0.44 29.80 19.88
H61 BMA S . 2.55 29.54 18.64
H62 BMA S . 2.82 29.62 20.39
HO2 BMA S . -0.27 34.50 20.81
HO4 BMA S . 0.08 30.80 16.62
HO6 BMA S . 3.42 31.83 20.14
C1 MAN S . -2.19 33.17 17.05
C2 MAN S . -2.12 32.59 15.60
C3 MAN S . -3.42 32.82 14.81
C4 MAN S . -4.44 33.60 15.64
C5 MAN S . -3.75 34.86 16.18
C6 MAN S . -4.70 35.84 16.86
O2 MAN S . -1.95 31.17 15.61
O3 MAN S . -3.97 31.57 14.34
O4 MAN S . -5.56 33.97 14.83
O5 MAN S . -2.78 34.46 17.18
O6 MAN S . -5.13 35.27 18.10
H2 MAN S . -1.29 33.07 15.07
H3 MAN S . -3.19 33.40 13.92
H4 MAN S . -4.76 32.99 16.50
H5 MAN S . -3.26 35.38 15.36
H61 MAN S . -5.56 36.02 16.18
H62 MAN S . -4.18 36.79 17.00
HO2 MAN S . -1.40 30.92 14.87
HO3 MAN S . -3.35 30.89 14.65
HO4 MAN S . -6.31 34.03 15.44
HO6 MAN S . -5.39 35.99 18.68
C1 NAG T . 56.39 -3.60 -15.01
C2 NAG T . 56.00 -2.89 -13.72
C3 NAG T . 56.21 -1.38 -13.90
C4 NAG T . 57.66 -1.15 -14.32
C5 NAG T . 57.96 -1.95 -15.59
C6 NAG T . 59.44 -1.82 -15.91
C7 NAG T . 53.59 -2.87 -14.25
C8 NAG T . 52.21 -3.19 -13.75
N2 NAG T . 54.59 -3.14 -13.41
O3 NAG T . 56.03 -0.77 -12.65
O4 NAG T . 57.81 0.20 -14.63
O5 NAG T . 57.76 -3.33 -15.26
O6 NAG T . 59.57 -2.27 -17.27
O7 NAG T . 53.72 -2.38 -15.38
H1 NAG T . 55.80 -3.21 -15.84
H2 NAG T . 56.59 -3.44 -12.95
H3 NAG T . 55.39 -1.04 -14.54
H4 NAG T . 58.26 -1.33 -13.40
H5 NAG T . 57.46 -1.36 -16.38
H61 NAG T . 59.97 -2.19 -15.02
H62 NAG T . 59.66 -0.76 -15.94
H81 NAG T . 52.37 -4.32 -13.45
H82 NAG T . 52.16 -2.75 -12.75
H83 NAG T . 51.59 -2.40 -14.35
HN2 NAG T . 54.34 -3.54 -12.51
HO3 NAG T . 56.16 0.19 -12.74
HO4 NAG T . 57.02 0.51 -15.12
HO6 NAG T . 60.50 -2.17 -17.56
C1 NAG U . 34.53 -13.88 -37.16
C2 NAG U . 33.95 -12.58 -36.58
C3 NAG U . 32.42 -12.67 -36.55
C4 NAG U . 31.86 -13.09 -37.90
C5 NAG U . 32.55 -14.35 -38.41
C6 NAG U . 32.11 -14.73 -39.80
C7 NAG U . 34.31 -11.16 -34.61
C8 NAG U . 34.94 -11.06 -33.25
N2 NAG U . 34.48 -12.32 -35.25
O3 NAG U . 31.88 -11.40 -36.18
O4 NAG U . 30.46 -13.32 -37.80
O5 NAG U . 33.97 -14.14 -38.46
O6 NAG U . 32.26 -16.14 -40.02
O7 NAG U . 33.68 -10.23 -35.09
H1 NAG U . 34.32 -14.62 -36.56
H2 NAG U . 34.19 -11.85 -37.17
H3 NAG U . 32.15 -13.33 -35.88
H4 NAG U . 32.00 -12.37 -38.54
H5 NAG U . 32.35 -15.09 -37.80
H61 NAG U . 31.18 -14.49 -39.93
H62 NAG U . 32.66 -14.26 -40.46
H81 NAG U . 35.91 -11.23 -33.32
H82 NAG U . 34.79 -10.17 -32.88
H83 NAG U . 34.55 -11.73 -32.66
HN2 NAG U . 34.97 -12.97 -34.84
HO3 NAG U . 31.13 -11.51 -35.73
HO4 NAG U . 30.01 -12.65 -38.17
HO6 NAG U . 31.46 -16.50 -40.14
C1 NAG V . 12.18 -2.25 -32.12
C2 NAG V . 13.68 -1.93 -32.05
C3 NAG V . 14.18 -1.74 -33.48
C4 NAG V . 13.88 -3.04 -34.25
C5 NAG V . 12.38 -3.29 -34.23
C6 NAG V . 12.09 -4.63 -34.90
C7 NAG V . 13.52 -0.60 -30.02
C8 NAG V . 13.77 0.71 -29.36
N2 NAG V . 13.85 -0.69 -31.30
O3 NAG V . 15.57 -1.57 -33.44
O4 NAG V . 14.26 -2.85 -35.59
O5 NAG V . 12.01 -3.44 -32.86
O6 NAG V . 12.54 -4.48 -36.25
O7 NAG V . 13.05 -1.54 -29.39
H1 NAG V . 11.56 -1.53 -32.41
H2 NAG V . 14.10 -2.71 -31.41
H3 NAG V . 13.74 -0.79 -33.83
H4 NAG V . 14.59 -3.78 -33.84
H5 NAG V . 11.98 -2.55 -34.96
H61 NAG V . 11.09 -4.93 -34.53
H62 NAG V . 12.76 -5.35 -34.44
H81 NAG V . 12.83 0.75 -28.64
H82 NAG V . 13.45 1.47 -30.10
H83 NAG V . 14.93 0.79 -29.48
HN2 NAG V . 14.25 0.11 -31.78
HO3 NAG V . 15.91 -1.86 -32.58
HO6 NAG V . 11.90 -4.93 -36.85
C1 NAG W . -14.27 32.65 -14.29
C2 NAG W . -12.86 32.09 -14.55
C3 NAG W . -12.45 32.37 -16.00
C4 NAG W . -13.40 31.69 -16.96
C5 NAG W . -14.86 31.93 -16.56
C6 NAG W . -15.52 30.70 -15.97
C7 NAG W . -11.65 32.16 -12.42
C8 NAG W . -10.61 32.89 -11.61
N2 NAG W . -11.90 32.67 -13.64
O3 NAG W . -11.12 31.91 -16.22
O4 NAG W . -13.20 32.19 -18.29
O5 NAG W . -14.92 32.96 -15.56
O6 NAG W . -15.90 29.79 -17.00
O7 NAG W . -12.22 31.17 -12.00
H1 NAG W . -14.19 33.47 -13.76
H2 NAG W . -12.88 31.13 -14.42
H3 NAG W . -12.48 33.34 -16.16
H4 NAG W . -13.23 30.73 -16.96
H5 NAG W . -15.35 32.22 -17.34
H61 NAG W . -14.90 30.26 -15.36
H62 NAG W . -16.33 30.97 -15.49
H81 NAG W . -10.88 33.82 -11.49
H82 NAG W . -10.54 32.47 -10.73
H83 NAG W . -9.75 32.86 -12.06
HN2 NAG W . -11.44 33.41 -13.89
HO3 NAG W . -10.71 32.45 -16.79
HO4 NAG W . -12.78 31.58 -18.77
HO6 NAG W . -16.26 29.06 -16.63
C1 NAG X . -21.49 60.69 0.48
C2 NAG X . -20.05 60.89 -0.06
C3 NAG X . -19.21 61.75 0.90
C4 NAG X . -19.96 63.03 1.27
C5 NAG X . -21.34 62.68 1.80
C6 NAG X . -22.17 63.90 2.13
C7 NAG X . -18.34 59.42 -1.07
C8 NAG X . -17.79 58.03 -1.14
N2 NAG X . -19.41 59.59 -0.27
O3 NAG X . -17.98 62.09 0.27
O4 NAG X . -19.22 63.73 2.26
O5 NAG X . -22.06 61.97 0.79
O6 NAG X . -23.28 63.57 2.96
O7 NAG X . -17.84 60.35 -1.69
H1 NAG X . -21.46 60.14 1.28
H2 NAG X . -20.11 61.34 -0.92
H3 NAG X . -19.03 61.24 1.70
H4 NAG X . -20.04 63.59 0.48
H5 NAG X . -21.26 62.12 2.59
H61 NAG X . -21.61 64.55 2.60
H62 NAG X . -22.51 64.30 1.30
H81 NAG X . -18.49 57.42 -1.43
H82 NAG X . -17.05 58.00 -1.77
H83 NAG X . -17.47 57.75 -0.26
HN2 NAG X . -19.73 58.87 0.19
HO3 NAG X . -17.39 62.34 0.89
HO4 NAG X . -18.74 64.38 1.88
HO6 NAG X . -23.28 64.08 3.67
C1 NAG Y . 11.08 -32.61 12.41
C2 NAG Y . 10.99 -31.21 13.01
C3 NAG Y . 10.29 -31.26 14.37
C4 NAG Y . 8.95 -31.97 14.26
C5 NAG Y . 9.12 -33.34 13.62
C6 NAG Y . 7.80 -34.04 13.37
C7 NAG Y . 12.80 -29.72 12.24
C8 NAG Y . 14.18 -29.21 12.52
N2 NAG Y . 12.30 -30.60 13.13
O3 NAG Y . 10.11 -29.94 14.87
O4 NAG Y . 8.37 -32.11 15.55
O5 NAG Y . 9.76 -33.21 12.34
O6 NAG Y . 8.00 -35.36 12.89
O7 NAG Y . 12.16 -29.35 11.26
H1 NAG Y . 11.65 -33.18 12.98
H2 NAG Y . 10.45 -30.66 12.41
H3 NAG Y . 10.85 -31.76 14.99
H4 NAG Y . 8.35 -31.43 13.70
H5 NAG Y . 9.67 -33.89 14.20
H61 NAG Y . 7.30 -33.54 12.70
H62 NAG Y . 7.30 -34.07 14.20
H81 NAG Y . 14.45 -28.61 11.81
H82 NAG Y . 14.19 -28.72 13.37
H83 NAG Y . 14.80 -29.97 12.57
HN2 NAG Y . 12.84 -30.85 13.83
HO3 NAG Y . 10.37 -29.90 15.72
HO4 NAG Y . 7.85 -31.41 15.72
HO6 NAG Y . 7.22 -35.79 12.84
C1 NAG Z . 36.63 -52.65 6.95
C2 NAG Z . 37.12 -51.67 8.02
C3 NAG Z . 38.65 -51.58 8.00
C4 NAG Z . 39.27 -52.97 7.95
C5 NAG Z . 38.75 -53.75 6.74
C6 NAG Z . 38.19 -55.10 7.10
C7 NAG Z . 36.11 -49.55 8.80
C8 NAG Z . 35.52 -48.24 8.38
N2 NAG Z . 36.53 -50.34 7.81
O3 NAG Z . 39.09 -50.89 9.15
O4 NAG Z . 40.69 -52.87 7.86
O5 NAG Z . 37.71 -53.01 6.09
O6 NAG Z . 39.21 -56.10 7.11
O7 NAG Z . 36.20 -49.87 9.98
H1 NAG Z . 35.92 -52.22 6.43
H2 NAG Z . 36.85 -52.00 8.89
H3 NAG Z . 38.93 -51.08 7.20
H4 NAG Z . 39.04 -53.46 8.76
H5 NAG Z . 39.49 -53.88 6.11
H61 NAG Z . 37.51 -55.35 6.44
H62 NAG Z . 37.77 -55.06 7.98
H81 NAG Z . 36.21 -47.71 7.93
H82 NAG Z . 35.21 -47.75 9.17
H83 NAG Z . 34.78 -48.40 7.77
HN2 NAG Z . 36.44 -50.06 6.95
HO3 NAG Z . 39.87 -50.49 8.97
HO4 NAG Z . 41.06 -53.27 8.55
HO6 NAG Z . 38.82 -56.91 7.10
C1 NAG AA . -14.77 1.14 29.09
C2 NAG AA . -13.72 2.24 29.32
C3 NAG AA . -13.72 2.64 30.80
C4 NAG AA . -15.11 3.06 31.24
C5 NAG AA . -16.12 1.95 30.92
C6 NAG AA . -17.55 2.36 31.20
C7 NAG AA . -11.64 2.48 28.02
C8 NAG AA . -10.31 1.89 27.70
N2 NAG AA . -12.40 1.80 28.90
O3 NAG AA . -12.80 3.73 30.98
O4 NAG AA . -15.11 3.32 32.63
O5 NAG AA . -16.06 1.61 29.53
O6 NAG AA . -18.06 3.21 30.18
O7 NAG AA . -12.02 3.53 27.51
H1 NAG AA . -14.52 0.35 29.61
H2 NAG AA . -13.98 3.02 28.80
H3 NAG AA . -13.42 1.89 31.34
H4 NAG AA . -15.37 3.87 30.77
H5 NAG AA . -15.91 1.17 31.45
H61 NAG AA . -18.11 1.56 31.26
H62 NAG AA . -17.59 2.85 32.05
H81 NAG AA . -9.86 2.43 27.03
H82 NAG AA . -10.43 0.98 27.36
H83 NAG AA . -9.76 1.85 28.51
HN2 NAG AA . -12.07 1.03 29.24
HO3 NAG AA . -12.05 3.42 31.33
HO4 NAG AA . -14.89 4.16 32.78
HO6 NAG AA . -18.95 3.18 30.19
C1 NAG BA . -13.51 -27.14 12.97
C2 NAG BA . -12.19 -27.00 13.71
C3 NAG BA . -11.06 -27.65 12.89
C4 NAG BA . -11.45 -29.07 12.49
C5 NAG BA . -12.83 -29.11 11.85
C6 NAG BA . -13.32 -30.52 11.57
C7 NAG BA . -11.04 -25.24 14.98
C8 NAG BA . -10.86 -23.76 15.15
N2 NAG BA . -11.89 -25.61 14.00
O3 NAG BA . -9.88 -27.69 13.68
O4 NAG BA . -10.50 -29.60 11.56
O5 NAG BA . -13.79 -28.50 12.72
O6 NAG BA . -14.43 -30.50 10.69
O7 NAG BA . -10.46 -26.05 15.68
H1 NAG BA . -13.46 -26.66 12.12
H2 NAG BA . -12.26 -27.49 14.56
H3 NAG BA . -10.90 -27.12 12.10
H4 NAG BA . -11.45 -29.64 13.28
H5 NAG BA . -12.81 -28.61 11.01
H61 NAG BA . -12.60 -31.03 11.16
H62 NAG BA . -13.58 -30.94 12.40
H81 NAG BA . -11.72 -23.34 15.31
H82 NAG BA . -10.26 -23.60 15.91
H83 NAG BA . -10.45 -23.38 14.34
HN2 NAG BA . -12.29 -24.96 13.51
HO3 NAG BA . -9.19 -27.92 13.17
HO4 NAG BA . -10.06 -30.28 11.93
HO6 NAG BA . -14.18 -30.76 9.88
C1 NAG CA . 5.71 41.16 46.80
C2 NAG CA . 6.92 41.44 45.89
C3 NAG CA . 8.23 41.25 46.66
C4 NAG CA . 8.22 42.09 47.93
C5 NAG CA . 7.00 41.71 48.77
C6 NAG CA . 6.90 42.52 50.05
C7 NAG CA . 7.00 39.26 44.72
C8 NAG CA . 6.95 38.58 43.38
N2 NAG CA . 6.89 40.59 44.70
O3 NAG CA . 9.32 41.64 45.84
O4 NAG CA . 9.41 41.86 48.68
O5 NAG CA . 5.81 41.95 48.02
O6 NAG CA . 5.73 42.19 50.78
O7 NAG CA . 7.12 38.62 45.76
H1 NAG CA . 5.69 40.21 47.03
H2 NAG CA . 6.87 42.37 45.61
H3 NAG CA . 8.33 40.31 46.90
H4 NAG CA . 8.16 43.03 47.69
H5 NAG CA . 7.05 40.76 49.01
H61 NAG CA . 6.86 43.47 49.81
H62 NAG CA . 7.68 42.35 50.61
H81 NAG CA . 6.08 38.75 42.96
H82 NAG CA . 7.07 37.62 43.49
H83 NAG CA . 7.66 38.93 42.81
HN2 NAG CA . 6.80 41.01 43.89
HO3 NAG CA . 10.07 41.23 46.12
HO4 NAG CA . 9.72 41.06 48.51
HO6 NAG CA . 5.86 42.36 51.64
C1 NAG DA . -20.83 20.35 43.55
C2 NAG DA . -19.49 19.69 43.25
C3 NAG DA . -19.67 18.64 42.15
C4 NAG DA . -20.75 17.63 42.55
C5 NAG DA . -22.04 18.37 42.93
C6 NAG DA . -23.09 17.43 43.49
C7 NAG DA . -17.20 20.59 43.24
C8 NAG DA . -16.31 21.70 42.78
N2 NAG DA . -18.48 20.68 42.87
O3 NAG DA . -18.43 17.97 41.94
O4 NAG DA . -21.00 16.74 41.47
O5 NAG DA . -21.78 19.35 43.95
O6 NAG DA . -24.32 18.12 43.73
O7 NAG DA . -16.78 19.65 43.91
H1 NAG DA . -21.15 20.80 42.75
H2 NAG DA . -19.18 19.23 44.06
H3 NAG DA . -19.93 19.08 41.32
H4 NAG DA . -20.43 17.12 43.32
H5 NAG DA . -22.40 18.81 42.14
H61 NAG DA . -22.77 17.06 44.33
H62 NAG DA . -23.25 16.72 42.86
H81 NAG DA . -16.27 21.70 41.79
H82 NAG DA . -15.40 21.56 43.12
H83 NAG DA . -16.66 22.55 43.08
HN2 NAG DA . -18.75 21.39 42.37
HO3 NAG DA . -18.31 17.83 41.07
HO4 NAG DA . -20.70 15.93 41.68
HO6 NAG DA . -24.76 17.71 44.38
#